data_9O7S
#
_entry.id   9O7S
#
_cell.length_a   1.00
_cell.length_b   1.00
_cell.length_c   1.00
_cell.angle_alpha   90.00
_cell.angle_beta   90.00
_cell.angle_gamma   90.00
#
_symmetry.space_group_name_H-M   'P 1'
#
loop_
_entity.id
_entity.type
_entity.pdbx_description
1 polymer 'Small conductance calcium-activated potassium channel protein 2'
2 polymer Calmodulin-1
3 non-polymer 'POTASSIUM ION'
4 non-polymer (3E)-6,7-dichloro-3-(hydroxyimino)-1,3-dihydro-2H-indol-2-one
5 non-polymer 'CALCIUM ION'
6 water water
#
loop_
_entity_poly.entity_id
_entity_poly.type
_entity_poly.pdbx_seq_one_letter_code
_entity_poly.pdbx_strand_id
1 'polypeptide(L)'
;IGYKLGHRRALFEKRKRLSDYALIFGMFGIVVMVIETELSWGAYDKASLYSLALKCLISLSTIILLGLIIVYHAREIQLF
MVDNGADDWRIAMTYERIFFICLEILVCAIHPIPGNYTFTWTARLAFSYAPSTTTADVDIILSIPMFLRLYLIARVMLLH
SKLFTDASSRSIGALNKINFNTRFVMKTLMTICPGTVLLVFSISLWIIAAWTVRACERYHDQQDVTSNFLGAMWLISITF
LSIGYGDMVPNTYCGKGVCLLTGIMGAGCTALVVAVVARKLELTKAEKHVHNFMMDTQLTKRVKNAAANVLRETWLIYKN
TKLVKKIDHAKVRKHQRKFLQAIHQLRSVKMEQRKLNDQAN
;
A,B,C,D
2 'polypeptide(L)'
;QLTEEQIAEFKEAFSLFDKDGDGTITTKELGTVMRSLGQNPTEAELQDMINEVDADGNGTIDFPEFLTMMARKMKDTDSE
EEIREAFRVFDKDGNGYISAAELRHVMTNLGEKLTDEEVDEMIREADIDGDGQVNYEEFVQMMTA
;
E,F,G,H
#
# COMPACT_ATOMS: atom_id res chain seq x y z
N ILE A 1 -16.45 37.79 30.29
CA ILE A 1 -17.62 38.66 30.49
C ILE A 1 -18.66 38.32 29.44
N GLY A 2 -19.90 38.79 29.65
CA GLY A 2 -20.96 38.55 28.70
C GLY A 2 -20.84 39.37 27.43
N TYR A 3 -20.19 40.53 27.48
CA TYR A 3 -20.03 41.35 26.28
C TYR A 3 -19.17 40.64 25.25
N LYS A 4 -17.92 40.36 25.60
CA LYS A 4 -17.10 39.51 24.75
C LYS A 4 -17.65 38.09 24.78
N LEU A 5 -17.20 37.29 23.81
CA LEU A 5 -17.67 35.92 23.63
C LEU A 5 -19.11 35.91 23.15
N GLY A 6 -19.75 37.08 23.11
CA GLY A 6 -21.02 37.24 22.45
C GLY A 6 -20.88 38.22 21.31
N HIS A 7 -20.02 39.22 21.49
CA HIS A 7 -19.62 40.07 20.38
C HIS A 7 -18.90 39.27 19.31
N ARG A 8 -18.02 38.38 19.74
CA ARG A 8 -17.33 37.50 18.80
C ARG A 8 -18.31 36.60 18.06
N ARG A 9 -19.34 36.09 18.77
CA ARG A 9 -20.33 35.26 18.11
C ARG A 9 -21.15 36.06 17.10
N ALA A 10 -21.50 37.31 17.45
CA ALA A 10 -22.22 38.15 16.50
C ALA A 10 -21.38 38.43 15.25
N LEU A 11 -20.08 38.69 15.44
CA LEU A 11 -19.19 38.87 14.29
C LEU A 11 -19.11 37.61 13.45
N PHE A 12 -19.06 36.45 14.11
CA PHE A 12 -19.08 35.18 13.39
C PHE A 12 -20.33 35.04 12.55
N GLU A 13 -21.49 35.37 13.11
CA GLU A 13 -22.73 35.26 12.37
C GLU A 13 -22.77 36.20 11.18
N LYS A 14 -22.32 37.44 11.37
CA LYS A 14 -22.28 38.39 10.26
C LYS A 14 -21.37 37.89 9.15
N ARG A 15 -20.20 37.38 9.51
CA ARG A 15 -19.25 36.88 8.53
C ARG A 15 -19.81 35.68 7.78
N LYS A 16 -20.50 34.80 8.50
CA LYS A 16 -21.13 33.64 7.87
C LYS A 16 -22.21 34.04 6.89
N ARG A 17 -23.04 35.03 7.26
CA ARG A 17 -24.07 35.50 6.35
C ARG A 17 -23.46 36.13 5.11
N LEU A 18 -22.38 36.89 5.28
CA LEU A 18 -21.72 37.48 4.12
C LEU A 18 -21.17 36.41 3.18
N SER A 19 -20.61 35.34 3.75
CA SER A 19 -20.15 34.23 2.92
C SER A 19 -21.31 33.60 2.15
N ASP A 20 -22.45 33.41 2.82
CA ASP A 20 -23.60 32.81 2.15
C ASP A 20 -24.06 33.68 0.98
N TYR A 21 -24.15 34.99 1.19
CA TYR A 21 -24.58 35.88 0.11
C TYR A 21 -23.59 35.90 -1.04
N ALA A 22 -22.29 35.90 -0.72
CA ALA A 22 -21.28 35.87 -1.77
C ALA A 22 -21.38 34.59 -2.60
N LEU A 23 -21.59 33.45 -1.94
CA LEU A 23 -21.76 32.21 -2.70
C LEU A 23 -23.01 32.26 -3.56
N ILE A 24 -24.10 32.81 -3.04
CA ILE A 24 -25.34 32.89 -3.80
C ILE A 24 -25.13 33.71 -5.07
N PHE A 25 -24.48 34.87 -4.93
CA PHE A 25 -24.31 35.75 -6.10
C PHE A 25 -23.28 35.19 -7.08
N GLY A 26 -22.22 34.56 -6.59
CA GLY A 26 -21.27 33.92 -7.50
C GLY A 26 -21.91 32.80 -8.29
N MET A 27 -22.69 31.94 -7.63
CA MET A 27 -23.36 30.85 -8.33
C MET A 27 -24.41 31.38 -9.30
N PHE A 28 -25.09 32.47 -8.94
CA PHE A 28 -26.03 33.08 -9.86
C PHE A 28 -25.33 33.55 -11.11
N GLY A 29 -24.16 34.19 -10.95
CA GLY A 29 -23.40 34.62 -12.11
C GLY A 29 -22.95 33.47 -12.99
N ILE A 30 -22.46 32.40 -12.37
CA ILE A 30 -22.04 31.23 -13.15
C ILE A 30 -23.22 30.63 -13.91
N VAL A 31 -24.37 30.52 -13.26
CA VAL A 31 -25.53 29.91 -13.91
C VAL A 31 -26.01 30.76 -15.08
N VAL A 32 -26.06 32.09 -14.91
CA VAL A 32 -26.48 32.94 -16.01
C VAL A 32 -25.45 32.90 -17.14
N MET A 33 -24.15 32.78 -16.80
CA MET A 33 -23.15 32.62 -17.85
C MET A 33 -23.36 31.34 -18.64
N VAL A 34 -23.67 30.24 -17.96
CA VAL A 34 -23.90 28.98 -18.67
C VAL A 34 -25.12 29.09 -19.57
N ILE A 35 -26.19 29.72 -19.07
CA ILE A 35 -27.39 29.88 -19.88
C ILE A 35 -27.11 30.74 -21.11
N GLU A 36 -26.39 31.84 -20.93
CA GLU A 36 -26.13 32.75 -22.05
C GLU A 36 -25.19 32.11 -23.07
N THR A 37 -24.19 31.37 -22.60
CA THR A 37 -23.31 30.64 -23.51
C THR A 37 -24.08 29.62 -24.33
N GLU A 38 -24.99 28.88 -23.69
CA GLU A 38 -25.78 27.91 -24.43
C GLU A 38 -26.72 28.58 -25.42
N LEU A 39 -27.34 29.70 -25.04
CA LEU A 39 -28.39 30.28 -25.87
C LEU A 39 -27.84 31.16 -26.99
N SER A 40 -26.68 31.76 -26.81
CA SER A 40 -26.14 32.62 -27.88
C SER A 40 -25.61 31.82 -29.06
N TRP A 41 -25.25 30.55 -28.85
CA TRP A 41 -24.88 29.70 -29.99
C TRP A 41 -26.08 29.39 -30.86
N GLY A 42 -27.26 29.32 -30.26
CA GLY A 42 -28.49 28.97 -30.95
C GLY A 42 -29.46 30.11 -31.06
N ALA A 43 -30.40 30.16 -30.11
CA ALA A 43 -31.57 31.03 -30.15
C ALA A 43 -31.28 32.45 -30.63
N TYR A 44 -30.42 33.18 -29.93
CA TYR A 44 -30.18 34.57 -30.28
C TYR A 44 -28.69 34.80 -30.58
N ASP A 45 -28.44 35.87 -31.33
CA ASP A 45 -27.08 36.24 -31.69
C ASP A 45 -26.44 37.02 -30.56
N LYS A 46 -25.17 37.37 -30.74
CA LYS A 46 -24.47 38.18 -29.75
C LYS A 46 -24.82 39.65 -29.84
N ALA A 47 -25.38 40.10 -30.96
CA ALA A 47 -25.84 41.47 -31.11
C ALA A 47 -27.30 41.64 -30.70
N SER A 48 -27.93 40.59 -30.19
CA SER A 48 -29.31 40.65 -29.76
C SER A 48 -29.42 41.45 -28.47
N LEU A 49 -30.65 41.65 -28.03
CA LEU A 49 -30.88 42.31 -26.74
C LEU A 49 -31.05 41.33 -25.60
N TYR A 50 -31.39 40.07 -25.87
CA TYR A 50 -31.35 39.07 -24.81
C TYR A 50 -29.93 38.88 -24.31
N SER A 51 -28.96 38.88 -25.23
CA SER A 51 -27.56 38.78 -24.83
C SER A 51 -27.16 39.96 -23.96
N LEU A 52 -27.55 41.16 -24.36
CA LEU A 52 -27.24 42.34 -23.55
C LEU A 52 -27.88 42.27 -22.19
N ALA A 53 -29.15 41.85 -22.13
CA ALA A 53 -29.83 41.77 -20.84
C ALA A 53 -29.14 40.79 -19.91
N LEU A 54 -28.82 39.60 -20.42
CA LEU A 54 -28.20 38.58 -19.57
C LEU A 54 -26.79 38.99 -19.15
N LYS A 55 -26.03 39.64 -20.03
CA LYS A 55 -24.69 40.05 -19.64
C LYS A 55 -24.70 41.25 -18.69
N CYS A 56 -25.66 42.17 -18.83
CA CYS A 56 -25.80 43.24 -17.85
C CYS A 56 -26.19 42.66 -16.49
N LEU A 57 -27.06 41.66 -16.49
CA LEU A 57 -27.41 40.98 -15.24
C LEU A 57 -26.18 40.32 -14.62
N ILE A 58 -25.33 39.70 -15.45
CA ILE A 58 -24.09 39.13 -14.97
C ILE A 58 -23.20 40.19 -14.33
N SER A 59 -23.07 41.34 -14.98
CA SER A 59 -22.21 42.40 -14.46
C SER A 59 -22.74 42.96 -13.15
N LEU A 60 -24.06 43.12 -13.02
CA LEU A 60 -24.63 43.56 -11.75
C LEU A 60 -24.38 42.55 -10.64
N SER A 61 -24.55 41.26 -10.94
CA SER A 61 -24.22 40.24 -9.95
C SER A 61 -22.76 40.32 -9.56
N THR A 62 -21.88 40.58 -10.51
CA THR A 62 -20.45 40.68 -10.21
C THR A 62 -20.13 41.86 -9.32
N ILE A 63 -20.79 43.00 -9.55
CA ILE A 63 -20.58 44.16 -8.70
C ILE A 63 -21.03 43.87 -7.27
N ILE A 64 -22.22 43.27 -7.13
CA ILE A 64 -22.69 42.93 -5.79
C ILE A 64 -21.76 41.92 -5.12
N LEU A 65 -21.24 40.96 -5.91
CA LEU A 65 -20.32 39.98 -5.37
C LEU A 65 -19.03 40.61 -4.89
N LEU A 66 -18.49 41.56 -5.65
CA LEU A 66 -17.27 42.25 -5.21
C LEU A 66 -17.52 43.05 -3.94
N GLY A 67 -18.67 43.73 -3.86
CA GLY A 67 -19.01 44.42 -2.63
C GLY A 67 -19.10 43.48 -1.44
N LEU A 68 -19.72 42.32 -1.65
CA LEU A 68 -19.84 41.35 -0.57
C LEU A 68 -18.49 40.80 -0.15
N ILE A 69 -17.58 40.58 -1.10
CA ILE A 69 -16.23 40.13 -0.77
C ILE A 69 -15.51 41.19 0.07
N ILE A 70 -15.61 42.45 -0.33
CA ILE A 70 -14.93 43.51 0.41
C ILE A 70 -15.48 43.64 1.82
N VAL A 71 -16.81 43.59 1.97
CA VAL A 71 -17.39 43.70 3.31
C VAL A 71 -17.03 42.48 4.15
N TYR A 72 -16.95 41.30 3.53
CA TYR A 72 -16.51 40.12 4.26
C TYR A 72 -15.10 40.30 4.80
N HIS A 73 -14.21 40.85 3.98
CA HIS A 73 -12.83 41.03 4.45
C HIS A 73 -12.75 42.13 5.50
N ALA A 74 -13.63 43.13 5.43
CA ALA A 74 -13.69 44.12 6.50
C ALA A 74 -14.11 43.47 7.81
N ARG A 75 -15.09 42.57 7.76
CA ARG A 75 -15.49 41.85 8.97
C ARG A 75 -14.39 40.93 9.47
N GLU A 76 -13.63 40.32 8.55
CA GLU A 76 -12.46 39.53 8.95
C GLU A 76 -11.45 40.37 9.69
N ILE A 77 -11.14 41.55 9.17
CA ILE A 77 -10.16 42.41 9.83
C ILE A 77 -10.69 42.87 11.19
N GLN A 78 -11.98 43.15 11.27
CA GLN A 78 -12.57 43.55 12.55
C GLN A 78 -12.49 42.44 13.58
N LEU A 79 -12.77 41.21 13.16
CA LEU A 79 -12.65 40.07 14.07
C LEU A 79 -11.19 39.84 14.47
N PHE A 80 -10.25 40.06 13.54
CA PHE A 80 -8.84 39.97 13.87
C PHE A 80 -8.45 40.99 14.93
N MET A 81 -8.94 42.22 14.78
CA MET A 81 -8.69 43.25 15.79
C MET A 81 -9.26 42.84 17.14
N VAL A 82 -10.46 42.26 17.14
CA VAL A 82 -11.06 41.82 18.38
C VAL A 82 -10.22 40.73 19.04
N ASP A 83 -9.75 39.76 18.25
CA ASP A 83 -9.02 38.63 18.80
C ASP A 83 -7.65 39.05 19.29
N ASN A 84 -6.80 39.55 18.39
CA ASN A 84 -5.42 39.84 18.77
C ASN A 84 -5.29 41.21 19.41
N GLY A 85 -6.21 41.54 20.30
CA GLY A 85 -6.16 42.74 21.13
C GLY A 85 -5.61 43.98 20.47
N ALA A 86 -5.99 44.24 19.23
CA ALA A 86 -5.46 45.35 18.46
C ALA A 86 -6.48 46.48 18.37
N ASP A 87 -5.98 47.70 18.30
CA ASP A 87 -6.84 48.86 18.13
C ASP A 87 -6.70 49.52 16.76
N ASP A 88 -5.65 49.21 16.01
CA ASP A 88 -5.42 49.76 14.69
C ASP A 88 -5.62 48.65 13.66
N TRP A 89 -6.43 48.92 12.64
CA TRP A 89 -6.67 47.91 11.62
C TRP A 89 -5.46 47.71 10.73
N ARG A 90 -4.51 48.64 10.72
CA ARG A 90 -3.35 48.52 9.85
C ARG A 90 -2.43 47.39 10.26
N ILE A 91 -2.59 46.86 11.48
CA ILE A 91 -1.80 45.71 11.90
C ILE A 91 -2.19 44.47 11.10
N ALA A 92 -3.41 44.43 10.58
CA ALA A 92 -3.89 43.24 9.89
C ALA A 92 -3.28 43.07 8.50
N MET A 93 -2.73 44.12 7.92
CA MET A 93 -2.24 44.08 6.55
C MET A 93 -0.79 43.62 6.53
N THR A 94 -0.52 42.45 5.94
CA THR A 94 0.80 41.85 6.00
C THR A 94 1.35 41.45 4.63
N TYR A 95 0.83 42.06 3.57
CA TYR A 95 1.18 41.78 2.17
C TYR A 95 0.67 40.42 1.74
N GLU A 96 0.35 39.56 2.70
CA GLU A 96 -0.26 38.28 2.40
C GLU A 96 -1.77 38.40 2.44
N ARG A 97 -2.29 39.06 3.47
CA ARG A 97 -3.68 39.45 3.46
C ARG A 97 -4.00 40.32 2.26
N ILE A 98 -3.14 41.29 1.95
CA ILE A 98 -3.36 42.13 0.79
C ILE A 98 -3.30 41.31 -0.50
N PHE A 99 -2.31 40.41 -0.62
CA PHE A 99 -2.21 39.63 -1.83
C PHE A 99 -3.43 38.75 -2.03
N PHE A 100 -3.93 38.13 -0.96
CA PHE A 100 -5.05 37.22 -1.12
C PHE A 100 -6.37 37.97 -1.34
N ILE A 101 -6.53 39.14 -0.74
CA ILE A 101 -7.69 39.96 -1.04
C ILE A 101 -7.68 40.38 -2.49
N CYS A 102 -6.52 40.78 -3.00
CA CYS A 102 -6.41 41.17 -4.40
C CYS A 102 -6.67 39.98 -5.31
N LEU A 103 -6.19 38.80 -4.93
CA LEU A 103 -6.46 37.60 -5.71
C LEU A 103 -7.95 37.29 -5.77
N GLU A 104 -8.64 37.40 -4.65
CA GLU A 104 -10.08 37.16 -4.63
C GLU A 104 -10.81 38.15 -5.52
N ILE A 105 -10.43 39.43 -5.44
CA ILE A 105 -11.10 40.43 -6.27
C ILE A 105 -10.82 40.19 -7.75
N LEU A 106 -9.58 39.83 -8.09
CA LEU A 106 -9.26 39.53 -9.48
C LEU A 106 -10.03 38.32 -9.99
N VAL A 107 -10.11 37.27 -9.19
CA VAL A 107 -10.81 36.06 -9.60
C VAL A 107 -12.31 36.33 -9.76
N CYS A 108 -12.90 37.05 -8.81
CA CYS A 108 -14.32 37.30 -8.84
C CYS A 108 -14.71 38.44 -9.77
N ALA A 109 -13.74 39.19 -10.30
CA ALA A 109 -14.04 40.29 -11.20
C ALA A 109 -14.11 39.88 -12.66
N ILE A 110 -13.63 38.70 -13.01
CA ILE A 110 -13.64 38.25 -14.40
C ILE A 110 -15.04 37.78 -14.76
N HIS A 111 -15.60 38.35 -15.82
CA HIS A 111 -16.92 38.00 -16.31
C HIS A 111 -17.06 38.55 -17.72
N PRO A 112 -17.96 38.00 -18.53
CA PRO A 112 -18.16 38.56 -19.87
C PRO A 112 -18.85 39.92 -19.85
N ILE A 113 -18.08 40.97 -20.11
CA ILE A 113 -18.59 42.35 -20.05
C ILE A 113 -19.56 42.56 -21.20
N PRO A 114 -20.57 43.41 -21.04
CA PRO A 114 -21.49 43.68 -22.15
C PRO A 114 -20.78 44.29 -23.34
N GLY A 115 -21.22 43.91 -24.53
CA GLY A 115 -20.59 44.35 -25.76
C GLY A 115 -20.53 43.24 -26.79
N ASN A 116 -19.98 43.54 -27.97
CA ASN A 116 -19.87 42.58 -29.06
C ASN A 116 -18.44 42.65 -29.58
N TYR A 117 -17.55 41.88 -28.96
CA TYR A 117 -16.13 41.86 -29.31
C TYR A 117 -15.77 40.48 -29.81
N THR A 118 -15.07 40.41 -30.94
CA THR A 118 -14.70 39.16 -31.56
C THR A 118 -13.20 39.13 -31.83
N PHE A 119 -12.66 37.94 -31.92
CA PHE A 119 -11.25 37.75 -32.24
C PHE A 119 -11.11 36.56 -33.17
N THR A 120 -9.94 36.45 -33.78
CA THR A 120 -9.66 35.39 -34.74
C THR A 120 -9.00 34.22 -34.03
N TRP A 121 -9.54 33.03 -34.25
CA TRP A 121 -9.09 31.82 -33.57
C TRP A 121 -8.68 30.80 -34.61
N THR A 122 -7.43 30.35 -34.54
CA THR A 122 -6.90 29.36 -35.47
C THR A 122 -6.45 28.13 -34.70
N ALA A 123 -6.92 26.96 -35.12
CA ALA A 123 -6.58 25.71 -34.49
C ALA A 123 -6.34 24.65 -35.55
N ARG A 124 -5.52 23.66 -35.19
CA ARG A 124 -5.20 22.55 -36.08
C ARG A 124 -6.08 21.36 -35.69
N LEU A 125 -6.82 20.83 -36.66
CA LEU A 125 -7.75 19.76 -36.39
C LEU A 125 -7.01 18.48 -36.00
N ALA A 126 -7.67 17.66 -35.19
CA ALA A 126 -7.07 16.42 -34.73
C ALA A 126 -7.18 15.35 -35.80
N PHE A 127 -6.12 14.54 -35.92
CA PHE A 127 -6.07 13.34 -36.76
C PHE A 127 -6.01 13.69 -38.23
N SER A 128 -6.27 14.93 -38.59
CA SER A 128 -6.18 15.37 -39.97
C SER A 128 -5.20 16.51 -40.16
N TYR A 129 -4.82 17.19 -39.09
CA TYR A 129 -3.80 18.23 -39.12
C TYR A 129 -4.15 19.33 -40.12
N ALA A 130 -5.42 19.61 -40.26
CA ALA A 130 -5.90 20.67 -41.12
C ALA A 130 -6.18 21.92 -40.31
N PRO A 131 -5.88 23.10 -40.83
CA PRO A 131 -6.17 24.32 -40.10
C PRO A 131 -7.67 24.62 -40.06
N SER A 132 -8.06 25.41 -39.06
CA SER A 132 -9.43 25.89 -38.92
C SER A 132 -9.40 27.30 -38.39
N THR A 133 -9.94 28.25 -39.14
CA THR A 133 -10.01 29.64 -38.71
C THR A 133 -11.47 30.02 -38.49
N THR A 134 -11.76 30.55 -37.31
CA THR A 134 -13.08 31.07 -37.00
C THR A 134 -12.93 32.43 -36.34
N THR A 135 -13.98 33.24 -36.44
CA THR A 135 -14.06 34.50 -35.71
C THR A 135 -14.89 34.25 -34.46
N ALA A 136 -14.21 34.12 -33.33
CA ALA A 136 -14.85 33.78 -32.06
C ALA A 136 -15.09 35.04 -31.25
N ASP A 137 -16.15 35.02 -30.45
CA ASP A 137 -16.41 36.11 -29.54
C ASP A 137 -15.45 36.06 -28.36
N VAL A 138 -15.09 37.24 -27.84
CA VAL A 138 -14.17 37.31 -26.72
C VAL A 138 -14.80 36.74 -25.46
N ASP A 139 -16.13 36.67 -25.41
CA ASP A 139 -16.81 36.31 -24.17
C ASP A 139 -16.46 34.91 -23.68
N ILE A 140 -15.94 34.04 -24.53
CA ILE A 140 -15.61 32.69 -24.07
C ILE A 140 -14.38 32.74 -23.15
N ILE A 141 -13.40 33.57 -23.49
CA ILE A 141 -12.19 33.73 -22.67
C ILE A 141 -12.54 34.32 -21.31
N LEU A 142 -13.63 35.07 -21.23
CA LEU A 142 -14.05 35.67 -19.98
C LEU A 142 -15.06 34.81 -19.23
N SER A 143 -15.73 33.91 -19.93
CA SER A 143 -16.69 33.01 -19.29
C SER A 143 -16.00 31.83 -18.63
N ILE A 144 -15.04 31.20 -19.29
CA ILE A 144 -14.47 29.97 -18.75
C ILE A 144 -13.82 30.17 -17.38
N PRO A 145 -12.99 31.21 -17.15
CA PRO A 145 -12.42 31.39 -15.81
C PRO A 145 -13.41 31.82 -14.74
N MET A 146 -14.71 31.89 -15.04
CA MET A 146 -15.69 32.16 -14.01
C MET A 146 -15.91 30.96 -13.09
N PHE A 147 -15.49 29.77 -13.51
CA PHE A 147 -15.58 28.60 -12.66
C PHE A 147 -14.60 28.64 -11.50
N LEU A 148 -13.67 29.59 -11.50
CA LEU A 148 -12.76 29.75 -10.37
C LEU A 148 -13.47 30.27 -9.12
N ARG A 149 -14.71 30.74 -9.27
CA ARG A 149 -15.49 31.24 -8.13
C ARG A 149 -15.91 30.14 -7.18
N LEU A 150 -15.64 28.88 -7.49
CA LEU A 150 -16.12 27.78 -6.68
C LEU A 150 -15.36 27.64 -5.36
N TYR A 151 -14.31 28.41 -5.14
CA TYR A 151 -13.65 28.41 -3.82
C TYR A 151 -14.57 28.95 -2.74
N LEU A 152 -15.58 29.72 -3.12
CA LEU A 152 -16.55 30.21 -2.14
C LEU A 152 -17.30 29.05 -1.50
N ILE A 153 -17.42 27.93 -2.23
CA ILE A 153 -18.00 26.72 -1.64
C ILE A 153 -17.14 26.23 -0.49
N ALA A 154 -15.82 26.23 -0.66
CA ALA A 154 -14.93 25.83 0.43
C ALA A 154 -15.05 26.79 1.60
N ARG A 155 -15.15 28.09 1.32
CA ARG A 155 -15.31 29.06 2.39
C ARG A 155 -16.58 28.79 3.19
N VAL A 156 -17.69 28.57 2.50
CA VAL A 156 -18.97 28.29 3.17
C VAL A 156 -18.88 26.98 3.93
N MET A 157 -18.21 25.98 3.37
CA MET A 157 -18.07 24.69 4.04
C MET A 157 -17.30 24.84 5.35
N LEU A 158 -16.22 25.62 5.34
CA LEU A 158 -15.51 25.87 6.59
C LEU A 158 -16.39 26.60 7.59
N LEU A 159 -17.11 27.63 7.13
CA LEU A 159 -17.84 28.47 8.08
C LEU A 159 -19.10 27.79 8.63
N HIS A 160 -19.64 26.81 7.93
CA HIS A 160 -20.79 26.07 8.42
C HIS A 160 -20.40 24.80 9.17
N SER A 161 -19.11 24.54 9.31
CA SER A 161 -18.67 23.31 9.95
C SER A 161 -18.93 23.36 11.45
N LYS A 162 -19.21 22.18 12.01
CA LYS A 162 -19.43 22.07 13.45
C LYS A 162 -18.12 22.18 14.22
N LEU A 163 -17.06 21.56 13.69
CA LEU A 163 -15.76 21.57 14.38
C LEU A 163 -15.24 22.99 14.55
N PHE A 164 -15.49 23.84 13.56
CA PHE A 164 -14.90 25.17 13.56
C PHE A 164 -15.51 26.06 14.64
N THR A 165 -16.82 25.94 14.88
CA THR A 165 -17.51 26.88 15.74
C THR A 165 -18.03 26.30 17.04
N ASP A 166 -18.08 24.98 17.18
CA ASP A 166 -18.59 24.38 18.41
C ASP A 166 -17.64 24.65 19.56
N ALA A 167 -18.20 24.97 20.73
CA ALA A 167 -17.37 25.27 21.90
C ALA A 167 -16.68 24.03 22.43
N SER A 168 -17.37 22.89 22.43
CA SER A 168 -16.78 21.66 22.96
C SER A 168 -15.58 21.25 22.13
N SER A 169 -15.69 21.32 20.81
CA SER A 169 -14.60 20.91 19.95
C SER A 169 -13.38 21.81 20.14
N ARG A 170 -13.59 23.13 20.23
CA ARG A 170 -12.48 24.04 20.43
C ARG A 170 -11.83 23.85 21.80
N SER A 171 -12.65 23.63 22.83
CA SER A 171 -12.09 23.40 24.15
C SER A 171 -11.23 22.13 24.18
N ILE A 172 -11.69 21.07 23.51
CA ILE A 172 -10.90 19.84 23.46
C ILE A 172 -9.66 20.00 22.60
N GLY A 173 -9.78 20.68 21.44
CA GLY A 173 -8.63 20.86 20.57
C GLY A 173 -7.59 21.80 21.10
N ALA A 174 -7.97 22.66 22.06
CA ALA A 174 -6.97 23.51 22.71
C ALA A 174 -5.99 22.70 23.56
N LEU A 175 -6.36 21.50 23.99
CA LEU A 175 -5.46 20.66 24.76
C LEU A 175 -4.46 19.90 23.90
N ASN A 176 -4.68 19.83 22.59
CA ASN A 176 -3.72 19.23 21.67
C ASN A 176 -3.14 20.24 20.70
N LYS A 177 -3.45 21.52 20.88
CA LYS A 177 -2.98 22.58 19.99
C LYS A 177 -3.36 22.29 18.54
N ILE A 178 -4.59 21.82 18.35
CA ILE A 178 -5.09 21.55 17.01
C ILE A 178 -5.37 22.86 16.30
N ASN A 179 -4.92 22.97 15.05
CA ASN A 179 -5.15 24.15 14.24
C ASN A 179 -6.44 23.95 13.45
N PHE A 180 -7.48 24.70 13.80
CA PHE A 180 -8.80 24.55 13.17
C PHE A 180 -8.85 25.44 11.94
N ASN A 181 -8.45 24.86 10.80
CA ASN A 181 -8.48 25.60 9.54
C ASN A 181 -9.18 24.77 8.47
N THR A 182 -9.15 25.24 7.23
CA THR A 182 -9.83 24.52 6.15
C THR A 182 -9.18 23.16 5.91
N ARG A 183 -7.85 23.08 6.05
CA ARG A 183 -7.17 21.81 5.84
C ARG A 183 -7.64 20.76 6.84
N PHE A 184 -7.81 21.14 8.11
CA PHE A 184 -8.26 20.18 9.11
C PHE A 184 -9.66 19.67 8.81
N VAL A 185 -10.57 20.56 8.41
CA VAL A 185 -11.93 20.14 8.10
C VAL A 185 -11.94 19.23 6.87
N MET A 186 -11.13 19.56 5.85
CA MET A 186 -11.05 18.71 4.67
C MET A 186 -10.51 17.33 5.01
N LYS A 187 -9.46 17.26 5.84
CA LYS A 187 -8.91 15.98 6.23
C LYS A 187 -9.91 15.18 7.07
N THR A 188 -10.65 15.86 7.94
CA THR A 188 -11.68 15.18 8.72
C THR A 188 -12.76 14.59 7.81
N LEU A 189 -13.18 15.35 6.80
CA LEU A 189 -14.16 14.80 5.85
C LEU A 189 -13.60 13.63 5.07
N MET A 190 -12.33 13.72 4.65
CA MET A 190 -11.72 12.61 3.94
C MET A 190 -11.52 11.39 4.83
N THR A 191 -11.53 11.58 6.14
CA THR A 191 -11.46 10.44 7.05
C THR A 191 -12.83 9.84 7.35
N ILE A 192 -13.84 10.68 7.54
CA ILE A 192 -15.18 10.18 7.88
C ILE A 192 -15.86 9.60 6.65
N CYS A 193 -15.98 10.39 5.59
CA CYS A 193 -16.77 10.05 4.41
C CYS A 193 -15.90 10.19 3.18
N PRO A 194 -14.93 9.28 2.97
CA PRO A 194 -14.05 9.44 1.81
C PRO A 194 -14.75 9.15 0.50
N GLY A 195 -15.55 8.10 0.45
CA GLY A 195 -16.23 7.76 -0.78
C GLY A 195 -17.21 8.81 -1.23
N THR A 196 -17.96 9.38 -0.28
CA THR A 196 -18.92 10.44 -0.63
C THR A 196 -18.21 11.68 -1.13
N VAL A 197 -17.11 12.07 -0.46
CA VAL A 197 -16.36 13.25 -0.89
C VAL A 197 -15.81 13.05 -2.29
N LEU A 198 -15.20 11.89 -2.53
CA LEU A 198 -14.63 11.61 -3.84
C LEU A 198 -15.71 11.52 -4.91
N LEU A 199 -16.87 10.96 -4.57
CA LEU A 199 -17.97 10.86 -5.53
C LEU A 199 -18.48 12.22 -5.92
N VAL A 200 -18.73 13.08 -4.93
CA VAL A 200 -19.24 14.42 -5.22
C VAL A 200 -18.22 15.21 -6.05
N PHE A 201 -16.95 15.15 -5.65
CA PHE A 201 -15.92 15.86 -6.38
C PHE A 201 -15.82 15.36 -7.81
N SER A 202 -15.87 14.04 -8.01
CA SER A 202 -15.73 13.48 -9.35
C SER A 202 -16.91 13.82 -10.23
N ILE A 203 -18.14 13.75 -9.71
CA ILE A 203 -19.30 14.06 -10.53
C ILE A 203 -19.32 15.54 -10.92
N SER A 204 -19.03 16.43 -9.96
CA SER A 204 -19.00 17.84 -10.27
C SER A 204 -17.89 18.17 -11.27
N LEU A 205 -16.69 17.61 -11.07
CA LEU A 205 -15.62 17.80 -12.05
C LEU A 205 -16.00 17.27 -13.41
N TRP A 206 -16.66 16.12 -13.46
CA TRP A 206 -17.08 15.53 -14.71
C TRP A 206 -17.97 16.48 -15.49
N ILE A 207 -19.04 16.97 -14.85
CA ILE A 207 -19.97 17.84 -15.56
C ILE A 207 -19.32 19.16 -15.94
N ILE A 208 -18.56 19.77 -15.03
CA ILE A 208 -17.95 21.07 -15.31
C ILE A 208 -16.93 20.94 -16.44
N ALA A 209 -16.09 19.91 -16.40
CA ALA A 209 -15.06 19.74 -17.40
C ALA A 209 -15.65 19.37 -18.75
N ALA A 210 -16.70 18.54 -18.77
CA ALA A 210 -17.36 18.22 -20.03
C ALA A 210 -18.00 19.46 -20.66
N TRP A 211 -18.64 20.29 -19.84
CA TRP A 211 -19.22 21.52 -20.39
C TRP A 211 -18.14 22.46 -20.88
N THR A 212 -17.02 22.57 -20.16
CA THR A 212 -15.92 23.43 -20.59
C THR A 212 -15.34 22.94 -21.91
N VAL A 213 -15.15 21.63 -22.04
CA VAL A 213 -14.66 21.07 -23.29
C VAL A 213 -15.62 21.39 -24.43
N ARG A 214 -16.92 21.21 -24.21
CA ARG A 214 -17.89 21.52 -25.24
C ARG A 214 -17.85 22.99 -25.64
N ALA A 215 -17.77 23.88 -24.64
CA ALA A 215 -17.78 25.31 -24.91
C ALA A 215 -16.55 25.73 -25.71
N CYS A 216 -15.38 25.16 -25.38
CA CYS A 216 -14.20 25.48 -26.18
C CYS A 216 -14.21 24.80 -27.54
N GLU A 217 -14.71 23.58 -27.64
CA GLU A 217 -14.59 22.82 -28.87
C GLU A 217 -15.67 23.14 -29.89
N ARG A 218 -16.76 23.79 -29.50
CA ARG A 218 -17.84 24.04 -30.43
C ARG A 218 -17.44 24.99 -31.54
N TYR A 219 -16.34 25.73 -31.38
CA TYR A 219 -15.94 26.71 -32.38
C TYR A 219 -15.29 26.06 -33.59
N HIS A 220 -14.51 25.01 -33.38
CA HIS A 220 -13.77 24.37 -34.45
C HIS A 220 -14.32 22.98 -34.79
N ASP A 221 -15.48 22.63 -34.24
CA ASP A 221 -16.11 21.33 -34.45
C ASP A 221 -17.36 21.54 -35.28
N GLN A 222 -17.34 21.05 -36.52
CA GLN A 222 -18.52 21.05 -37.37
C GLN A 222 -18.94 19.63 -37.73
N GLN A 223 -18.59 18.67 -36.88
CA GLN A 223 -18.90 17.28 -37.11
C GLN A 223 -19.54 16.61 -35.91
N ASP A 224 -19.85 17.38 -34.85
CA ASP A 224 -20.58 16.88 -33.68
C ASP A 224 -19.83 15.73 -33.01
N VAL A 225 -18.60 16.02 -32.59
CA VAL A 225 -17.75 15.00 -31.99
C VAL A 225 -17.39 15.39 -30.57
N THR A 226 -16.64 16.48 -30.41
CA THR A 226 -16.25 16.99 -29.11
C THR A 226 -17.12 18.14 -28.64
N SER A 227 -17.89 18.75 -29.53
CA SER A 227 -18.92 19.71 -29.16
C SER A 227 -20.22 19.05 -28.76
N ASN A 228 -20.29 17.73 -28.80
CA ASN A 228 -21.44 17.00 -28.28
C ASN A 228 -21.27 16.84 -26.78
N PHE A 229 -22.31 17.20 -26.02
CA PHE A 229 -22.18 17.14 -24.56
C PHE A 229 -21.96 15.73 -24.07
N LEU A 230 -22.68 14.77 -24.64
CA LEU A 230 -22.54 13.38 -24.21
C LEU A 230 -21.19 12.81 -24.63
N GLY A 231 -20.72 13.20 -25.82
CA GLY A 231 -19.37 12.82 -26.23
C GLY A 231 -18.30 13.45 -25.36
N ALA A 232 -18.49 14.70 -24.96
CA ALA A 232 -17.55 15.33 -24.04
C ALA A 232 -17.56 14.64 -22.68
N MET A 233 -18.73 14.20 -22.21
CA MET A 233 -18.80 13.43 -20.98
C MET A 233 -18.01 12.15 -21.10
N TRP A 234 -18.16 11.44 -22.22
CA TRP A 234 -17.39 10.21 -22.43
C TRP A 234 -15.89 10.51 -22.49
N LEU A 235 -15.49 11.57 -23.18
CA LEU A 235 -14.08 11.92 -23.28
C LEU A 235 -13.49 12.20 -21.91
N ILE A 236 -14.20 12.97 -21.09
CA ILE A 236 -13.71 13.28 -19.75
C ILE A 236 -13.61 12.01 -18.93
N SER A 237 -14.56 11.10 -19.07
CA SER A 237 -14.53 9.86 -18.30
C SER A 237 -13.35 8.98 -18.69
N ILE A 238 -13.02 8.91 -19.98
CA ILE A 238 -11.94 8.02 -20.40
C ILE A 238 -10.56 8.66 -20.26
N THR A 239 -10.46 9.98 -20.17
CA THR A 239 -9.17 10.56 -19.79
C THR A 239 -8.97 10.55 -18.27
N PHE A 240 -10.05 10.67 -17.52
CA PHE A 240 -9.97 10.50 -16.06
C PHE A 240 -9.47 9.11 -15.71
N LEU A 241 -9.95 8.09 -16.42
CA LEU A 241 -9.59 6.71 -16.14
C LEU A 241 -8.30 6.29 -16.82
N SER A 242 -7.72 7.17 -17.64
CA SER A 242 -6.47 6.95 -18.35
C SER A 242 -6.57 5.79 -19.34
N ILE A 243 -7.76 5.55 -19.87
CA ILE A 243 -7.90 4.60 -20.96
C ILE A 243 -7.34 5.27 -22.21
N GLY A 244 -7.71 6.51 -22.44
CA GLY A 244 -7.14 7.27 -23.53
C GLY A 244 -8.19 8.07 -24.24
N TYR A 245 -7.84 8.50 -25.43
CA TYR A 245 -8.76 9.16 -26.35
C TYR A 245 -9.19 8.14 -27.39
N GLY A 246 -10.41 8.24 -27.85
CA GLY A 246 -10.78 7.36 -28.94
C GLY A 246 -10.46 8.07 -30.23
N ASP A 247 -11.50 8.39 -30.99
CA ASP A 247 -11.45 9.42 -32.01
C ASP A 247 -11.72 10.79 -31.41
N MET A 248 -11.80 10.88 -30.09
CA MET A 248 -12.19 12.08 -29.37
C MET A 248 -10.93 12.76 -28.88
N VAL A 249 -10.31 13.55 -29.75
CA VAL A 249 -9.14 14.35 -29.40
C VAL A 249 -9.51 15.80 -29.58
N PRO A 250 -9.26 16.67 -28.60
CA PRO A 250 -9.60 18.09 -28.75
C PRO A 250 -8.87 18.74 -29.92
N ASN A 251 -9.58 19.60 -30.64
CA ASN A 251 -8.96 20.40 -31.68
C ASN A 251 -8.33 21.67 -31.13
N THR A 252 -8.60 22.02 -29.88
CA THR A 252 -8.16 23.28 -29.29
C THR A 252 -7.27 22.99 -28.09
N TYR A 253 -6.39 23.95 -27.77
CA TYR A 253 -5.55 23.83 -26.59
C TYR A 253 -6.34 24.02 -25.31
N CYS A 254 -7.50 24.66 -25.37
CA CYS A 254 -8.38 24.70 -24.21
C CYS A 254 -8.87 23.30 -23.87
N GLY A 255 -9.32 22.56 -24.88
CA GLY A 255 -9.74 21.18 -24.64
C GLY A 255 -8.62 20.29 -24.18
N LYS A 256 -7.43 20.45 -24.77
CA LYS A 256 -6.27 19.67 -24.34
C LYS A 256 -5.90 19.99 -22.91
N GLY A 257 -5.94 21.26 -22.52
CA GLY A 257 -5.66 21.61 -21.14
C GLY A 257 -6.67 21.04 -20.17
N VAL A 258 -7.95 21.07 -20.54
CA VAL A 258 -8.99 20.49 -19.69
C VAL A 258 -8.78 19.00 -19.55
N CYS A 259 -8.45 18.32 -20.66
CA CYS A 259 -8.21 16.88 -20.61
C CYS A 259 -6.98 16.54 -19.78
N LEU A 260 -5.92 17.35 -19.88
CA LEU A 260 -4.74 17.13 -19.06
C LEU A 260 -5.05 17.32 -17.58
N LEU A 261 -5.81 18.35 -17.23
CA LEU A 261 -6.21 18.57 -15.85
C LEU A 261 -7.07 17.42 -15.34
N THR A 262 -7.97 16.91 -16.19
CA THR A 262 -8.77 15.75 -15.84
C THR A 262 -7.91 14.51 -15.62
N GLY A 263 -6.91 14.30 -16.47
CA GLY A 263 -6.01 13.17 -16.29
C GLY A 263 -5.18 13.25 -15.03
N ILE A 264 -4.66 14.44 -14.72
CA ILE A 264 -3.92 14.63 -13.47
C ILE A 264 -4.83 14.36 -12.27
N MET A 265 -6.05 14.90 -12.29
CA MET A 265 -6.97 14.66 -11.19
C MET A 265 -7.33 13.19 -11.07
N GLY A 266 -7.54 12.53 -12.20
CA GLY A 266 -7.91 11.12 -12.17
C GLY A 266 -6.80 10.23 -11.65
N ALA A 267 -5.56 10.53 -12.00
CA ALA A 267 -4.43 9.72 -11.55
C ALA A 267 -4.38 9.59 -10.05
N GLY A 268 -4.85 10.60 -9.31
CA GLY A 268 -4.84 10.55 -7.87
C GLY A 268 -6.17 10.12 -7.30
N CYS A 269 -7.26 10.59 -7.90
CA CYS A 269 -8.59 10.25 -7.38
C CYS A 269 -8.87 8.77 -7.54
N THR A 270 -8.42 8.15 -8.64
CA THR A 270 -8.63 6.72 -8.83
C THR A 270 -7.92 5.92 -7.74
N ALA A 271 -6.67 6.28 -7.44
CA ALA A 271 -5.93 5.56 -6.42
C ALA A 271 -6.56 5.73 -5.04
N LEU A 272 -7.02 6.94 -4.74
CA LEU A 272 -7.69 7.17 -3.47
C LEU A 272 -8.98 6.34 -3.36
N VAL A 273 -9.75 6.30 -4.44
CA VAL A 273 -11.00 5.53 -4.45
C VAL A 273 -10.70 4.05 -4.27
N VAL A 274 -9.66 3.56 -4.92
CA VAL A 274 -9.32 2.14 -4.80
C VAL A 274 -8.88 1.82 -3.37
N ALA A 275 -8.13 2.72 -2.74
CA ALA A 275 -7.78 2.51 -1.33
C ALA A 275 -9.03 2.46 -0.45
N VAL A 276 -10.00 3.33 -0.73
CA VAL A 276 -11.25 3.32 0.03
C VAL A 276 -11.97 1.99 -0.14
N VAL A 277 -12.07 1.51 -1.37
CA VAL A 277 -12.77 0.25 -1.62
C VAL A 277 -12.05 -0.91 -0.95
N ALA A 278 -10.72 -0.94 -1.03
CA ALA A 278 -9.96 -2.00 -0.39
C ALA A 278 -10.17 -1.99 1.12
N ARG A 279 -10.22 -0.80 1.73
CA ARG A 279 -10.50 -0.74 3.16
C ARG A 279 -11.91 -1.21 3.46
N LYS A 280 -12.88 -0.87 2.61
CA LYS A 280 -14.26 -1.24 2.88
C LYS A 280 -14.55 -2.72 2.62
N LEU A 281 -13.67 -3.42 1.92
CA LEU A 281 -13.82 -4.86 1.71
C LEU A 281 -13.17 -5.68 2.81
N GLU A 282 -12.60 -5.02 3.82
CA GLU A 282 -11.87 -5.71 4.87
C GLU A 282 -12.79 -6.00 6.05
N LEU A 283 -12.58 -7.16 6.67
CA LEU A 283 -13.40 -7.56 7.81
C LEU A 283 -13.09 -6.72 9.03
N THR A 284 -14.11 -6.47 9.84
CA THR A 284 -13.95 -5.82 11.12
C THR A 284 -13.21 -6.75 12.08
N LYS A 285 -12.67 -6.18 13.15
CA LYS A 285 -11.91 -6.98 14.11
C LYS A 285 -12.77 -8.09 14.72
N ALA A 286 -14.00 -7.76 15.09
CA ALA A 286 -14.90 -8.79 15.62
C ALA A 286 -15.23 -9.85 14.57
N GLU A 287 -15.46 -9.40 13.33
CA GLU A 287 -15.70 -10.35 12.25
C GLU A 287 -14.47 -11.20 11.98
N LYS A 288 -13.29 -10.61 12.12
CA LYS A 288 -12.07 -11.40 12.00
C LYS A 288 -11.99 -12.47 13.07
N HIS A 289 -12.31 -12.13 14.31
CA HIS A 289 -12.28 -13.12 15.39
C HIS A 289 -13.25 -14.25 15.12
N VAL A 290 -14.47 -13.92 14.72
CA VAL A 290 -15.46 -14.96 14.44
C VAL A 290 -15.01 -15.86 13.30
N HIS A 291 -14.48 -15.25 12.23
CA HIS A 291 -14.04 -16.03 11.08
C HIS A 291 -12.89 -16.96 11.45
N ASN A 292 -11.92 -16.46 12.21
CA ASN A 292 -10.81 -17.31 12.63
C ASN A 292 -11.29 -18.46 13.49
N PHE A 293 -12.24 -18.20 14.38
CA PHE A 293 -12.80 -19.26 15.21
C PHE A 293 -13.45 -20.35 14.35
N MET A 294 -14.31 -19.96 13.42
CA MET A 294 -15.00 -20.94 12.61
C MET A 294 -14.03 -21.72 11.72
N MET A 295 -13.05 -21.02 11.14
CA MET A 295 -12.07 -21.71 10.31
C MET A 295 -11.23 -22.69 11.13
N ASP A 296 -10.87 -22.32 12.35
CA ASP A 296 -10.13 -23.24 13.20
C ASP A 296 -10.96 -24.48 13.52
N THR A 297 -12.27 -24.31 13.73
CA THR A 297 -13.13 -25.47 13.93
C THR A 297 -13.11 -26.39 12.72
N GLN A 298 -13.26 -25.82 11.52
CA GLN A 298 -13.27 -26.64 10.32
C GLN A 298 -11.94 -27.35 10.12
N LEU A 299 -10.83 -26.65 10.37
CA LEU A 299 -9.52 -27.28 10.22
C LEU A 299 -9.30 -28.38 11.24
N THR A 300 -9.83 -28.24 12.45
CA THR A 300 -9.75 -29.34 13.40
C THR A 300 -10.49 -30.56 12.89
N LYS A 301 -11.69 -30.36 12.35
CA LYS A 301 -12.42 -31.50 11.79
C LYS A 301 -11.65 -32.16 10.66
N ARG A 302 -11.05 -31.35 9.79
CA ARG A 302 -10.31 -31.90 8.66
C ARG A 302 -9.06 -32.64 9.10
N VAL A 303 -8.39 -32.13 10.14
CA VAL A 303 -7.22 -32.83 10.69
C VAL A 303 -7.63 -34.19 11.22
N LYS A 304 -8.74 -34.25 11.94
CA LYS A 304 -9.21 -35.52 12.47
C LYS A 304 -9.54 -36.50 11.34
N ASN A 305 -10.20 -36.01 10.29
CA ASN A 305 -10.54 -36.88 9.17
C ASN A 305 -9.27 -37.42 8.50
N ALA A 306 -8.29 -36.55 8.27
CA ALA A 306 -7.06 -36.97 7.60
C ALA A 306 -6.31 -38.01 8.42
N ALA A 307 -6.20 -37.79 9.73
CA ALA A 307 -5.51 -38.76 10.57
C ALA A 307 -6.24 -40.09 10.60
N ALA A 308 -7.57 -40.06 10.64
CA ALA A 308 -8.32 -41.30 10.60
C ALA A 308 -8.08 -42.04 9.30
N ASN A 309 -8.03 -41.32 8.18
CA ASN A 309 -7.74 -41.96 6.89
C ASN A 309 -6.34 -42.57 6.88
N VAL A 310 -5.37 -41.87 7.47
CA VAL A 310 -4.01 -42.40 7.54
C VAL A 310 -4.01 -43.73 8.28
N LEU A 311 -4.65 -43.77 9.45
CA LEU A 311 -4.68 -45.00 10.22
C LEU A 311 -5.44 -46.11 9.48
N ARG A 312 -6.53 -45.74 8.82
CA ARG A 312 -7.31 -46.75 8.09
C ARG A 312 -6.49 -47.40 6.99
N GLU A 313 -5.77 -46.58 6.20
CA GLU A 313 -4.98 -47.16 5.12
C GLU A 313 -3.78 -47.94 5.67
N THR A 314 -3.19 -47.48 6.78
CA THR A 314 -2.13 -48.25 7.40
C THR A 314 -2.63 -49.63 7.81
N TRP A 315 -3.86 -49.71 8.34
CA TRP A 315 -4.42 -51.00 8.69
C TRP A 315 -4.69 -51.84 7.44
N LEU A 316 -5.26 -51.23 6.40
CA LEU A 316 -5.67 -52.02 5.24
C LEU A 316 -4.49 -52.56 4.47
N ILE A 317 -3.39 -51.81 4.39
CA ILE A 317 -2.19 -52.33 3.74
C ILE A 317 -1.71 -53.59 4.44
N TYR A 318 -1.65 -53.56 5.77
CA TYR A 318 -1.30 -54.74 6.54
C TYR A 318 -2.27 -55.89 6.34
N LYS A 319 -3.58 -55.60 6.36
CA LYS A 319 -4.57 -56.65 6.24
C LYS A 319 -4.54 -57.31 4.87
N ASN A 320 -4.20 -56.58 3.82
CA ASN A 320 -4.14 -57.15 2.49
C ASN A 320 -2.74 -57.64 2.11
N THR A 321 -1.72 -57.32 2.90
CA THR A 321 -0.39 -57.87 2.69
C THR A 321 -0.21 -59.17 3.47
N LYS A 322 -0.35 -59.11 4.78
CA LYS A 322 -0.37 -60.29 5.61
C LYS A 322 -1.83 -60.66 5.86
N LEU A 323 -2.07 -61.60 6.77
CA LEU A 323 -3.43 -61.97 7.19
C LEU A 323 -4.30 -62.35 6.00
N VAL A 324 -3.70 -62.93 4.96
CA VAL A 324 -4.44 -63.32 3.76
C VAL A 324 -3.65 -64.43 3.08
N LYS A 325 -4.38 -65.38 2.47
CA LYS A 325 -3.72 -66.50 1.83
C LYS A 325 -3.03 -66.10 0.54
N LYS A 326 -3.70 -65.30 -0.29
CA LYS A 326 -3.17 -64.87 -1.57
C LYS A 326 -3.24 -63.35 -1.67
N ILE A 327 -2.18 -62.76 -2.21
CA ILE A 327 -2.04 -61.30 -2.31
C ILE A 327 -2.27 -60.90 -3.75
N ASP A 328 -3.23 -59.99 -3.96
CA ASP A 328 -3.51 -59.51 -5.31
C ASP A 328 -2.47 -58.51 -5.78
N HIS A 329 -1.92 -57.71 -4.87
CA HIS A 329 -0.92 -56.67 -5.10
C HIS A 329 -1.52 -55.45 -5.81
N ALA A 330 -2.71 -55.61 -6.37
CA ALA A 330 -3.35 -54.48 -7.03
C ALA A 330 -4.14 -53.65 -6.02
N LYS A 331 -4.97 -54.31 -5.23
CA LYS A 331 -5.60 -53.62 -4.11
C LYS A 331 -4.56 -53.14 -3.11
N VAL A 332 -3.47 -53.90 -2.94
CA VAL A 332 -2.41 -53.47 -2.04
C VAL A 332 -1.72 -52.21 -2.56
N ARG A 333 -1.44 -52.15 -3.86
CA ARG A 333 -0.87 -50.94 -4.44
C ARG A 333 -1.83 -49.78 -4.32
N LYS A 334 -3.12 -50.02 -4.54
CA LYS A 334 -4.11 -48.95 -4.41
C LYS A 334 -4.12 -48.40 -3.00
N HIS A 335 -4.06 -49.29 -2.00
CA HIS A 335 -4.08 -48.83 -0.63
C HIS A 335 -2.79 -48.13 -0.24
N GLN A 336 -1.66 -48.53 -0.81
CA GLN A 336 -0.42 -47.81 -0.54
C GLN A 336 -0.46 -46.40 -1.15
N ARG A 337 -1.01 -46.28 -2.36
CA ARG A 337 -1.19 -44.95 -2.94
C ARG A 337 -2.12 -44.09 -2.09
N LYS A 338 -3.21 -44.69 -1.61
CA LYS A 338 -4.13 -43.94 -0.75
C LYS A 338 -3.48 -43.58 0.58
N PHE A 339 -2.58 -44.42 1.09
CA PHE A 339 -1.86 -44.09 2.31
C PHE A 339 -0.97 -42.87 2.11
N LEU A 340 -0.25 -42.84 0.98
CA LEU A 340 0.58 -41.67 0.68
C LEU A 340 -0.27 -40.42 0.51
N GLN A 341 -1.42 -40.56 -0.17
CA GLN A 341 -2.32 -39.43 -0.33
C GLN A 341 -2.81 -38.90 1.02
N ALA A 342 -3.16 -39.81 1.92
CA ALA A 342 -3.63 -39.41 3.25
C ALA A 342 -2.53 -38.72 4.03
N ILE A 343 -1.29 -39.20 3.90
CA ILE A 343 -0.17 -38.53 4.56
C ILE A 343 -0.02 -37.11 4.05
N HIS A 344 -0.11 -36.93 2.73
CA HIS A 344 0.00 -35.58 2.17
C HIS A 344 -1.12 -34.68 2.65
N GLN A 345 -2.35 -35.20 2.71
CA GLN A 345 -3.46 -34.40 3.20
C GLN A 345 -3.24 -33.98 4.64
N LEU A 346 -2.76 -34.90 5.48
CA LEU A 346 -2.52 -34.56 6.86
C LEU A 346 -1.46 -33.47 6.99
N ARG A 347 -0.37 -33.59 6.21
CA ARG A 347 0.67 -32.57 6.24
C ARG A 347 0.13 -31.21 5.81
N SER A 348 -0.64 -31.17 4.73
CA SER A 348 -1.14 -29.89 4.23
C SER A 348 -2.13 -29.26 5.21
N VAL A 349 -3.02 -30.06 5.80
CA VAL A 349 -3.99 -29.48 6.72
C VAL A 349 -3.29 -29.00 7.99
N LYS A 350 -2.24 -29.68 8.44
CA LYS A 350 -1.50 -29.18 9.59
C LYS A 350 -0.77 -27.88 9.25
N MET A 351 -0.27 -27.77 8.02
CA MET A 351 0.34 -26.50 7.60
C MET A 351 -0.68 -25.37 7.63
N GLU A 352 -1.88 -25.62 7.12
CA GLU A 352 -2.93 -24.61 7.17
C GLU A 352 -3.27 -24.24 8.61
N GLN A 353 -3.34 -25.24 9.49
CA GLN A 353 -3.65 -24.98 10.88
C GLN A 353 -2.60 -24.09 11.54
N ARG A 354 -1.32 -24.36 11.30
CA ARG A 354 -0.29 -23.55 11.92
C ARG A 354 -0.24 -22.15 11.30
N LYS A 355 -0.51 -22.03 10.00
CA LYS A 355 -0.61 -20.70 9.41
C LYS A 355 -1.74 -19.89 10.04
N LEU A 356 -2.91 -20.52 10.23
CA LEU A 356 -4.02 -19.84 10.87
C LEU A 356 -3.69 -19.45 12.30
N ASN A 357 -3.01 -20.32 13.03
CA ASN A 357 -2.61 -19.95 14.39
C ASN A 357 -1.61 -18.80 14.38
N ASP A 358 -0.83 -18.67 13.31
CA ASP A 358 0.07 -17.52 13.19
C ASP A 358 -0.72 -16.23 12.94
N GLN A 359 -1.66 -16.25 11.99
CA GLN A 359 -2.45 -15.03 11.78
C GLN A 359 -3.46 -14.78 12.89
N ALA A 360 -3.69 -15.74 13.79
CA ALA A 360 -4.66 -15.53 14.85
C ALA A 360 -4.15 -14.57 15.92
N ASN A 361 -2.87 -14.28 15.94
CA ASN A 361 -2.32 -13.31 16.89
C ASN A 361 -1.34 -12.36 16.20
N ILE B 1 -37.82 -24.55 22.43
CA ILE B 1 -38.81 -25.56 22.10
C ILE B 1 -38.42 -26.27 20.81
N GLY B 2 -39.00 -27.46 20.60
CA GLY B 2 -38.75 -28.24 19.41
C GLY B 2 -39.67 -27.93 18.24
N TYR B 3 -40.52 -26.92 18.36
CA TYR B 3 -41.44 -26.54 17.30
C TYR B 3 -41.06 -25.25 16.60
N LYS B 4 -40.64 -24.23 17.34
CA LYS B 4 -40.26 -22.97 16.72
C LYS B 4 -39.06 -23.15 15.80
N LEU B 5 -38.06 -23.91 16.25
CA LEU B 5 -36.88 -24.13 15.42
C LEU B 5 -37.24 -24.91 14.16
N GLY B 6 -38.09 -25.92 14.29
CA GLY B 6 -38.52 -26.66 13.12
C GLY B 6 -39.32 -25.82 12.15
N HIS B 7 -40.18 -24.94 12.68
CA HIS B 7 -40.95 -24.06 11.81
C HIS B 7 -40.04 -23.08 11.06
N ARG B 8 -39.06 -22.51 11.75
CA ARG B 8 -38.12 -21.62 11.07
C ARG B 8 -37.30 -22.38 10.04
N ARG B 9 -36.91 -23.62 10.34
CA ARG B 9 -36.16 -24.39 9.35
C ARG B 9 -37.01 -24.69 8.13
N ALA B 10 -38.29 -25.02 8.33
CA ALA B 10 -39.18 -25.24 7.18
C ALA B 10 -39.33 -23.99 6.35
N LEU B 11 -39.48 -22.83 7.00
CA LEU B 11 -39.58 -21.58 6.26
C LEU B 11 -38.29 -21.26 5.51
N PHE B 12 -37.14 -21.53 6.13
CA PHE B 12 -35.87 -21.37 5.43
C PHE B 12 -35.79 -22.25 4.20
N GLU B 13 -36.21 -23.51 4.33
CA GLU B 13 -36.16 -24.41 3.18
C GLU B 13 -37.07 -23.94 2.06
N LYS B 14 -38.27 -23.46 2.42
CA LYS B 14 -39.18 -22.95 1.40
C LYS B 14 -38.61 -21.74 0.68
N ARG B 15 -38.02 -20.80 1.44
CA ARG B 15 -37.38 -19.64 0.82
C ARG B 15 -36.23 -20.06 -0.08
N LYS B 16 -35.43 -21.03 0.36
CA LYS B 16 -34.30 -21.49 -0.44
C LYS B 16 -34.78 -22.11 -1.74
N ARG B 17 -35.82 -22.93 -1.69
CA ARG B 17 -36.35 -23.54 -2.90
C ARG B 17 -36.92 -22.48 -3.84
N LEU B 18 -37.62 -21.49 -3.29
CA LEU B 18 -38.17 -20.44 -4.14
C LEU B 18 -37.06 -19.64 -4.83
N SER B 19 -35.98 -19.37 -4.10
CA SER B 19 -34.84 -18.69 -4.72
C SER B 19 -34.23 -19.53 -5.82
N ASP B 20 -34.11 -20.84 -5.61
CA ASP B 20 -33.55 -21.71 -6.64
C ASP B 20 -34.42 -21.68 -7.90
N TYR B 21 -35.73 -21.77 -7.73
CA TYR B 21 -36.61 -21.75 -8.89
C TYR B 21 -36.58 -20.41 -9.60
N ALA B 22 -36.52 -19.31 -8.84
CA ALA B 22 -36.44 -18.00 -9.46
C ALA B 22 -35.16 -17.85 -10.26
N LEU B 23 -34.04 -18.31 -9.73
CA LEU B 23 -32.79 -18.27 -10.48
C LEU B 23 -32.86 -19.13 -11.74
N ILE B 24 -33.47 -20.31 -11.64
CA ILE B 24 -33.57 -21.19 -12.80
C ILE B 24 -34.37 -20.51 -13.91
N PHE B 25 -35.50 -19.89 -13.55
CA PHE B 25 -36.35 -19.29 -14.59
C PHE B 25 -35.74 -18.01 -15.13
N GLY B 26 -35.09 -17.21 -14.29
CA GLY B 26 -34.39 -16.04 -14.80
C GLY B 26 -33.28 -16.39 -15.76
N MET B 27 -32.46 -17.39 -15.41
CA MET B 27 -31.38 -17.80 -16.30
C MET B 27 -31.93 -18.42 -17.59
N PHE B 28 -33.05 -19.15 -17.49
CA PHE B 28 -33.68 -19.67 -18.69
C PHE B 28 -34.11 -18.55 -19.62
N GLY B 29 -34.70 -17.49 -19.06
CA GLY B 29 -35.09 -16.36 -19.87
C GLY B 29 -33.91 -15.66 -20.51
N ILE B 30 -32.82 -15.47 -19.76
CA ILE B 30 -31.64 -14.85 -20.33
C ILE B 30 -31.06 -15.70 -21.46
N VAL B 31 -30.99 -17.02 -21.27
CA VAL B 31 -30.42 -17.89 -22.27
C VAL B 31 -31.25 -17.89 -23.54
N VAL B 32 -32.58 -17.95 -23.41
CA VAL B 32 -33.42 -17.91 -24.59
C VAL B 32 -33.33 -16.54 -25.27
N MET B 33 -33.17 -15.47 -24.51
CA MET B 33 -32.97 -14.16 -25.12
C MET B 33 -31.69 -14.13 -25.93
N VAL B 34 -30.61 -14.70 -25.40
CA VAL B 34 -29.34 -14.71 -26.14
C VAL B 34 -29.48 -15.52 -27.42
N ILE B 35 -30.14 -16.67 -27.33
CA ILE B 35 -30.32 -17.51 -28.52
C ILE B 35 -31.15 -16.78 -29.57
N GLU B 36 -32.24 -16.13 -29.15
CA GLU B 36 -33.11 -15.45 -30.10
C GLU B 36 -32.42 -14.24 -30.72
N THR B 37 -31.65 -13.49 -29.92
CA THR B 37 -30.89 -12.37 -30.46
C THR B 37 -29.87 -12.84 -31.49
N GLU B 38 -29.19 -13.96 -31.22
CA GLU B 38 -28.22 -14.47 -32.17
C GLU B 38 -28.90 -14.97 -33.44
N LEU B 39 -30.05 -15.63 -33.31
CA LEU B 39 -30.64 -16.30 -34.46
C LEU B 39 -31.48 -15.37 -35.32
N SER B 40 -32.06 -14.31 -34.75
CA SER B 40 -32.88 -13.42 -35.56
C SER B 40 -32.04 -12.52 -36.47
N TRP B 41 -30.77 -12.30 -36.14
CA TRP B 41 -29.89 -11.58 -37.06
C TRP B 41 -29.60 -12.41 -38.29
N GLY B 42 -29.56 -13.72 -38.15
CA GLY B 42 -29.23 -14.63 -39.23
C GLY B 42 -30.39 -15.46 -39.68
N ALA B 43 -30.48 -16.68 -39.12
CA ALA B 43 -31.38 -17.73 -39.58
C ALA B 43 -32.78 -17.25 -39.94
N TYR B 44 -33.51 -16.67 -38.99
CA TYR B 44 -34.89 -16.28 -39.25
C TYR B 44 -35.08 -14.79 -39.02
N ASP B 45 -36.10 -14.25 -39.67
CA ASP B 45 -36.45 -12.84 -39.55
C ASP B 45 -37.25 -12.61 -38.27
N LYS B 46 -37.50 -11.35 -37.96
CA LYS B 46 -38.31 -11.03 -36.78
C LYS B 46 -39.79 -11.27 -36.99
N ALA B 47 -40.23 -11.44 -38.24
CA ALA B 47 -41.62 -11.70 -38.54
C ALA B 47 -41.93 -13.18 -38.70
N SER B 48 -40.95 -14.05 -38.49
CA SER B 48 -41.18 -15.48 -38.63
C SER B 48 -41.87 -16.02 -37.38
N LEU B 49 -42.10 -17.32 -37.36
CA LEU B 49 -42.76 -17.95 -36.23
C LEU B 49 -41.79 -18.52 -35.21
N TYR B 50 -40.53 -18.77 -35.59
CA TYR B 50 -39.54 -19.14 -34.59
C TYR B 50 -39.32 -17.99 -33.61
N SER B 51 -39.28 -16.76 -34.12
CA SER B 51 -39.15 -15.60 -33.26
C SER B 51 -40.33 -15.50 -32.30
N LEU B 52 -41.53 -15.68 -32.82
CA LEU B 52 -42.72 -15.63 -31.96
C LEU B 52 -42.69 -16.72 -30.91
N ALA B 53 -42.30 -17.93 -31.29
CA ALA B 53 -42.26 -19.03 -30.34
C ALA B 53 -41.28 -18.75 -29.22
N LEU B 54 -40.07 -18.31 -29.58
CA LEU B 54 -39.05 -18.07 -28.56
C LEU B 54 -39.42 -16.89 -27.67
N LYS B 55 -40.04 -15.85 -28.24
CA LYS B 55 -40.41 -14.71 -27.39
C LYS B 55 -41.62 -15.03 -26.51
N CYS B 56 -42.57 -15.83 -26.98
CA CYS B 56 -43.65 -16.28 -26.12
C CYS B 56 -43.12 -17.15 -24.99
N LEU B 57 -42.14 -18.00 -25.29
CA LEU B 57 -41.49 -18.78 -24.25
C LEU B 57 -40.81 -17.89 -23.23
N ILE B 58 -40.16 -16.82 -23.70
CA ILE B 58 -39.55 -15.84 -22.80
C ILE B 58 -40.60 -15.20 -21.90
N SER B 59 -41.74 -14.81 -22.47
CA SER B 59 -42.78 -14.15 -21.68
C SER B 59 -43.38 -15.09 -20.64
N LEU B 60 -43.59 -16.36 -21.00
CA LEU B 60 -44.07 -17.33 -20.01
C LEU B 60 -43.07 -17.52 -18.88
N SER B 61 -41.78 -17.62 -19.21
CA SER B 61 -40.76 -17.71 -18.17
C SER B 61 -40.80 -16.47 -17.28
N THR B 62 -41.03 -15.30 -17.86
CA THR B 62 -41.08 -14.08 -17.06
C THR B 62 -42.28 -14.06 -16.13
N ILE B 63 -43.43 -14.55 -16.60
CA ILE B 63 -44.60 -14.61 -15.73
C ILE B 63 -44.34 -15.55 -14.56
N ILE B 64 -43.79 -16.73 -14.83
CA ILE B 64 -43.48 -17.66 -13.75
C ILE B 64 -42.46 -17.06 -12.80
N LEU B 65 -41.48 -16.32 -13.33
CA LEU B 65 -40.46 -15.69 -12.49
C LEU B 65 -41.07 -14.63 -11.59
N LEU B 66 -41.99 -13.82 -12.11
CA LEU B 66 -42.65 -12.83 -11.29
C LEU B 66 -43.48 -13.48 -10.19
N GLY B 67 -44.20 -14.55 -10.53
CA GLY B 67 -44.92 -15.28 -9.51
C GLY B 67 -44.01 -15.82 -8.42
N LEU B 68 -42.86 -16.37 -8.82
CA LEU B 68 -41.92 -16.91 -7.85
C LEU B 68 -41.34 -15.81 -6.97
N ILE B 69 -41.07 -14.63 -7.54
CA ILE B 69 -40.58 -13.51 -6.74
C ILE B 69 -41.62 -13.09 -5.71
N ILE B 70 -42.88 -12.99 -6.14
CA ILE B 70 -43.94 -12.58 -5.21
C ILE B 70 -44.12 -13.59 -4.09
N VAL B 71 -44.12 -14.88 -4.43
CA VAL B 71 -44.26 -15.90 -3.39
C VAL B 71 -43.06 -15.92 -2.46
N TYR B 72 -41.86 -15.66 -3.00
CA TYR B 72 -40.68 -15.57 -2.15
C TYR B 72 -40.82 -14.43 -1.15
N HIS B 73 -41.31 -13.28 -1.60
CA HIS B 73 -41.47 -12.16 -0.68
C HIS B 73 -42.58 -12.41 0.32
N ALA B 74 -43.62 -13.15 -0.07
CA ALA B 74 -44.63 -13.55 0.90
C ALA B 74 -44.04 -14.44 1.98
N ARG B 75 -43.19 -15.40 1.60
CA ARG B 75 -42.52 -16.24 2.59
C ARG B 75 -41.58 -15.42 3.46
N GLU B 76 -40.90 -14.42 2.89
CA GLU B 76 -40.05 -13.55 3.68
C GLU B 76 -40.84 -12.77 4.72
N ILE B 77 -42.00 -12.23 4.33
CA ILE B 77 -42.83 -11.51 5.28
C ILE B 77 -43.37 -12.44 6.36
N GLN B 78 -43.72 -13.67 5.96
CA GLN B 78 -44.20 -14.64 6.95
C GLN B 78 -43.11 -14.98 7.96
N LEU B 79 -41.87 -15.16 7.50
CA LEU B 79 -40.78 -15.41 8.41
C LEU B 79 -40.46 -14.20 9.28
N PHE B 80 -40.62 -13.00 8.73
CA PHE B 80 -40.48 -11.79 9.54
C PHE B 80 -41.51 -11.76 10.66
N MET B 81 -42.75 -12.12 10.34
CA MET B 81 -43.79 -12.20 11.37
C MET B 81 -43.42 -13.23 12.43
N VAL B 82 -42.90 -14.38 12.01
CA VAL B 82 -42.51 -15.41 12.96
C VAL B 82 -41.40 -14.90 13.87
N ASP B 83 -40.39 -14.23 13.30
CA ASP B 83 -39.25 -13.80 14.09
C ASP B 83 -39.62 -12.66 15.03
N ASN B 84 -40.04 -11.53 14.48
CA ASN B 84 -40.29 -10.37 15.32
C ASN B 84 -41.68 -10.41 15.94
N GLY B 85 -42.06 -11.55 16.51
CA GLY B 85 -43.25 -11.71 17.31
C GLY B 85 -44.51 -11.02 16.84
N ALA B 86 -44.62 -10.78 15.54
CA ALA B 86 -45.74 -10.00 15.00
C ALA B 86 -46.88 -10.92 14.57
N ASP B 87 -48.09 -10.38 14.66
CA ASP B 87 -49.28 -11.10 14.21
C ASP B 87 -49.93 -10.47 13.00
N ASP B 88 -49.58 -9.23 12.65
CA ASP B 88 -50.12 -8.54 11.50
C ASP B 88 -49.01 -8.39 10.45
N TRP B 89 -49.30 -8.82 9.23
CA TRP B 89 -48.30 -8.72 8.17
C TRP B 89 -48.03 -7.27 7.78
N ARG B 90 -48.95 -6.35 8.08
CA ARG B 90 -48.77 -4.97 7.69
C ARG B 90 -47.63 -4.28 8.41
N ILE B 91 -47.13 -4.87 9.50
CA ILE B 91 -45.95 -4.31 10.17
C ILE B 91 -44.72 -4.43 9.29
N ALA B 92 -44.68 -5.45 8.43
CA ALA B 92 -43.50 -5.67 7.59
C ALA B 92 -43.30 -4.54 6.59
N MET B 93 -44.38 -4.03 6.00
CA MET B 93 -44.29 -3.03 4.95
C MET B 93 -43.80 -1.71 5.52
N THR B 94 -42.63 -1.25 5.07
CA THR B 94 -41.98 -0.11 5.70
C THR B 94 -41.47 0.91 4.69
N TYR B 95 -42.14 1.05 3.55
CA TYR B 95 -41.83 2.06 2.55
C TYR B 95 -40.46 1.82 1.91
N GLU B 96 -39.72 0.85 2.45
CA GLU B 96 -38.46 0.40 1.89
C GLU B 96 -38.54 -1.04 1.41
N ARG B 97 -39.20 -1.90 2.18
CA ARG B 97 -39.53 -3.23 1.67
C ARG B 97 -40.42 -3.12 0.44
N ILE B 98 -41.40 -2.22 0.47
CA ILE B 98 -42.26 -2.04 -0.70
C ILE B 98 -41.44 -1.55 -1.89
N PHE B 99 -40.55 -0.58 -1.66
CA PHE B 99 -39.75 -0.06 -2.76
C PHE B 99 -38.86 -1.13 -3.36
N PHE B 100 -38.23 -1.95 -2.51
CA PHE B 100 -37.33 -2.96 -3.04
C PHE B 100 -38.08 -4.08 -3.74
N ILE B 101 -39.27 -4.43 -3.24
CA ILE B 101 -40.10 -5.41 -3.94
C ILE B 101 -40.51 -4.87 -5.30
N CYS B 102 -40.90 -3.60 -5.36
CA CYS B 102 -41.29 -3.01 -6.63
C CYS B 102 -40.12 -2.92 -7.59
N LEU B 103 -38.94 -2.56 -7.09
CA LEU B 103 -37.76 -2.51 -7.94
C LEU B 103 -37.42 -3.91 -8.48
N GLU B 104 -37.53 -4.92 -7.63
CA GLU B 104 -37.25 -6.28 -8.06
C GLU B 104 -38.23 -6.74 -9.13
N ILE B 105 -39.50 -6.43 -8.96
CA ILE B 105 -40.50 -6.79 -9.97
C ILE B 105 -40.27 -6.02 -11.27
N LEU B 106 -39.92 -4.74 -11.17
CA LEU B 106 -39.62 -3.96 -12.37
C LEU B 106 -38.42 -4.52 -13.12
N VAL B 107 -37.36 -4.88 -12.39
CA VAL B 107 -36.17 -5.44 -13.02
C VAL B 107 -36.49 -6.77 -13.68
N CYS B 108 -37.24 -7.63 -12.98
CA CYS B 108 -37.54 -8.96 -13.52
C CYS B 108 -38.65 -8.94 -14.55
N ALA B 109 -39.34 -7.82 -14.73
CA ALA B 109 -40.44 -7.76 -15.69
C ALA B 109 -40.01 -7.33 -17.08
N ILE B 110 -38.83 -6.78 -17.24
CA ILE B 110 -38.37 -6.31 -18.54
C ILE B 110 -37.94 -7.52 -19.36
N HIS B 111 -38.50 -7.64 -20.57
CA HIS B 111 -38.18 -8.71 -21.49
C HIS B 111 -38.72 -8.30 -22.86
N PRO B 112 -38.18 -8.88 -23.94
CA PRO B 112 -38.73 -8.58 -25.27
C PRO B 112 -40.10 -9.18 -25.50
N ILE B 113 -41.13 -8.34 -25.47
CA ILE B 113 -42.51 -8.78 -25.62
C ILE B 113 -42.74 -9.27 -27.04
N PRO B 114 -43.62 -10.25 -27.26
CA PRO B 114 -43.89 -10.71 -28.62
C PRO B 114 -44.46 -9.60 -29.48
N GLY B 115 -44.08 -9.62 -30.76
CA GLY B 115 -44.48 -8.57 -31.68
C GLY B 115 -43.34 -8.19 -32.62
N ASN B 116 -43.61 -7.25 -33.52
CA ASN B 116 -42.62 -6.78 -34.49
C ASN B 116 -42.64 -5.27 -34.47
N TYR B 117 -41.85 -4.68 -33.57
CA TYR B 117 -41.79 -3.23 -33.40
C TYR B 117 -40.38 -2.76 -33.73
N THR B 118 -40.28 -1.71 -34.53
CA THR B 118 -39.00 -1.19 -34.98
C THR B 118 -38.93 0.30 -34.71
N PHE B 119 -37.71 0.80 -34.58
CA PHE B 119 -37.48 2.22 -34.38
C PHE B 119 -36.27 2.64 -35.19
N THR B 120 -36.11 3.95 -35.35
CA THR B 120 -35.03 4.51 -36.14
C THR B 120 -33.85 4.84 -35.23
N TRP B 121 -32.67 4.37 -35.61
CA TRP B 121 -31.46 4.50 -34.82
C TRP B 121 -30.41 5.23 -35.64
N THR B 122 -29.91 6.34 -35.12
CA THR B 122 -28.90 7.14 -35.80
C THR B 122 -27.67 7.25 -34.92
N ALA B 123 -26.51 6.92 -35.47
CA ALA B 123 -25.25 6.97 -34.74
C ALA B 123 -24.17 7.54 -35.64
N ARG B 124 -23.16 8.13 -35.01
CA ARG B 124 -22.02 8.70 -35.72
C ARG B 124 -20.86 7.72 -35.66
N LEU B 125 -20.34 7.35 -36.82
CA LEU B 125 -19.29 6.35 -36.89
C LEU B 125 -18.01 6.87 -36.26
N ALA B 126 -17.24 5.95 -35.70
CA ALA B 126 -15.98 6.30 -35.05
C ALA B 126 -14.90 6.53 -36.09
N PHE B 127 -14.05 7.52 -35.83
CA PHE B 127 -12.84 7.81 -36.60
C PHE B 127 -13.15 8.40 -37.96
N SER B 128 -14.41 8.34 -38.40
CA SER B 128 -14.81 8.94 -39.66
C SER B 128 -15.91 9.95 -39.50
N TYR B 129 -16.62 9.95 -38.37
CA TYR B 129 -17.62 10.95 -38.05
C TYR B 129 -18.71 11.02 -39.10
N ALA B 130 -19.03 9.88 -39.69
CA ALA B 130 -20.07 9.77 -40.68
C ALA B 130 -21.35 9.26 -40.04
N PRO B 131 -22.50 9.79 -40.42
CA PRO B 131 -23.76 9.29 -39.86
C PRO B 131 -24.09 7.90 -40.35
N SER B 132 -24.92 7.21 -39.56
CA SER B 132 -25.43 5.88 -39.91
C SER B 132 -26.86 5.77 -39.39
N THR B 133 -27.80 5.57 -40.29
CA THR B 133 -29.20 5.40 -39.94
C THR B 133 -29.63 3.98 -40.25
N THR B 134 -30.20 3.30 -39.26
CA THR B 134 -30.76 1.98 -39.43
C THR B 134 -32.12 1.93 -38.76
N THR B 135 -32.96 1.02 -39.24
CA THR B 135 -34.24 0.73 -38.60
C THR B 135 -34.04 -0.50 -37.72
N ALA B 136 -33.91 -0.28 -36.43
CA ALA B 136 -33.62 -1.32 -35.46
C ALA B 136 -34.90 -1.80 -34.79
N ASP B 137 -34.92 -3.07 -34.40
CA ASP B 137 -36.05 -3.59 -33.66
C ASP B 137 -35.99 -3.13 -32.21
N VAL B 138 -37.16 -2.93 -31.61
CA VAL B 138 -37.22 -2.48 -30.23
C VAL B 138 -36.72 -3.54 -29.27
N ASP B 139 -36.63 -4.79 -29.71
CA ASP B 139 -36.32 -5.90 -28.81
C ASP B 139 -34.93 -5.79 -28.21
N ILE B 140 -34.02 -5.03 -28.80
CA ILE B 140 -32.68 -4.92 -28.24
C ILE B 140 -32.71 -4.10 -26.94
N ILE B 141 -33.50 -3.02 -26.92
CA ILE B 141 -33.65 -2.19 -25.74
C ILE B 141 -34.30 -2.96 -24.60
N LEU B 142 -35.06 -3.99 -24.90
CA LEU B 142 -35.69 -4.82 -23.89
C LEU B 142 -34.88 -6.05 -23.55
N SER B 143 -33.99 -6.47 -24.43
CA SER B 143 -33.14 -7.62 -24.18
C SER B 143 -31.96 -7.27 -23.29
N ILE B 144 -31.28 -6.16 -23.57
CA ILE B 144 -30.06 -5.84 -22.80
C ILE B 144 -30.33 -5.70 -21.31
N PRO B 145 -31.39 -5.03 -20.84
CA PRO B 145 -31.64 -4.95 -19.40
C PRO B 145 -31.94 -6.27 -18.73
N MET B 146 -32.13 -7.36 -19.49
CA MET B 146 -32.40 -8.65 -18.86
C MET B 146 -31.20 -9.18 -18.10
N PHE B 147 -29.99 -8.68 -18.38
CA PHE B 147 -28.82 -9.09 -17.62
C PHE B 147 -28.85 -8.58 -16.19
N LEU B 148 -29.77 -7.67 -15.86
CA LEU B 148 -29.90 -7.19 -14.49
C LEU B 148 -30.45 -8.26 -13.56
N ARG B 149 -30.97 -9.36 -14.10
CA ARG B 149 -31.50 -10.48 -13.33
C ARG B 149 -30.45 -11.26 -12.63
N LEU B 150 -29.19 -10.87 -12.64
CA LEU B 150 -28.14 -11.67 -12.03
C LEU B 150 -27.98 -11.42 -10.53
N TYR B 151 -28.76 -10.51 -9.95
CA TYR B 151 -28.78 -10.39 -8.49
C TYR B 151 -29.36 -11.64 -7.83
N LEU B 152 -30.15 -12.42 -8.58
CA LEU B 152 -30.66 -13.66 -8.04
C LEU B 152 -29.53 -14.63 -7.72
N ILE B 153 -28.41 -14.51 -8.42
CA ILE B 153 -27.23 -15.30 -8.09
C ILE B 153 -26.73 -14.93 -6.70
N ALA B 154 -26.69 -13.64 -6.38
CA ALA B 154 -26.27 -13.22 -5.05
C ALA B 154 -27.25 -13.71 -4.00
N ARG B 155 -28.54 -13.67 -4.31
CA ARG B 155 -29.54 -14.16 -3.35
C ARG B 155 -29.33 -15.65 -3.07
N VAL B 156 -29.14 -16.44 -4.13
CA VAL B 156 -28.91 -17.87 -3.95
C VAL B 156 -27.61 -18.11 -3.19
N MET B 157 -26.57 -17.32 -3.48
CA MET B 157 -25.30 -17.48 -2.80
C MET B 157 -25.43 -17.22 -1.31
N LEU B 158 -26.18 -16.19 -0.93
CA LEU B 158 -26.42 -15.95 0.49
C LEU B 158 -27.21 -17.10 1.11
N LEU B 159 -28.25 -17.57 0.43
CA LEU B 159 -29.12 -18.57 1.04
C LEU B 159 -28.49 -19.95 1.11
N HIS B 160 -27.51 -20.24 0.27
CA HIS B 160 -26.80 -21.51 0.33
C HIS B 160 -25.55 -21.46 1.20
N SER B 161 -25.25 -20.30 1.77
CA SER B 161 -24.03 -20.15 2.56
C SER B 161 -24.12 -20.95 3.86
N LYS B 162 -22.97 -21.45 4.30
CA LYS B 162 -22.90 -22.16 5.56
C LYS B 162 -22.95 -21.20 6.74
N LEU B 163 -22.31 -20.04 6.61
CA LEU B 163 -22.29 -19.08 7.69
C LEU B 163 -23.69 -18.60 8.04
N PHE B 164 -24.52 -18.37 7.02
CA PHE B 164 -25.85 -17.82 7.24
C PHE B 164 -26.80 -18.82 7.87
N THR B 165 -26.61 -20.11 7.60
CA THR B 165 -27.57 -21.12 8.00
C THR B 165 -27.13 -21.99 9.16
N ASP B 166 -25.82 -22.14 9.38
CA ASP B 166 -25.33 -23.05 10.40
C ASP B 166 -25.64 -22.54 11.80
N ALA B 167 -25.92 -23.47 12.71
CA ALA B 167 -26.24 -23.10 14.08
C ALA B 167 -24.99 -22.71 14.86
N SER B 168 -23.88 -23.40 14.64
CA SER B 168 -22.65 -23.04 15.34
C SER B 168 -22.20 -21.63 14.96
N SER B 169 -22.24 -21.31 13.67
CA SER B 169 -21.82 -19.99 13.25
C SER B 169 -22.68 -18.90 13.88
N ARG B 170 -24.00 -19.13 13.95
CA ARG B 170 -24.88 -18.16 14.57
C ARG B 170 -24.59 -18.03 16.07
N SER B 171 -24.34 -19.15 16.73
CA SER B 171 -24.11 -19.11 18.18
C SER B 171 -22.84 -18.32 18.52
N ILE B 172 -21.75 -18.55 17.78
CA ILE B 172 -20.53 -17.77 18.03
C ILE B 172 -20.67 -16.34 17.54
N GLY B 173 -21.35 -16.11 16.41
CA GLY B 173 -21.49 -14.77 15.90
C GLY B 173 -22.39 -13.89 16.74
N ALA B 174 -23.28 -14.49 17.54
CA ALA B 174 -24.10 -13.71 18.46
C ALA B 174 -23.30 -13.17 19.63
N LEU B 175 -22.14 -13.76 19.94
CA LEU B 175 -21.32 -13.24 21.03
C LEU B 175 -20.62 -11.95 20.63
N ASN B 176 -20.30 -11.77 19.35
CA ASN B 176 -19.68 -10.56 18.86
C ASN B 176 -20.67 -9.63 18.15
N LYS B 177 -21.95 -9.96 18.17
CA LYS B 177 -22.99 -9.17 17.52
C LYS B 177 -22.67 -8.97 16.04
N ILE B 178 -22.31 -10.06 15.39
CA ILE B 178 -22.02 -10.03 13.95
C ILE B 178 -23.33 -9.99 13.18
N ASN B 179 -23.38 -9.15 12.15
CA ASN B 179 -24.55 -9.05 11.29
C ASN B 179 -24.37 -9.98 10.10
N PHE B 180 -25.17 -11.05 10.06
CA PHE B 180 -25.07 -12.07 9.02
C PHE B 180 -25.93 -11.66 7.83
N ASN B 181 -25.36 -10.83 6.97
CA ASN B 181 -26.04 -10.36 5.77
C ASN B 181 -25.19 -10.70 4.55
N THR B 182 -25.64 -10.23 3.38
CA THR B 182 -24.92 -10.52 2.15
C THR B 182 -23.55 -9.88 2.15
N ARG B 183 -23.43 -8.69 2.73
CA ARG B 183 -22.14 -8.01 2.78
C ARG B 183 -21.12 -8.84 3.55
N PHE B 184 -21.52 -9.42 4.68
CA PHE B 184 -20.60 -10.22 5.48
C PHE B 184 -20.12 -11.44 4.70
N VAL B 185 -21.03 -12.13 4.01
CA VAL B 185 -20.66 -13.31 3.25
C VAL B 185 -19.73 -12.94 2.11
N MET B 186 -20.01 -11.83 1.42
CA MET B 186 -19.14 -11.41 0.33
C MET B 186 -17.75 -11.02 0.84
N LYS B 187 -17.68 -10.33 1.98
CA LYS B 187 -16.38 -9.98 2.54
C LYS B 187 -15.61 -11.23 2.98
N THR B 188 -16.33 -12.20 3.55
CA THR B 188 -15.69 -13.45 3.92
C THR B 188 -15.13 -14.16 2.70
N LEU B 189 -15.88 -14.18 1.60
CA LEU B 189 -15.38 -14.80 0.38
C LEU B 189 -14.17 -14.05 -0.17
N MET B 190 -14.20 -12.72 -0.13
CA MET B 190 -13.05 -11.95 -0.58
C MET B 190 -11.85 -12.10 0.33
N THR B 191 -12.05 -12.55 1.57
CA THR B 191 -10.93 -12.84 2.45
C THR B 191 -10.38 -14.24 2.25
N ILE B 192 -11.24 -15.24 2.09
CA ILE B 192 -10.78 -16.62 1.92
C ILE B 192 -10.20 -16.84 0.53
N CYS B 193 -10.98 -16.55 -0.50
CA CYS B 193 -10.64 -16.88 -1.88
C CYS B 193 -10.72 -15.63 -2.74
N PRO B 194 -9.79 -14.70 -2.57
CA PRO B 194 -9.89 -13.45 -3.35
C PRO B 194 -9.59 -13.63 -4.82
N GLY B 195 -8.56 -14.41 -5.15
CA GLY B 195 -8.22 -14.62 -6.54
C GLY B 195 -9.31 -15.34 -7.30
N THR B 196 -9.91 -16.36 -6.70
CA THR B 196 -10.99 -17.09 -7.37
C THR B 196 -12.20 -16.20 -7.59
N VAL B 197 -12.57 -15.41 -6.59
CA VAL B 197 -13.72 -14.52 -6.71
C VAL B 197 -13.47 -13.51 -7.83
N LEU B 198 -12.29 -12.89 -7.82
CA LEU B 198 -11.98 -11.89 -8.84
C LEU B 198 -11.90 -12.52 -10.22
N LEU B 199 -11.36 -13.74 -10.32
CA LEU B 199 -11.25 -14.41 -11.62
C LEU B 199 -12.63 -14.74 -12.18
N VAL B 200 -13.52 -15.30 -11.35
CA VAL B 200 -14.86 -15.63 -11.81
C VAL B 200 -15.60 -14.37 -12.22
N PHE B 201 -15.53 -13.32 -11.39
CA PHE B 201 -16.20 -12.08 -11.71
C PHE B 201 -15.68 -11.49 -13.02
N SER B 202 -14.36 -11.50 -13.21
CA SER B 202 -13.77 -10.92 -14.41
C SER B 202 -14.14 -11.70 -15.66
N ILE B 203 -14.11 -13.04 -15.60
CA ILE B 203 -14.44 -13.82 -16.79
C ILE B 203 -15.90 -13.64 -17.17
N SER B 204 -16.80 -13.68 -16.18
CA SER B 204 -18.21 -13.50 -16.47
C SER B 204 -18.49 -12.10 -17.00
N LEU B 205 -17.90 -11.07 -16.39
CA LEU B 205 -18.04 -9.71 -16.92
C LEU B 205 -17.50 -9.61 -18.32
N TRP B 206 -16.35 -10.25 -18.59
CA TRP B 206 -15.76 -10.21 -19.92
C TRP B 206 -16.73 -10.74 -20.97
N ILE B 207 -17.26 -11.94 -20.75
CA ILE B 207 -18.14 -12.53 -21.75
C ILE B 207 -19.44 -11.74 -21.88
N ILE B 208 -20.04 -11.34 -20.76
CA ILE B 208 -21.31 -10.62 -20.82
C ILE B 208 -21.14 -9.28 -21.51
N ALA B 209 -20.08 -8.53 -21.17
CA ALA B 209 -19.86 -7.22 -21.74
C ALA B 209 -19.49 -7.30 -23.21
N ALA B 210 -18.69 -8.30 -23.60
CA ALA B 210 -18.36 -8.48 -25.01
C ALA B 210 -19.60 -8.82 -25.82
N TRP B 211 -20.47 -9.69 -25.30
CA TRP B 211 -21.69 -9.98 -26.02
C TRP B 211 -22.61 -8.77 -26.11
N THR B 212 -22.70 -7.98 -25.03
CA THR B 212 -23.51 -6.77 -25.06
C THR B 212 -22.99 -5.77 -26.07
N VAL B 213 -21.67 -5.59 -26.13
CA VAL B 213 -21.07 -4.71 -27.12
C VAL B 213 -21.39 -5.19 -28.52
N ARG B 214 -21.26 -6.49 -28.76
CA ARG B 214 -21.57 -7.03 -30.09
C ARG B 214 -23.03 -6.79 -30.46
N ALA B 215 -23.94 -7.04 -29.52
CA ALA B 215 -25.37 -6.91 -29.78
C ALA B 215 -25.74 -5.46 -30.07
N CYS B 216 -25.12 -4.51 -29.38
CA CYS B 216 -25.39 -3.10 -29.67
C CYS B 216 -24.71 -2.65 -30.96
N GLU B 217 -23.50 -3.14 -31.22
CA GLU B 217 -22.71 -2.62 -32.33
C GLU B 217 -23.05 -3.24 -33.66
N ARG B 218 -23.74 -4.38 -33.68
CA ARG B 218 -24.00 -5.04 -34.94
C ARG B 218 -24.92 -4.25 -35.84
N TYR B 219 -25.63 -3.26 -35.31
CA TYR B 219 -26.58 -2.49 -36.10
C TYR B 219 -25.88 -1.47 -37.01
N HIS B 220 -24.82 -0.85 -36.52
CA HIS B 220 -24.13 0.19 -37.27
C HIS B 220 -22.76 -0.25 -37.76
N ASP B 221 -22.46 -1.52 -37.65
CA ASP B 221 -21.17 -2.09 -38.06
C ASP B 221 -21.40 -2.97 -39.27
N GLN B 222 -20.88 -2.53 -40.42
CA GLN B 222 -20.91 -3.34 -41.64
C GLN B 222 -19.50 -3.65 -42.11
N GLN B 223 -18.54 -3.63 -41.18
CA GLN B 223 -17.14 -3.89 -41.51
C GLN B 223 -16.52 -4.94 -40.61
N ASP B 224 -17.31 -5.58 -39.73
CA ASP B 224 -16.85 -6.69 -38.90
C ASP B 224 -15.69 -6.27 -38.01
N VAL B 225 -15.96 -5.29 -37.15
CA VAL B 225 -14.94 -4.74 -36.28
C VAL B 225 -15.34 -4.90 -34.83
N THR B 226 -16.42 -4.22 -34.43
CA THR B 226 -16.95 -4.31 -33.08
C THR B 226 -18.13 -5.24 -32.96
N SER B 227 -18.74 -5.62 -34.08
CA SER B 227 -19.73 -6.68 -34.11
C SER B 227 -19.11 -8.07 -34.17
N ASN B 228 -17.79 -8.16 -34.27
CA ASN B 228 -17.09 -9.43 -34.15
C ASN B 228 -17.00 -9.81 -32.67
N PHE B 229 -17.38 -11.05 -32.34
CA PHE B 229 -17.36 -11.44 -30.93
C PHE B 229 -15.94 -11.44 -30.39
N LEU B 230 -14.98 -11.94 -31.17
CA LEU B 230 -13.60 -12.01 -30.72
C LEU B 230 -12.99 -10.61 -30.63
N GLY B 231 -13.34 -9.74 -31.58
CA GLY B 231 -12.92 -8.35 -31.49
C GLY B 231 -13.53 -7.63 -30.30
N ALA B 232 -14.79 -7.92 -30.00
CA ALA B 232 -15.41 -7.35 -28.80
C ALA B 232 -14.74 -7.86 -27.53
N MET B 233 -14.35 -9.13 -27.51
CA MET B 233 -13.61 -9.66 -26.38
C MET B 233 -12.29 -8.92 -26.19
N TRP B 234 -11.57 -8.68 -27.29
CA TRP B 234 -10.32 -7.93 -27.20
C TRP B 234 -10.57 -6.50 -26.73
N LEU B 235 -11.61 -5.85 -27.24
CA LEU B 235 -11.92 -4.48 -26.84
C LEU B 235 -12.21 -4.41 -25.35
N ILE B 236 -13.00 -5.34 -24.84
CA ILE B 236 -13.32 -5.35 -23.41
C ILE B 236 -12.06 -5.58 -22.59
N SER B 237 -11.18 -6.47 -23.07
CA SER B 237 -9.96 -6.75 -22.32
C SER B 237 -9.03 -5.54 -22.27
N ILE B 238 -8.93 -4.77 -23.36
CA ILE B 238 -8.01 -3.64 -23.36
C ILE B 238 -8.61 -2.38 -22.75
N THR B 239 -9.93 -2.27 -22.63
CA THR B 239 -10.47 -1.18 -21.82
C THR B 239 -10.48 -1.53 -20.34
N PHE B 240 -10.63 -2.82 -20.02
CA PHE B 240 -10.49 -3.27 -18.64
C PHE B 240 -9.10 -2.96 -18.11
N LEU B 241 -8.07 -3.18 -18.94
CA LEU B 241 -6.68 -3.01 -18.53
C LEU B 241 -6.21 -1.58 -18.69
N SER B 242 -7.05 -0.71 -19.26
CA SER B 242 -6.78 0.71 -19.48
C SER B 242 -5.60 0.92 -20.42
N ILE B 243 -5.37 -0.02 -21.33
CA ILE B 243 -4.42 0.22 -22.40
C ILE B 243 -5.08 1.18 -23.37
N GLY B 244 -6.32 0.92 -23.70
CA GLY B 244 -7.09 1.85 -24.50
C GLY B 244 -7.69 1.17 -25.70
N TYR B 245 -8.54 1.90 -26.38
CA TYR B 245 -9.13 1.45 -27.63
C TYR B 245 -8.03 1.37 -28.67
N GLY B 246 -8.14 0.43 -29.59
CA GLY B 246 -7.21 0.44 -30.69
C GLY B 246 -7.83 1.26 -31.78
N ASP B 247 -8.20 0.59 -32.87
CA ASP B 247 -9.17 1.10 -33.82
C ASP B 247 -10.58 0.60 -33.51
N MET B 248 -10.82 0.26 -32.25
CA MET B 248 -12.01 -0.43 -31.80
C MET B 248 -12.97 0.47 -31.04
N VAL B 249 -13.07 1.73 -31.43
CA VAL B 249 -13.99 2.62 -30.72
C VAL B 249 -15.41 2.24 -31.09
N PRO B 250 -16.31 2.12 -30.11
CA PRO B 250 -17.72 1.83 -30.42
C PRO B 250 -18.37 2.94 -31.23
N ASN B 251 -19.24 2.54 -32.15
CA ASN B 251 -20.03 3.51 -32.92
C ASN B 251 -21.28 3.96 -32.19
N THR B 252 -21.66 3.30 -31.11
CA THR B 252 -22.92 3.56 -30.43
C THR B 252 -22.65 3.96 -28.99
N TYR B 253 -23.59 4.71 -28.41
CA TYR B 253 -23.48 5.09 -27.01
C TYR B 253 -23.72 3.91 -26.08
N CYS B 254 -24.40 2.85 -26.54
CA CYS B 254 -24.49 1.63 -25.77
C CYS B 254 -23.11 0.99 -25.61
N GLY B 255 -22.36 0.89 -26.72
CA GLY B 255 -21.02 0.36 -26.64
C GLY B 255 -20.10 1.22 -25.80
N LYS B 256 -20.21 2.54 -25.94
CA LYS B 256 -19.40 3.43 -25.11
C LYS B 256 -19.73 3.30 -23.64
N GLY B 257 -21.01 3.17 -23.30
CA GLY B 257 -21.38 2.96 -21.91
C GLY B 257 -20.86 1.65 -21.36
N VAL B 258 -20.93 0.59 -22.16
CA VAL B 258 -20.40 -0.70 -21.73
C VAL B 258 -18.89 -0.62 -21.52
N CYS B 259 -18.19 0.06 -22.43
CA CYS B 259 -16.74 0.22 -22.29
C CYS B 259 -16.38 1.06 -21.08
N LEU B 260 -17.15 2.12 -20.81
CA LEU B 260 -16.91 2.92 -19.61
C LEU B 260 -17.14 2.11 -18.34
N LEU B 261 -18.20 1.32 -18.30
CA LEU B 261 -18.45 0.47 -17.15
C LEU B 261 -17.34 -0.57 -16.97
N THR B 262 -16.85 -1.12 -18.07
CA THR B 262 -15.71 -2.04 -18.02
C THR B 262 -14.45 -1.36 -17.51
N GLY B 263 -14.20 -0.12 -17.94
CA GLY B 263 -13.05 0.60 -17.45
C GLY B 263 -13.13 0.95 -15.98
N ILE B 264 -14.30 1.36 -15.51
CA ILE B 264 -14.48 1.61 -14.08
C ILE B 264 -14.28 0.34 -13.28
N MET B 265 -14.85 -0.78 -13.74
CA MET B 265 -14.66 -2.04 -13.03
C MET B 265 -13.20 -2.47 -13.04
N GLY B 266 -12.52 -2.29 -14.17
CA GLY B 266 -11.13 -2.69 -14.26
C GLY B 266 -10.22 -1.87 -13.37
N ALA B 267 -10.47 -0.57 -13.27
CA ALA B 267 -9.63 0.30 -12.45
C ALA B 267 -9.54 -0.20 -11.01
N GLY B 268 -10.57 -0.85 -10.50
CA GLY B 268 -10.55 -1.37 -9.15
C GLY B 268 -10.17 -2.83 -9.08
N CYS B 269 -10.65 -3.63 -10.02
CA CYS B 269 -10.37 -5.05 -10.02
C CYS B 269 -8.89 -5.32 -10.25
N THR B 270 -8.25 -4.54 -11.12
CA THR B 270 -6.82 -4.71 -11.37
C THR B 270 -6.01 -4.46 -10.10
N ALA B 271 -6.33 -3.40 -9.38
CA ALA B 271 -5.60 -3.08 -8.16
C ALA B 271 -5.82 -4.14 -7.09
N LEU B 272 -7.06 -4.64 -6.98
CA LEU B 272 -7.33 -5.71 -6.02
C LEU B 272 -6.55 -6.97 -6.37
N VAL B 273 -6.51 -7.33 -7.66
CA VAL B 273 -5.78 -8.51 -8.10
C VAL B 273 -4.29 -8.35 -7.82
N VAL B 274 -3.75 -7.17 -8.05
CA VAL B 274 -2.34 -6.94 -7.81
C VAL B 274 -2.02 -7.05 -6.32
N ALA B 275 -2.91 -6.54 -5.46
CA ALA B 275 -2.71 -6.72 -4.04
C ALA B 275 -2.73 -8.20 -3.65
N VAL B 276 -3.62 -8.97 -4.25
CA VAL B 276 -3.66 -10.42 -3.99
C VAL B 276 -2.35 -11.08 -4.39
N VAL B 277 -1.84 -10.73 -5.58
CA VAL B 277 -0.60 -11.35 -6.05
C VAL B 277 0.56 -10.96 -5.16
N ALA B 278 0.64 -9.69 -4.77
CA ALA B 278 1.70 -9.24 -3.89
C ALA B 278 1.66 -9.97 -2.55
N ARG B 279 0.46 -10.20 -2.01
CA ARG B 279 0.36 -10.96 -0.77
C ARG B 279 0.78 -12.40 -0.98
N LYS B 280 0.43 -12.99 -2.13
CA LYS B 280 0.76 -14.39 -2.37
C LYS B 280 2.23 -14.62 -2.70
N LEU B 281 2.97 -13.57 -3.04
CA LEU B 281 4.41 -13.70 -3.27
C LEU B 281 5.22 -13.50 -1.99
N GLU B 282 4.56 -13.30 -0.86
CA GLU B 282 5.24 -13.01 0.39
C GLU B 282 5.50 -14.29 1.16
N LEU B 283 6.66 -14.36 1.81
CA LEU B 283 7.03 -15.53 2.58
C LEU B 283 6.17 -15.66 3.84
N THR B 284 5.89 -16.90 4.21
CA THR B 284 5.21 -17.18 5.46
C THR B 284 6.14 -16.87 6.62
N LYS B 285 5.57 -16.71 7.82
CA LYS B 285 6.37 -16.38 8.99
C LYS B 285 7.43 -17.43 9.27
N ALA B 286 7.07 -18.71 9.18
CA ALA B 286 8.05 -19.76 9.37
C ALA B 286 9.12 -19.73 8.28
N GLU B 287 8.70 -19.51 7.03
CA GLU B 287 9.65 -19.38 5.94
C GLU B 287 10.55 -18.17 6.14
N LYS B 288 9.99 -17.09 6.68
CA LYS B 288 10.81 -15.93 7.01
C LYS B 288 11.86 -16.27 8.05
N HIS B 289 11.49 -17.00 9.09
CA HIS B 289 12.46 -17.38 10.11
C HIS B 289 13.58 -18.22 9.52
N VAL B 290 13.21 -19.21 8.71
CA VAL B 290 14.22 -20.08 8.12
C VAL B 290 15.15 -19.29 7.21
N HIS B 291 14.59 -18.39 6.39
CA HIS B 291 15.40 -17.61 5.48
C HIS B 291 16.36 -16.69 6.24
N ASN B 292 15.88 -16.04 7.29
CA ASN B 292 16.74 -15.18 8.08
C ASN B 292 17.88 -15.98 8.72
N PHE B 293 17.56 -17.18 9.21
CA PHE B 293 18.60 -18.03 9.79
C PHE B 293 19.68 -18.36 8.77
N MET B 294 19.27 -18.81 7.59
CA MET B 294 20.26 -19.21 6.59
C MET B 294 21.08 -18.01 6.10
N MET B 295 20.42 -16.87 5.90
CA MET B 295 21.14 -15.68 5.47
C MET B 295 22.13 -15.21 6.53
N ASP B 296 21.76 -15.30 7.81
CA ASP B 296 22.69 -14.95 8.87
C ASP B 296 23.90 -15.88 8.88
N THR B 297 23.67 -17.17 8.63
CA THR B 297 24.80 -18.11 8.54
C THR B 297 25.76 -17.69 7.42
N GLN B 298 25.21 -17.39 6.23
CA GLN B 298 26.06 -16.98 5.13
C GLN B 298 26.79 -15.68 5.44
N LEU B 299 26.10 -14.75 6.11
CA LEU B 299 26.72 -13.48 6.46
C LEU B 299 27.88 -13.69 7.42
N THR B 300 27.73 -14.59 8.39
CA THR B 300 28.84 -14.89 9.29
C THR B 300 30.04 -15.45 8.52
N LYS B 301 29.78 -16.37 7.59
CA LYS B 301 30.88 -16.90 6.80
C LYS B 301 31.60 -15.80 6.03
N ARG B 302 30.83 -14.90 5.41
CA ARG B 302 31.44 -13.84 4.62
C ARG B 302 32.19 -12.83 5.50
N VAL B 303 31.70 -12.55 6.69
CA VAL B 303 32.41 -11.68 7.62
C VAL B 303 33.76 -12.29 7.98
N LYS B 304 33.77 -13.59 8.27
CA LYS B 304 35.02 -14.26 8.60
C LYS B 304 36.00 -14.21 7.43
N ASN B 305 35.51 -14.44 6.21
CA ASN B 305 36.39 -14.39 5.05
C ASN B 305 36.97 -12.99 4.85
N ALA B 306 36.14 -11.96 5.00
CA ALA B 306 36.61 -10.59 4.81
C ALA B 306 37.67 -10.23 5.84
N ALA B 307 37.45 -10.59 7.10
CA ALA B 307 38.44 -10.28 8.13
C ALA B 307 39.74 -11.04 7.89
N ALA B 308 39.65 -12.28 7.42
CA ALA B 308 40.85 -13.02 7.08
C ALA B 308 41.63 -12.32 5.98
N ASN B 309 40.93 -11.83 4.95
CA ASN B 309 41.61 -11.12 3.88
C ASN B 309 42.25 -9.83 4.38
N VAL B 310 41.57 -9.13 5.29
CA VAL B 310 42.15 -7.91 5.86
C VAL B 310 43.47 -8.22 6.54
N LEU B 311 43.48 -9.23 7.41
CA LEU B 311 44.72 -9.58 8.11
C LEU B 311 45.79 -10.06 7.15
N ARG B 312 45.41 -10.85 6.15
CA ARG B 312 46.38 -11.35 5.18
C ARG B 312 47.05 -10.22 4.43
N GLU B 313 46.27 -9.25 3.97
CA GLU B 313 46.85 -8.14 3.23
C GLU B 313 47.69 -7.24 4.12
N THR B 314 47.28 -7.05 5.38
CA THR B 314 48.13 -6.30 6.30
C THR B 314 49.49 -6.97 6.45
N TRP B 315 49.49 -8.29 6.65
CA TRP B 315 50.75 -9.01 6.80
C TRP B 315 51.59 -8.90 5.54
N LEU B 316 50.96 -9.06 4.37
CA LEU B 316 51.72 -9.02 3.12
C LEU B 316 52.34 -7.65 2.90
N ILE B 317 51.59 -6.58 3.20
CA ILE B 317 52.15 -5.24 3.07
C ILE B 317 53.34 -5.08 3.99
N TYR B 318 53.20 -5.51 5.26
CA TYR B 318 54.31 -5.36 6.19
C TYR B 318 55.53 -6.15 5.71
N LYS B 319 55.31 -7.36 5.22
CA LYS B 319 56.44 -8.19 4.77
C LYS B 319 57.15 -7.54 3.60
N ASN B 320 56.41 -7.18 2.55
CA ASN B 320 57.05 -6.60 1.38
C ASN B 320 57.55 -5.18 1.62
N THR B 321 57.18 -4.55 2.73
CA THR B 321 57.70 -3.24 3.05
C THR B 321 58.97 -3.29 3.90
N LYS B 322 58.95 -4.05 4.99
CA LYS B 322 60.06 -4.02 5.95
C LYS B 322 60.62 -5.41 6.21
N LEU B 323 60.58 -6.30 5.21
CA LEU B 323 61.20 -7.61 5.36
C LEU B 323 61.97 -8.08 4.14
N VAL B 324 61.78 -7.49 2.97
CA VAL B 324 62.48 -7.89 1.77
C VAL B 324 63.71 -7.01 1.58
N LYS B 325 64.75 -7.57 0.96
CA LYS B 325 66.01 -6.84 0.79
C LYS B 325 65.82 -5.59 -0.05
N LYS B 326 65.09 -5.69 -1.16
CA LYS B 326 64.73 -4.55 -1.98
C LYS B 326 63.23 -4.52 -2.12
N ILE B 327 62.64 -3.36 -1.87
CA ILE B 327 61.18 -3.24 -1.85
C ILE B 327 60.67 -3.09 -3.28
N ASP B 328 59.74 -3.95 -3.67
CA ASP B 328 59.10 -3.88 -4.98
C ASP B 328 57.85 -3.02 -4.83
N HIS B 329 57.91 -1.80 -5.35
CA HIS B 329 56.82 -0.86 -5.13
C HIS B 329 55.52 -1.31 -5.79
N ALA B 330 55.60 -1.97 -6.94
CA ALA B 330 54.38 -2.45 -7.60
C ALA B 330 53.66 -3.47 -6.73
N LYS B 331 54.39 -4.42 -6.15
CA LYS B 331 53.79 -5.43 -5.30
C LYS B 331 53.17 -4.80 -4.05
N VAL B 332 53.88 -3.86 -3.43
CA VAL B 332 53.37 -3.21 -2.22
C VAL B 332 52.12 -2.40 -2.54
N ARG B 333 52.11 -1.71 -3.68
CA ARG B 333 50.92 -0.96 -4.08
C ARG B 333 49.74 -1.89 -4.34
N LYS B 334 50.00 -3.03 -5.00
CA LYS B 334 48.93 -3.98 -5.25
C LYS B 334 48.34 -4.49 -3.94
N HIS B 335 49.20 -4.80 -2.97
CA HIS B 335 48.71 -5.30 -1.71
C HIS B 335 48.00 -4.22 -0.90
N GLN B 336 48.42 -2.96 -1.04
CA GLN B 336 47.71 -1.88 -0.36
C GLN B 336 46.32 -1.66 -0.97
N ARG B 337 46.21 -1.75 -2.29
CA ARG B 337 44.90 -1.68 -2.92
C ARG B 337 44.02 -2.84 -2.47
N LYS B 338 44.58 -4.05 -2.40
CA LYS B 338 43.80 -5.18 -1.92
C LYS B 338 43.42 -5.03 -0.46
N PHE B 339 44.27 -4.41 0.36
CA PHE B 339 43.94 -4.15 1.75
C PHE B 339 42.76 -3.20 1.86
N LEU B 340 42.75 -2.14 1.04
CA LEU B 340 41.62 -1.22 1.05
C LEU B 340 40.35 -1.90 0.59
N GLN B 341 40.44 -2.75 -0.44
CA GLN B 341 39.27 -3.49 -0.89
C GLN B 341 38.74 -4.40 0.22
N ALA B 342 39.65 -5.07 0.94
CA ALA B 342 39.23 -5.95 2.02
C ALA B 342 38.54 -5.16 3.12
N ILE B 343 39.05 -3.98 3.44
CA ILE B 343 38.41 -3.14 4.44
C ILE B 343 37.00 -2.76 4.01
N HIS B 344 36.84 -2.38 2.74
CA HIS B 344 35.51 -2.03 2.25
C HIS B 344 34.56 -3.22 2.29
N GLN B 345 35.04 -4.40 1.92
CA GLN B 345 34.20 -5.59 1.97
C GLN B 345 33.77 -5.89 3.40
N LEU B 346 34.70 -5.76 4.35
CA LEU B 346 34.34 -6.00 5.75
C LEU B 346 33.28 -5.03 6.22
N ARG B 347 33.43 -3.74 5.88
CA ARG B 347 32.44 -2.75 6.28
C ARG B 347 31.06 -3.07 5.68
N SER B 348 31.03 -3.39 4.39
CA SER B 348 29.75 -3.64 3.73
C SER B 348 29.07 -4.89 4.28
N VAL B 349 29.83 -5.96 4.50
CA VAL B 349 29.21 -7.17 5.01
C VAL B 349 28.74 -6.97 6.44
N LYS B 350 29.47 -6.18 7.24
CA LYS B 350 29.00 -5.92 8.59
C LYS B 350 27.72 -5.09 8.58
N MET B 351 27.61 -4.12 7.67
CA MET B 351 26.37 -3.35 7.63
C MET B 351 25.20 -4.20 7.12
N GLU B 352 25.45 -5.12 6.19
CA GLU B 352 24.40 -6.05 5.79
C GLU B 352 23.95 -6.91 6.96
N GLN B 353 24.90 -7.40 7.75
CA GLN B 353 24.56 -8.21 8.92
C GLN B 353 23.76 -7.39 9.93
N ARG B 354 24.12 -6.12 10.09
CA ARG B 354 23.37 -5.23 10.98
C ARG B 354 21.95 -5.02 10.48
N LYS B 355 21.77 -4.81 9.18
CA LYS B 355 20.42 -4.66 8.62
C LYS B 355 19.61 -5.92 8.85
N LEU B 356 20.21 -7.09 8.63
CA LEU B 356 19.48 -8.34 8.83
C LEU B 356 19.09 -8.53 10.29
N ASN B 357 19.99 -8.19 11.21
CA ASN B 357 19.63 -8.26 12.62
C ASN B 357 18.52 -7.28 12.97
N ASP B 358 18.42 -6.16 12.24
CA ASP B 358 17.31 -5.24 12.45
C ASP B 358 15.99 -5.83 11.98
N GLN B 359 15.97 -6.38 10.75
CA GLN B 359 14.72 -6.98 10.29
C GLN B 359 14.39 -8.30 10.97
N ALA B 360 15.34 -8.90 11.69
CA ALA B 360 15.07 -10.16 12.37
C ALA B 360 14.21 -9.97 13.61
N ASN B 361 13.97 -8.73 14.05
CA ASN B 361 13.12 -8.47 15.19
C ASN B 361 11.66 -8.33 14.76
N ILE C 1 22.39 -44.97 6.90
CA ILE C 1 23.80 -45.29 6.91
C ILE C 1 24.53 -44.52 5.82
N GLY C 2 25.76 -44.91 5.53
CA GLY C 2 26.55 -44.24 4.52
C GLY C 2 26.27 -44.65 3.10
N TYR C 3 25.36 -45.59 2.86
CA TYR C 3 25.04 -46.03 1.52
C TYR C 3 23.76 -45.41 0.98
N LYS C 4 22.69 -45.38 1.78
CA LYS C 4 21.42 -44.85 1.28
C LYS C 4 21.54 -43.36 0.96
N LEU C 5 22.24 -42.61 1.80
CA LEU C 5 22.39 -41.18 1.56
C LEU C 5 23.23 -40.92 0.31
N GLY C 6 24.30 -41.69 0.11
CA GLY C 6 25.07 -41.57 -1.11
C GLY C 6 24.28 -41.98 -2.34
N HIS C 7 23.41 -42.98 -2.21
CA HIS C 7 22.56 -43.37 -3.33
C HIS C 7 21.60 -42.24 -3.70
N ARG C 8 20.99 -41.61 -2.70
CA ARG C 8 20.13 -40.47 -3.00
C ARG C 8 20.91 -39.33 -3.64
N ARG C 9 22.13 -39.08 -3.17
CA ARG C 9 22.93 -38.02 -3.76
C ARG C 9 23.26 -38.33 -5.22
N ALA C 10 23.61 -39.58 -5.52
CA ALA C 10 23.90 -39.96 -6.90
C ALA C 10 22.66 -39.83 -7.78
N LEU C 11 21.51 -40.24 -7.26
CA LEU C 11 20.28 -40.10 -8.04
C LEU C 11 19.96 -38.63 -8.31
N PHE C 12 20.16 -37.77 -7.32
CA PHE C 12 19.93 -36.34 -7.53
C PHE C 12 20.88 -35.79 -8.57
N GLU C 13 22.14 -36.22 -8.55
CA GLU C 13 23.11 -35.75 -9.54
C GLU C 13 22.71 -36.19 -10.94
N LYS C 14 22.24 -37.43 -11.08
CA LYS C 14 21.77 -37.89 -12.39
C LYS C 14 20.58 -37.08 -12.88
N ARG C 15 19.63 -36.80 -11.98
CA ARG C 15 18.49 -35.96 -12.34
C ARG C 15 18.93 -34.57 -12.78
N LYS C 16 19.90 -34.00 -12.07
CA LYS C 16 20.39 -32.67 -12.42
C LYS C 16 21.04 -32.66 -13.79
N ARG C 17 21.84 -33.68 -14.09
CA ARG C 17 22.46 -33.77 -15.41
C ARG C 17 21.43 -33.93 -16.51
N LEU C 18 20.40 -34.76 -16.27
CA LEU C 18 19.37 -34.93 -17.27
C LEU C 18 18.61 -33.64 -17.52
N SER C 19 18.35 -32.87 -16.45
CA SER C 19 17.71 -31.57 -16.62
C SER C 19 18.58 -30.63 -17.44
N ASP C 20 19.89 -30.62 -17.18
CA ASP C 20 20.79 -29.76 -17.95
C ASP C 20 20.75 -30.12 -19.43
N TYR C 21 20.82 -31.41 -19.74
CA TYR C 21 20.80 -31.83 -21.13
C TYR C 21 19.48 -31.49 -21.80
N ALA C 22 18.36 -31.68 -21.09
CA ALA C 22 17.07 -31.34 -21.66
C ALA C 22 16.97 -29.85 -21.95
N LEU C 23 17.46 -29.00 -21.04
CA LEU C 23 17.45 -27.57 -21.30
C LEU C 23 18.33 -27.22 -22.49
N ILE C 24 19.50 -27.86 -22.60
CA ILE C 24 20.39 -27.57 -23.72
C ILE C 24 19.71 -27.90 -25.05
N PHE C 25 19.07 -29.06 -25.12
CA PHE C 25 18.46 -29.47 -26.39
C PHE C 25 17.21 -28.67 -26.71
N GLY C 26 16.41 -28.33 -25.69
CA GLY C 26 15.27 -27.46 -25.93
C GLY C 26 15.67 -26.08 -26.43
N MET C 27 16.69 -25.48 -25.80
CA MET C 27 17.15 -24.18 -26.26
C MET C 27 17.77 -24.26 -27.63
N PHE C 28 18.46 -25.35 -27.94
CA PHE C 28 19.00 -25.53 -29.29
C PHE C 28 17.87 -25.57 -30.32
N GLY C 29 16.79 -26.28 -30.01
CA GLY C 29 15.66 -26.31 -30.92
C GLY C 29 15.00 -24.96 -31.11
N ILE C 30 14.84 -24.22 -30.02
CA ILE C 30 14.26 -22.88 -30.14
C ILE C 30 15.14 -21.96 -30.98
N VAL C 31 16.46 -22.02 -30.76
CA VAL C 31 17.37 -21.15 -31.49
C VAL C 31 17.36 -21.49 -32.98
N VAL C 32 17.39 -22.78 -33.32
CA VAL C 32 17.35 -23.14 -34.74
C VAL C 32 16.00 -22.78 -35.35
N MET C 33 14.92 -22.86 -34.58
CA MET C 33 13.63 -22.40 -35.09
C MET C 33 13.64 -20.91 -35.40
N VAL C 34 14.23 -20.11 -34.51
CA VAL C 34 14.29 -18.68 -34.74
C VAL C 34 15.13 -18.37 -35.99
N ILE C 35 16.26 -19.06 -36.14
CA ILE C 35 17.10 -18.84 -37.31
C ILE C 35 16.37 -19.21 -38.58
N GLU C 36 15.69 -20.36 -38.59
CA GLU C 36 15.00 -20.81 -39.79
C GLU C 36 13.82 -19.91 -40.13
N THR C 37 13.09 -19.44 -39.12
CA THR C 37 12.00 -18.50 -39.34
C THR C 37 12.51 -17.22 -39.96
N GLU C 38 13.63 -16.70 -39.45
CA GLU C 38 14.19 -15.47 -40.01
C GLU C 38 14.70 -15.67 -41.42
N LEU C 39 15.34 -16.81 -41.70
CA LEU C 39 16.00 -16.99 -42.99
C LEU C 39 15.06 -17.43 -44.09
N SER C 40 13.97 -18.14 -43.78
CA SER C 40 13.07 -18.58 -44.83
C SER C 40 12.21 -17.45 -45.38
N TRP C 41 12.04 -16.36 -44.63
CA TRP C 41 11.36 -15.19 -45.18
C TRP C 41 12.22 -14.50 -46.22
N GLY C 42 13.54 -14.59 -46.08
CA GLY C 42 14.48 -13.94 -46.96
C GLY C 42 15.28 -14.90 -47.81
N ALA C 43 16.47 -15.24 -47.33
CA ALA C 43 17.49 -15.96 -48.06
C ALA C 43 16.95 -17.12 -48.89
N TYR C 44 16.34 -18.11 -48.26
CA TYR C 44 15.88 -19.29 -48.98
C TYR C 44 14.37 -19.48 -48.83
N ASP C 45 13.81 -20.24 -49.76
CA ASP C 45 12.38 -20.54 -49.75
C ASP C 45 12.10 -21.71 -48.80
N LYS C 46 10.83 -22.11 -48.72
CA LYS C 46 10.48 -23.26 -47.91
C LYS C 46 10.70 -24.57 -48.64
N ALA C 47 10.87 -24.54 -49.96
CA ALA C 47 11.18 -25.73 -50.73
C ALA C 47 12.68 -25.92 -50.91
N SER C 48 13.50 -25.06 -50.31
CA SER C 48 14.93 -25.17 -50.40
C SER C 48 15.42 -26.34 -49.56
N LEU C 49 16.69 -26.70 -49.75
CA LEU C 49 17.31 -27.74 -48.94
C LEU C 49 17.89 -27.21 -47.64
N TYR C 50 18.19 -25.92 -47.54
CA TYR C 50 18.57 -25.36 -46.25
C TYR C 50 17.41 -25.46 -45.26
N SER C 51 16.19 -25.20 -45.73
CA SER C 51 15.02 -25.33 -44.89
C SER C 51 14.85 -26.77 -44.41
N LEU C 52 15.02 -27.72 -45.32
CA LEU C 52 14.92 -29.13 -44.95
C LEU C 52 15.98 -29.51 -43.93
N ALA C 53 17.22 -29.06 -44.16
CA ALA C 53 18.30 -29.40 -43.24
C ALA C 53 18.03 -28.87 -41.85
N LEU C 54 17.63 -27.60 -41.76
CA LEU C 54 17.41 -27.00 -40.45
C LEU C 54 16.20 -27.62 -39.75
N LYS C 55 15.14 -27.95 -40.50
CA LYS C 55 13.99 -28.57 -39.86
C LYS C 55 14.24 -30.02 -39.46
N CYS C 56 15.03 -30.77 -40.23
CA CYS C 56 15.43 -32.10 -39.81
C CYS C 56 16.29 -32.04 -38.55
N LEU C 57 17.17 -31.04 -38.48
CA LEU C 57 17.96 -30.83 -37.28
C LEU C 57 17.06 -30.52 -36.08
N ILE C 58 16.02 -29.71 -36.29
CA ILE C 58 15.04 -29.42 -35.24
C ILE C 58 14.37 -30.71 -34.77
N SER C 59 13.95 -31.55 -35.72
CA SER C 59 13.25 -32.79 -35.36
C SER C 59 14.15 -33.74 -34.60
N LEU C 60 15.42 -33.84 -34.99
CA LEU C 60 16.35 -34.68 -34.23
C LEU C 60 16.55 -34.16 -32.82
N SER C 61 16.70 -32.84 -32.67
CA SER C 61 16.79 -32.27 -31.33
C SER C 61 15.55 -32.58 -30.52
N THR C 62 14.37 -32.54 -31.15
CA THR C 62 13.14 -32.82 -30.44
C THR C 62 13.07 -34.28 -29.98
N ILE C 63 13.53 -35.20 -30.83
CA ILE C 63 13.54 -36.61 -30.44
C ILE C 63 14.46 -36.82 -29.24
N ILE C 64 15.66 -36.23 -29.30
CA ILE C 64 16.59 -36.38 -28.18
C ILE C 64 16.00 -35.74 -26.92
N LEU C 65 15.31 -34.61 -27.07
CA LEU C 65 14.69 -33.94 -25.92
C LEU C 65 13.60 -34.80 -25.30
N LEU C 66 12.77 -35.44 -26.12
CA LEU C 66 11.74 -36.31 -25.59
C LEU C 66 12.34 -37.49 -24.86
N GLY C 67 13.39 -38.09 -25.43
CA GLY C 67 14.07 -39.16 -24.74
C GLY C 67 14.64 -38.71 -23.40
N LEU C 68 15.25 -37.53 -23.37
CA LEU C 68 15.81 -37.02 -22.13
C LEU C 68 14.75 -36.77 -21.08
N ILE C 69 13.58 -36.26 -21.49
CA ILE C 69 12.49 -36.05 -20.54
C ILE C 69 11.97 -37.38 -20.00
N ILE C 70 11.83 -38.39 -20.86
CA ILE C 70 11.35 -39.68 -20.39
C ILE C 70 12.33 -40.29 -19.40
N VAL C 71 13.63 -40.22 -19.69
CA VAL C 71 14.62 -40.76 -18.76
C VAL C 71 14.65 -39.96 -17.47
N TYR C 72 14.44 -38.64 -17.56
CA TYR C 72 14.37 -37.83 -16.35
C TYR C 72 13.21 -38.25 -15.47
N HIS C 73 12.05 -38.52 -16.07
CA HIS C 73 10.92 -38.94 -15.26
C HIS C 73 11.10 -40.35 -14.71
N ALA C 74 11.84 -41.20 -15.43
CA ALA C 74 12.20 -42.49 -14.87
C ALA C 74 13.08 -42.32 -13.64
N ARG C 75 14.04 -41.39 -13.68
CA ARG C 75 14.86 -41.14 -12.51
C ARG C 75 14.06 -40.53 -11.37
N GLU C 76 13.09 -39.66 -11.69
CA GLU C 76 12.15 -39.19 -10.66
C GLU C 76 11.41 -40.34 -10.00
N ILE C 77 10.87 -41.26 -10.77
CA ILE C 77 10.12 -42.36 -10.19
C ILE C 77 11.03 -43.25 -9.36
N GLN C 78 12.26 -43.47 -9.82
CA GLN C 78 13.21 -44.27 -9.06
C GLN C 78 13.57 -43.61 -7.73
N LEU C 79 13.79 -42.30 -7.74
CA LEU C 79 14.04 -41.58 -6.49
C LEU C 79 12.83 -41.58 -5.59
N PHE C 80 11.62 -41.52 -6.17
CA PHE C 80 10.41 -41.62 -5.37
C PHE C 80 10.33 -42.97 -4.68
N MET C 81 10.64 -44.05 -5.40
CA MET C 81 10.66 -45.37 -4.78
C MET C 81 11.69 -45.43 -3.67
N VAL C 82 12.86 -44.84 -3.88
CA VAL C 82 13.89 -44.83 -2.83
C VAL C 82 13.40 -44.09 -1.59
N ASP C 83 12.76 -42.93 -1.79
CA ASP C 83 12.34 -42.12 -0.66
C ASP C 83 11.17 -42.75 0.09
N ASN C 84 10.04 -42.94 -0.59
CA ASN C 84 8.85 -43.42 0.10
C ASN C 84 8.83 -44.93 0.20
N GLY C 85 9.98 -45.52 0.55
CA GLY C 85 10.10 -46.93 0.88
C GLY C 85 9.28 -47.89 0.05
N ALA C 86 9.21 -47.67 -1.25
CA ALA C 86 8.38 -48.46 -2.14
C ALA C 86 9.24 -49.40 -2.98
N ASP C 87 8.67 -50.55 -3.32
CA ASP C 87 9.36 -51.52 -4.16
C ASP C 87 8.72 -51.66 -5.55
N ASP C 88 7.49 -51.18 -5.72
CA ASP C 88 6.81 -51.23 -7.00
C ASP C 88 6.71 -49.82 -7.57
N TRP C 89 7.13 -49.67 -8.82
CA TRP C 89 7.09 -48.35 -9.44
C TRP C 89 5.66 -47.91 -9.73
N ARG C 90 4.71 -48.84 -9.79
CA ARG C 90 3.33 -48.47 -10.10
C ARG C 90 2.67 -47.65 -9.01
N ILE C 91 3.27 -47.59 -7.82
CA ILE C 91 2.75 -46.72 -6.77
C ILE C 91 2.93 -45.25 -7.14
N ALA C 92 3.95 -44.95 -7.96
CA ALA C 92 4.22 -43.56 -8.31
C ALA C 92 3.11 -42.97 -9.19
N MET C 93 2.56 -43.76 -10.11
CA MET C 93 1.60 -43.25 -11.08
C MET C 93 0.27 -42.96 -10.38
N THR C 94 -0.14 -41.69 -10.36
CA THR C 94 -1.27 -41.26 -9.56
C THR C 94 -2.24 -40.38 -10.33
N TYR C 95 -2.38 -40.60 -11.64
CA TYR C 95 -3.36 -39.89 -12.47
C TYR C 95 -3.04 -38.42 -12.57
N GLU C 96 -2.08 -37.95 -11.79
CA GLU C 96 -1.55 -36.60 -11.86
C GLU C 96 -0.12 -36.57 -12.36
N ARG C 97 0.71 -37.50 -11.89
CA ARG C 97 2.02 -37.69 -12.48
C ARG C 97 1.91 -38.07 -13.94
N ILE C 98 0.97 -38.95 -14.27
CA ILE C 98 0.77 -39.33 -15.66
C ILE C 98 0.33 -38.12 -16.48
N PHE C 99 -0.61 -37.33 -15.95
CA PHE C 99 -1.09 -36.17 -16.70
C PHE C 99 0.02 -35.17 -16.93
N PHE C 100 0.85 -34.92 -15.92
CA PHE C 100 1.89 -33.92 -16.08
C PHE C 100 3.00 -34.42 -17.00
N ILE C 101 3.31 -35.71 -16.95
CA ILE C 101 4.27 -36.27 -17.91
C ILE C 101 3.74 -36.15 -19.33
N CYS C 102 2.45 -36.44 -19.53
CA CYS C 102 1.87 -36.33 -20.86
C CYS C 102 1.84 -34.89 -21.33
N LEU C 103 1.52 -33.95 -20.44
CA LEU C 103 1.54 -32.54 -20.79
C LEU C 103 2.94 -32.09 -21.17
N GLU C 104 3.94 -32.54 -20.44
CA GLU C 104 5.32 -32.17 -20.73
C GLU C 104 5.76 -32.72 -22.08
N ILE C 105 5.40 -33.97 -22.38
CA ILE C 105 5.74 -34.55 -23.67
C ILE C 105 5.00 -33.84 -24.81
N LEU C 106 3.73 -33.50 -24.60
CA LEU C 106 2.98 -32.77 -25.61
C LEU C 106 3.58 -31.40 -25.87
N VAL C 107 3.96 -30.69 -24.81
CA VAL C 107 4.56 -29.37 -24.97
C VAL C 107 5.89 -29.47 -25.69
N CYS C 108 6.71 -30.44 -25.33
CA CYS C 108 8.03 -30.55 -25.92
C CYS C 108 8.03 -31.31 -27.24
N ALA C 109 6.88 -31.80 -27.70
CA ALA C 109 6.83 -32.49 -28.97
C ALA C 109 6.42 -31.60 -30.13
N ILE C 110 5.90 -30.41 -29.86
CA ILE C 110 5.48 -29.51 -30.93
C ILE C 110 6.71 -28.85 -31.54
N HIS C 111 6.84 -28.96 -32.85
CA HIS C 111 7.94 -28.36 -33.60
C HIS C 111 7.56 -28.37 -35.06
N PRO C 112 8.17 -27.51 -35.87
CA PRO C 112 7.87 -27.53 -37.31
C PRO C 112 8.44 -28.75 -38.01
N ILE C 113 7.56 -29.69 -38.36
CA ILE C 113 7.97 -30.95 -38.99
C ILE C 113 8.48 -30.67 -40.39
N PRO C 114 9.43 -31.46 -40.90
CA PRO C 114 9.90 -31.25 -42.28
C PRO C 114 8.79 -31.43 -43.29
N GLY C 115 8.84 -30.62 -44.34
CA GLY C 115 7.80 -30.63 -45.36
C GLY C 115 7.48 -29.23 -45.83
N ASN C 116 6.54 -29.12 -46.77
CA ASN C 116 6.12 -27.84 -47.34
C ASN C 116 4.59 -27.81 -47.33
N TYR C 117 4.02 -27.38 -46.21
CA TYR C 117 2.58 -27.32 -46.03
C TYR C 117 2.16 -25.87 -45.85
N THR C 118 1.12 -25.46 -46.57
CA THR C 118 0.65 -24.08 -46.54
C THR C 118 -0.84 -24.07 -46.26
N PHE C 119 -1.31 -22.95 -45.72
CA PHE C 119 -2.72 -22.76 -45.46
C PHE C 119 -3.10 -21.32 -45.80
N THR C 120 -4.40 -21.07 -45.90
CA THR C 120 -4.91 -19.76 -46.24
C THR C 120 -5.22 -18.97 -44.98
N TRP C 121 -4.71 -17.75 -44.91
CA TRP C 121 -4.81 -16.90 -43.74
C TRP C 121 -5.49 -15.60 -44.15
N THR C 122 -6.60 -15.29 -43.50
CA THR C 122 -7.36 -14.08 -43.78
C THR C 122 -7.45 -13.24 -42.51
N ALA C 123 -7.05 -11.96 -42.62
CA ALA C 123 -7.08 -11.05 -41.49
C ALA C 123 -7.60 -9.69 -41.94
N ARG C 124 -8.19 -8.96 -41.01
CA ARG C 124 -8.71 -7.62 -41.27
C ARG C 124 -7.68 -6.61 -40.81
N LEU C 125 -7.28 -5.72 -41.70
CA LEU C 125 -6.25 -4.75 -41.39
C LEU C 125 -6.73 -3.75 -40.35
N ALA C 126 -5.79 -3.24 -39.57
CA ALA C 126 -6.11 -2.29 -38.52
C ALA C 126 -6.30 -0.90 -39.10
N PHE C 127 -7.26 -0.17 -38.55
CA PHE C 127 -7.51 1.24 -38.83
C PHE C 127 -8.09 1.46 -40.22
N SER C 128 -8.05 0.44 -41.07
CA SER C 128 -8.63 0.53 -42.39
C SER C 128 -9.70 -0.52 -42.64
N TYR C 129 -9.73 -1.58 -41.84
CA TYR C 129 -10.77 -2.59 -41.89
C TYR C 129 -10.86 -3.24 -43.26
N ALA C 130 -9.72 -3.36 -43.92
CA ALA C 130 -9.63 -4.00 -45.22
C ALA C 130 -9.17 -5.43 -45.05
N PRO C 131 -9.70 -6.36 -45.84
CA PRO C 131 -9.25 -7.75 -45.73
C PRO C 131 -7.86 -7.94 -46.31
N SER C 132 -7.22 -9.02 -45.87
CA SER C 132 -5.91 -9.43 -46.37
C SER C 132 -5.86 -10.94 -46.41
N THR C 133 -5.66 -11.51 -47.59
CA THR C 133 -5.55 -12.95 -47.74
C THR C 133 -4.13 -13.29 -48.18
N THR C 134 -3.49 -14.19 -47.45
CA THR C 134 -2.18 -14.70 -47.80
C THR C 134 -2.18 -16.21 -47.67
N THR C 135 -1.28 -16.86 -48.40
CA THR C 135 -1.04 -18.30 -48.25
C THR C 135 0.17 -18.46 -47.35
N ALA C 136 -0.07 -18.79 -46.09
CA ALA C 136 0.97 -18.89 -45.08
C ALA C 136 1.39 -20.34 -44.90
N ASP C 137 2.65 -20.54 -44.56
CA ASP C 137 3.13 -21.87 -44.25
C ASP C 137 2.63 -22.31 -42.88
N VAL C 138 2.39 -23.61 -42.74
CA VAL C 138 1.90 -24.14 -41.48
C VAL C 138 2.96 -24.03 -40.39
N ASP C 139 4.22 -23.89 -40.76
CA ASP C 139 5.31 -23.96 -39.79
C ASP C 139 5.23 -22.86 -38.74
N ILE C 140 4.52 -21.78 -38.98
CA ILE C 140 4.45 -20.72 -37.98
C ILE C 140 3.61 -21.16 -36.78
N ILE C 141 2.50 -21.87 -37.04
CA ILE C 141 1.64 -22.41 -36.00
C ILE C 141 2.36 -23.43 -35.15
N LEU C 142 3.39 -24.07 -35.70
CA LEU C 142 4.17 -25.06 -34.97
C LEU C 142 5.43 -24.46 -34.36
N SER C 143 5.89 -23.32 -34.87
CA SER C 143 7.07 -22.66 -34.33
C SER C 143 6.74 -21.87 -33.07
N ILE C 144 5.65 -21.09 -33.09
CA ILE C 144 5.35 -20.22 -31.96
C ILE C 144 5.17 -20.99 -30.66
N PRO C 145 4.46 -22.12 -30.61
CA PRO C 145 4.34 -22.85 -29.34
C PRO C 145 5.65 -23.43 -28.81
N MET C 146 6.74 -23.38 -29.58
CA MET C 146 8.01 -23.90 -29.09
C MET C 146 8.57 -23.06 -27.94
N PHE C 147 8.10 -21.82 -27.77
CA PHE C 147 8.53 -21.02 -26.64
C PHE C 147 8.00 -21.54 -25.32
N LEU C 148 7.05 -22.47 -25.34
CA LEU C 148 6.56 -23.07 -24.11
C LEU C 148 7.59 -23.95 -23.44
N ARG C 149 8.68 -24.28 -24.11
CA ARG C 149 9.77 -25.09 -23.58
C ARG C 149 10.57 -24.38 -22.56
N LEU C 150 10.20 -23.18 -22.11
CA LEU C 150 11.03 -22.44 -21.17
C LEU C 150 10.77 -22.82 -19.72
N TYR C 151 9.83 -23.72 -19.44
CA TYR C 151 9.68 -24.25 -18.09
C TYR C 151 10.89 -25.07 -17.67
N LEU C 152 11.66 -25.56 -18.64
CA LEU C 152 12.89 -26.28 -18.31
C LEU C 152 13.87 -25.37 -17.60
N ILE C 153 13.80 -24.08 -17.87
CA ILE C 153 14.62 -23.11 -17.12
C ILE C 153 14.24 -23.12 -15.65
N ALA C 154 12.95 -23.16 -15.35
CA ALA C 154 12.51 -23.23 -13.97
C ALA C 154 12.96 -24.53 -13.32
N ARG C 155 12.88 -25.63 -14.07
CA ARG C 155 13.33 -26.91 -13.53
C ARG C 155 14.82 -26.87 -13.18
N VAL C 156 15.64 -26.33 -14.08
CA VAL C 156 17.07 -26.22 -13.83
C VAL C 156 17.33 -25.29 -12.67
N MET C 157 16.57 -24.20 -12.58
CA MET C 157 16.74 -23.25 -11.48
C MET C 157 16.46 -23.91 -10.13
N LEU C 158 15.40 -24.71 -10.05
CA LEU C 158 15.14 -25.44 -8.81
C LEU C 158 16.24 -26.43 -8.51
N LEU C 159 16.70 -27.18 -9.51
CA LEU C 159 17.65 -28.25 -9.25
C LEU C 159 19.05 -27.74 -8.95
N HIS C 160 19.40 -26.54 -9.40
CA HIS C 160 20.70 -25.95 -9.09
C HIS C 160 20.66 -25.07 -7.85
N SER C 161 19.51 -24.93 -7.21
CA SER C 161 19.39 -24.06 -6.05
C SER C 161 20.14 -24.62 -4.86
N LYS C 162 20.66 -23.72 -4.04
CA LYS C 162 21.35 -24.12 -2.81
C LYS C 162 20.37 -24.54 -1.73
N LEU C 163 19.22 -23.87 -1.65
CA LEU C 163 18.23 -24.21 -0.64
C LEU C 163 17.72 -25.64 -0.84
N PHE C 164 17.48 -26.03 -2.08
CA PHE C 164 16.90 -27.34 -2.36
C PHE C 164 17.82 -28.48 -1.95
N THR C 165 19.11 -28.35 -2.22
CA THR C 165 20.09 -29.40 -1.98
C THR C 165 21.22 -28.89 -1.09
N ASP C 166 20.99 -28.95 0.22
CA ASP C 166 22.00 -28.53 1.19
C ASP C 166 21.60 -29.05 2.56
N ALA C 167 22.50 -29.79 3.22
CA ALA C 167 22.12 -30.44 4.48
C ALA C 167 21.72 -29.42 5.53
N SER C 168 22.42 -28.29 5.59
CA SER C 168 22.09 -27.28 6.59
C SER C 168 20.69 -26.74 6.38
N SER C 169 20.36 -26.42 5.13
CA SER C 169 19.06 -25.83 4.84
C SER C 169 17.94 -26.82 5.11
N ARG C 170 18.09 -28.07 4.68
CA ARG C 170 17.05 -29.06 4.92
C ARG C 170 16.89 -29.35 6.41
N SER C 171 18.00 -29.42 7.14
CA SER C 171 17.92 -29.68 8.58
C SER C 171 17.22 -28.54 9.29
N ILE C 172 17.48 -27.30 8.91
CA ILE C 172 16.82 -26.17 9.56
C ILE C 172 15.35 -26.11 9.15
N GLY C 173 15.05 -26.34 7.88
CA GLY C 173 13.68 -26.27 7.40
C GLY C 173 12.80 -27.40 7.89
N ALA C 174 13.39 -28.53 8.27
CA ALA C 174 12.62 -29.61 8.87
C ALA C 174 12.07 -29.22 10.23
N LEU C 175 12.68 -28.25 10.91
CA LEU C 175 12.16 -27.82 12.21
C LEU C 175 10.91 -26.95 12.05
N ASN C 176 10.80 -26.22 10.94
CA ASN C 176 9.64 -25.38 10.67
C ASN C 176 8.67 -26.02 9.67
N LYS C 177 8.92 -27.26 9.28
CA LYS C 177 8.07 -27.97 8.31
C LYS C 177 7.97 -27.19 7.00
N ILE C 178 9.09 -26.62 6.57
CA ILE C 178 9.11 -25.89 5.31
C ILE C 178 9.04 -26.85 4.14
N ASN C 179 8.23 -26.52 3.14
CA ASN C 179 8.09 -27.31 1.94
C ASN C 179 9.02 -26.74 0.88
N PHE C 180 10.10 -27.49 0.57
CA PHE C 180 11.12 -27.02 -0.37
C PHE C 180 10.69 -27.40 -1.78
N ASN C 181 9.96 -26.49 -2.42
CA ASN C 181 9.52 -26.72 -3.80
C ASN C 181 9.87 -25.52 -4.66
N THR C 182 9.39 -25.51 -5.90
CA THR C 182 9.72 -24.40 -6.80
C THR C 182 9.12 -23.10 -6.31
N ARG C 183 7.93 -23.16 -5.71
CA ARG C 183 7.29 -21.94 -5.20
C ARG C 183 8.14 -21.29 -4.12
N PHE C 184 8.70 -22.09 -3.21
CA PHE C 184 9.53 -21.54 -2.14
C PHE C 184 10.76 -20.85 -2.69
N VAL C 185 11.43 -21.48 -3.67
CA VAL C 185 12.63 -20.88 -4.25
C VAL C 185 12.28 -19.60 -4.99
N MET C 186 11.16 -19.59 -5.72
CA MET C 186 10.74 -18.38 -6.41
C MET C 186 10.44 -17.25 -5.44
N LYS C 187 9.74 -17.56 -4.33
CA LYS C 187 9.44 -16.53 -3.34
C LYS C 187 10.71 -16.03 -2.66
N THR C 188 11.66 -16.93 -2.41
CA THR C 188 12.93 -16.51 -1.83
C THR C 188 13.67 -15.57 -2.77
N LEU C 189 13.68 -15.88 -4.07
CA LEU C 189 14.32 -14.97 -5.02
C LEU C 189 13.60 -13.63 -5.09
N MET C 190 12.27 -13.64 -5.06
CA MET C 190 11.52 -12.40 -5.08
C MET C 190 11.71 -11.60 -3.79
N THR C 191 12.15 -12.24 -2.71
CA THR C 191 12.48 -11.52 -1.49
C THR C 191 13.90 -10.97 -1.49
N ILE C 192 14.87 -11.76 -1.96
CA ILE C 192 16.26 -11.33 -1.93
C ILE C 192 16.52 -10.30 -3.03
N CYS C 193 16.22 -10.65 -4.27
CA CYS C 193 16.59 -9.86 -5.44
C CYS C 193 15.34 -9.59 -6.28
N PRO C 194 14.44 -8.75 -5.80
CA PRO C 194 13.20 -8.53 -6.55
C PRO C 194 13.43 -7.74 -7.83
N GLY C 195 14.24 -6.68 -7.76
CA GLY C 195 14.50 -5.88 -8.94
C GLY C 195 15.19 -6.64 -10.04
N THR C 196 16.18 -7.46 -9.68
CA THR C 196 16.89 -8.26 -10.68
C THR C 196 15.97 -9.29 -11.33
N VAL C 197 15.14 -9.96 -10.52
CA VAL C 197 14.22 -10.95 -11.06
C VAL C 197 13.24 -10.29 -12.02
N LEU C 198 12.67 -9.16 -11.61
CA LEU C 198 11.71 -8.46 -12.46
C LEU C 198 12.37 -7.92 -13.71
N LEU C 199 13.61 -7.45 -13.61
CA LEU C 199 14.32 -6.94 -14.77
C LEU C 199 14.59 -8.05 -15.78
N VAL C 200 15.10 -9.19 -15.32
CA VAL C 200 15.39 -10.29 -16.22
C VAL C 200 14.11 -10.79 -16.88
N PHE C 201 13.05 -10.96 -16.08
CA PHE C 201 11.78 -11.42 -16.62
C PHE C 201 11.24 -10.45 -17.66
N SER C 202 11.31 -9.15 -17.38
CA SER C 202 10.77 -8.15 -18.29
C SER C 202 11.55 -8.07 -19.58
N ILE C 203 12.88 -8.12 -19.51
CA ILE C 203 13.68 -8.02 -20.73
C ILE C 203 13.48 -9.26 -21.61
N SER C 204 13.47 -10.45 -21.00
CA SER C 204 13.24 -11.66 -21.77
C SER C 204 11.84 -11.68 -22.38
N LEU C 205 10.82 -11.30 -21.61
CA LEU C 205 9.47 -11.20 -22.15
C LEU C 205 9.41 -10.19 -23.28
N TRP C 206 10.10 -9.06 -23.12
CA TRP C 206 10.10 -8.02 -24.15
C TRP C 206 10.62 -8.57 -25.47
N ILE C 207 11.80 -9.19 -25.44
CA ILE C 207 12.39 -9.67 -26.68
C ILE C 207 11.56 -10.80 -27.28
N ILE C 208 11.12 -11.75 -26.45
CA ILE C 208 10.37 -12.90 -26.97
C ILE C 208 9.04 -12.44 -27.57
N ALA C 209 8.34 -11.54 -26.85
CA ALA C 209 7.04 -11.07 -27.31
C ALA C 209 7.16 -10.23 -28.57
N ALA C 210 8.19 -9.37 -28.65
CA ALA C 210 8.39 -8.58 -29.86
C ALA C 210 8.70 -9.48 -31.05
N TRP C 211 9.55 -10.49 -30.85
CA TRP C 211 9.86 -11.38 -31.97
C TRP C 211 8.64 -12.15 -32.42
N THR C 212 7.85 -12.68 -31.48
CA THR C 212 6.67 -13.43 -31.90
C THR C 212 5.61 -12.53 -32.52
N VAL C 213 5.50 -11.28 -32.06
CA VAL C 213 4.61 -10.33 -32.71
C VAL C 213 5.02 -10.12 -34.16
N ARG C 214 6.31 -9.89 -34.41
CA ARG C 214 6.70 -9.66 -35.80
C ARG C 214 6.59 -10.92 -36.64
N ALA C 215 6.82 -12.09 -36.05
CA ALA C 215 6.68 -13.35 -36.77
C ALA C 215 5.23 -13.57 -37.20
N CYS C 216 4.27 -13.24 -36.34
CA CYS C 216 2.88 -13.33 -36.76
C CYS C 216 2.49 -12.21 -37.71
N GLU C 217 3.00 -11.00 -37.50
CA GLU C 217 2.52 -9.84 -38.25
C GLU C 217 3.15 -9.72 -39.62
N ARG C 218 4.26 -10.41 -39.89
CA ARG C 218 4.94 -10.22 -41.16
C ARG C 218 4.13 -10.74 -42.33
N TYR C 219 3.11 -11.56 -42.09
CA TYR C 219 2.33 -12.13 -43.18
C TYR C 219 1.36 -11.12 -43.77
N HIS C 220 0.77 -10.27 -42.95
CA HIS C 220 -0.23 -9.32 -43.41
C HIS C 220 0.25 -7.88 -43.37
N ASP C 221 1.55 -7.69 -43.18
CA ASP C 221 2.17 -6.37 -43.09
C ASP C 221 3.05 -6.18 -44.31
N GLN C 222 2.65 -5.27 -45.20
CA GLN C 222 3.47 -4.88 -46.34
C GLN C 222 3.83 -3.41 -46.27
N GLN C 223 3.84 -2.85 -45.07
CA GLN C 223 4.14 -1.44 -44.87
C GLN C 223 5.20 -1.22 -43.80
N ASP C 224 5.79 -2.29 -43.27
CA ASP C 224 6.89 -2.21 -42.31
C ASP C 224 6.50 -1.43 -41.07
N VAL C 225 5.46 -1.92 -40.39
CA VAL C 225 4.92 -1.25 -39.22
C VAL C 225 5.06 -2.15 -38.00
N THR C 226 4.34 -3.27 -38.00
CA THR C 226 4.38 -4.23 -36.91
C THR C 226 5.29 -5.41 -37.20
N SER C 227 5.66 -5.62 -38.47
CA SER C 227 6.69 -6.59 -38.83
C SER C 227 8.09 -6.05 -38.63
N ASN C 228 8.23 -4.77 -38.32
CA ASN C 228 9.53 -4.20 -37.96
C ASN C 228 9.88 -4.63 -36.54
N PHE C 229 11.10 -5.15 -36.36
CA PHE C 229 11.46 -5.64 -35.03
C PHE C 229 11.50 -4.52 -34.01
N LEU C 230 12.06 -3.37 -34.40
CA LEU C 230 12.17 -2.26 -33.48
C LEU C 230 10.79 -1.65 -33.18
N GLY C 231 9.93 -1.60 -34.20
CA GLY C 231 8.56 -1.19 -33.96
C GLY C 231 7.80 -2.16 -33.08
N ALA C 232 8.03 -3.46 -33.25
CA ALA C 232 7.40 -4.44 -32.38
C ALA C 232 7.90 -4.29 -30.94
N MET C 233 9.18 -3.99 -30.76
CA MET C 233 9.70 -3.74 -29.42
C MET C 233 9.02 -2.54 -28.80
N TRP C 234 8.84 -1.46 -29.57
CA TRP C 234 8.14 -0.29 -29.04
C TRP C 234 6.69 -0.62 -28.70
N LEU C 235 6.02 -1.38 -29.55
CA LEU C 235 4.64 -1.76 -29.29
C LEU C 235 4.52 -2.56 -28.01
N ILE C 236 5.40 -3.53 -27.81
CA ILE C 236 5.37 -4.33 -26.59
C ILE C 236 5.64 -3.46 -25.38
N SER C 237 6.55 -2.50 -25.50
CA SER C 237 6.86 -1.64 -24.36
C SER C 237 5.68 -0.75 -23.99
N ILE C 238 4.94 -0.23 -24.99
CA ILE C 238 3.85 0.67 -24.66
C ILE C 238 2.55 -0.06 -24.31
N THR C 239 2.39 -1.33 -24.67
CA THR C 239 1.28 -2.08 -24.11
C THR C 239 1.60 -2.64 -22.73
N PHE C 240 2.86 -2.95 -22.47
CA PHE C 240 3.29 -3.32 -21.13
C PHE C 240 3.02 -2.20 -20.14
N LEU C 241 3.29 -0.95 -20.55
CA LEU C 241 3.15 0.20 -19.69
C LEU C 241 1.73 0.75 -19.69
N SER C 242 0.86 0.19 -20.52
CA SER C 242 -0.55 0.57 -20.65
C SER C 242 -0.70 2.01 -21.12
N ILE C 243 0.25 2.51 -21.90
CA ILE C 243 0.08 3.80 -22.55
C ILE C 243 -0.91 3.62 -23.69
N GLY C 244 -0.73 2.56 -24.46
CA GLY C 244 -1.68 2.22 -25.49
C GLY C 244 -0.99 1.77 -26.75
N TYR C 245 -1.75 1.81 -27.84
CA TYR C 245 -1.25 1.55 -29.18
C TYR C 245 -1.11 2.88 -29.88
N GLY C 246 -0.08 3.04 -30.67
CA GLY C 246 -0.01 4.26 -31.44
C GLY C 246 -0.81 4.05 -32.70
N ASP C 247 -0.14 4.16 -33.84
CA ASP C 247 -0.61 3.56 -35.08
C ASP C 247 -0.25 2.09 -35.16
N MET C 248 0.24 1.52 -34.05
CA MET C 248 0.77 0.17 -34.01
C MET C 248 -0.28 -0.75 -33.40
N VAL C 249 -1.21 -1.20 -34.25
CA VAL C 249 -2.24 -2.15 -33.83
C VAL C 249 -2.04 -3.42 -34.65
N PRO C 250 -2.00 -4.59 -34.03
CA PRO C 250 -1.82 -5.82 -34.79
C PRO C 250 -2.94 -6.06 -35.78
N ASN C 251 -2.57 -6.55 -36.97
CA ASN C 251 -3.55 -6.97 -37.95
C ASN C 251 -4.05 -8.38 -37.72
N THR C 252 -3.41 -9.14 -36.84
CA THR C 252 -3.70 -10.55 -36.64
C THR C 252 -4.11 -10.78 -35.19
N TYR C 253 -4.88 -11.84 -34.97
CA TYR C 253 -5.27 -12.21 -33.62
C TYR C 253 -4.13 -12.79 -32.83
N CYS C 254 -3.09 -13.30 -33.49
CA CYS C 254 -1.88 -13.70 -32.79
C CYS C 254 -1.21 -12.48 -32.15
N GLY C 255 -1.06 -11.41 -32.91
CA GLY C 255 -0.50 -10.19 -32.37
C GLY C 255 -1.35 -9.60 -31.26
N LYS C 256 -2.67 -9.61 -31.44
CA LYS C 256 -3.56 -9.11 -30.40
C LYS C 256 -3.46 -9.94 -29.13
N GLY C 257 -3.37 -11.27 -29.27
CA GLY C 257 -3.21 -12.12 -28.10
C GLY C 257 -1.89 -11.87 -27.38
N VAL C 258 -0.81 -11.69 -28.14
CA VAL C 258 0.48 -11.38 -27.53
C VAL C 258 0.44 -10.04 -26.81
N CYS C 259 -0.20 -9.04 -27.42
CA CYS C 259 -0.31 -7.73 -26.79
C CYS C 259 -1.17 -7.79 -25.54
N LEU C 260 -2.26 -8.58 -25.55
CA LEU C 260 -3.07 -8.76 -24.36
C LEU C 260 -2.30 -9.44 -23.24
N LEU C 261 -1.54 -10.47 -23.58
CA LEU C 261 -0.71 -11.15 -22.58
C LEU C 261 0.35 -10.20 -22.01
N THR C 262 0.94 -9.38 -22.87
CA THR C 262 1.90 -8.37 -22.41
C THR C 262 1.24 -7.35 -21.49
N GLY C 263 0.02 -6.91 -21.82
CA GLY C 263 -0.68 -5.98 -20.95
C GLY C 263 -1.05 -6.57 -19.60
N ILE C 264 -1.51 -7.82 -19.59
CA ILE C 264 -1.78 -8.49 -18.32
C ILE C 264 -0.53 -8.63 -17.49
N MET C 265 0.59 -9.04 -18.11
CA MET C 265 1.84 -9.16 -17.37
C MET C 265 2.31 -7.80 -16.86
N GLY C 266 2.17 -6.76 -17.67
CA GLY C 266 2.61 -5.44 -17.26
C GLY C 266 1.81 -4.88 -16.12
N ALA C 267 0.50 -5.12 -16.11
CA ALA C 267 -0.36 -4.58 -15.06
C ALA C 267 0.11 -5.02 -13.68
N GLY C 268 0.72 -6.19 -13.56
CA GLY C 268 1.22 -6.66 -12.28
C GLY C 268 2.69 -6.38 -12.08
N CYS C 269 3.48 -6.53 -13.14
CA CYS C 269 4.92 -6.32 -13.02
C CYS C 269 5.23 -4.86 -12.71
N THR C 270 4.49 -3.93 -13.29
CA THR C 270 4.71 -2.51 -13.02
C THR C 270 4.47 -2.20 -11.55
N ALA C 271 3.38 -2.71 -11.00
CA ALA C 271 3.06 -2.45 -9.60
C ALA C 271 4.10 -3.08 -8.67
N LEU C 272 4.55 -4.28 -9.00
CA LEU C 272 5.59 -4.92 -8.19
C LEU C 272 6.89 -4.11 -8.24
N VAL C 273 7.26 -3.63 -9.43
CA VAL C 273 8.48 -2.83 -9.57
C VAL C 273 8.36 -1.54 -8.78
N VAL C 274 7.20 -0.91 -8.81
CA VAL C 274 7.01 0.33 -8.08
C VAL C 274 7.10 0.10 -6.58
N ALA C 275 6.55 -1.02 -6.10
CA ALA C 275 6.71 -1.35 -4.69
C ALA C 275 8.17 -1.55 -4.33
N VAL C 276 8.94 -2.19 -5.21
CA VAL C 276 10.37 -2.38 -4.97
C VAL C 276 11.08 -1.03 -4.87
N VAL C 277 10.78 -0.13 -5.80
CA VAL C 277 11.44 1.18 -5.81
C VAL C 277 11.06 1.97 -4.56
N ALA C 278 9.79 1.94 -4.18
CA ALA C 278 9.36 2.64 -2.97
C ALA C 278 10.07 2.11 -1.73
N ARG C 279 10.24 0.78 -1.65
CA ARG C 279 10.98 0.22 -0.53
C ARG C 279 12.45 0.64 -0.56
N LYS C 280 13.04 0.70 -1.75
CA LYS C 280 14.46 1.05 -1.85
C LYS C 280 14.73 2.53 -1.65
N LEU C 281 13.72 3.38 -1.72
CA LEU C 281 13.89 4.80 -1.43
C LEU C 281 13.69 5.13 0.05
N GLU C 282 13.48 4.13 0.89
CA GLU C 282 13.20 4.33 2.29
C GLU C 282 14.47 4.26 3.11
N LEU C 283 14.53 5.07 4.17
CA LEU C 283 15.71 5.08 5.02
C LEU C 283 15.79 3.84 5.90
N THR C 284 17.00 3.40 6.15
CA THR C 284 17.24 2.31 7.08
C THR C 284 16.92 2.78 8.50
N LYS C 285 16.74 1.82 9.41
CA LYS C 285 16.41 2.16 10.79
C LYS C 285 17.49 3.02 11.43
N ALA C 286 18.76 2.68 11.22
CA ALA C 286 19.84 3.50 11.75
C ALA C 286 19.86 4.88 11.10
N GLU C 287 19.65 4.94 9.79
CA GLU C 287 19.56 6.21 9.11
C GLU C 287 18.37 7.02 9.60
N LYS C 288 17.26 6.35 9.91
CA LYS C 288 16.12 7.05 10.49
C LYS C 288 16.48 7.65 11.85
N HIS C 289 17.18 6.89 12.69
CA HIS C 289 17.57 7.43 14.00
C HIS C 289 18.46 8.65 13.84
N VAL C 290 19.46 8.57 12.97
CA VAL C 290 20.37 9.69 12.77
C VAL C 290 19.62 10.91 12.25
N HIS C 291 18.73 10.70 11.28
CA HIS C 291 17.98 11.81 10.70
C HIS C 291 17.08 12.47 11.74
N ASN C 292 16.39 11.67 12.54
CA ASN C 292 15.53 12.23 13.58
C ASN C 292 16.35 13.02 14.59
N PHE C 293 17.53 12.52 14.95
CA PHE C 293 18.40 13.25 15.87
C PHE C 293 18.78 14.61 15.30
N MET C 294 19.24 14.64 14.05
CA MET C 294 19.68 15.91 13.47
C MET C 294 18.51 16.87 13.30
N MET C 295 17.35 16.37 12.88
CA MET C 295 16.18 17.22 12.73
C MET C 295 15.74 17.79 14.07
N ASP C 296 15.80 17.00 15.14
CA ASP C 296 15.45 17.50 16.46
C ASP C 296 16.43 18.59 16.91
N THR C 297 17.71 18.42 16.61
CA THR C 297 18.67 19.47 16.92
C THR C 297 18.32 20.77 16.22
N GLN C 298 18.04 20.69 14.91
CA GLN C 298 17.67 21.90 14.18
C GLN C 298 16.38 22.51 14.71
N LEU C 299 15.42 21.67 15.08
CA LEU C 299 14.16 22.18 15.63
C LEU C 299 14.38 22.91 16.94
N THR C 300 15.24 22.37 17.81
CA THR C 300 15.54 23.08 19.05
C THR C 300 16.16 24.43 18.77
N LYS C 301 17.10 24.48 17.83
CA LYS C 301 17.72 25.76 17.50
C LYS C 301 16.69 26.76 16.99
N ARG C 302 15.78 26.30 16.12
CA ARG C 302 14.79 27.20 15.55
C ARG C 302 13.77 27.64 16.60
N VAL C 303 13.43 26.77 17.54
CA VAL C 303 12.55 27.15 18.66
C VAL C 303 13.19 28.26 19.47
N LYS C 304 14.49 28.12 19.78
CA LYS C 304 15.18 29.15 20.53
C LYS C 304 15.18 30.47 19.79
N ASN C 305 15.43 30.43 18.48
CA ASN C 305 15.40 31.67 17.70
C ASN C 305 14.02 32.33 17.73
N ALA C 306 12.97 31.53 17.56
CA ALA C 306 11.62 32.08 17.55
C ALA C 306 11.27 32.71 18.90
N ALA C 307 11.60 32.05 20.00
CA ALA C 307 11.31 32.61 21.31
C ALA C 307 12.10 33.89 21.55
N ALA C 308 13.35 33.94 21.09
CA ALA C 308 14.12 35.17 21.21
C ALA C 308 13.47 36.31 20.45
N ASN C 309 12.99 36.04 19.24
CA ASN C 309 12.29 37.08 18.48
C ASN C 309 11.02 37.53 19.18
N VAL C 310 10.28 36.60 19.76
CA VAL C 310 9.07 36.96 20.49
C VAL C 310 9.40 37.93 21.61
N LEU C 311 10.41 37.60 22.42
CA LEU C 311 10.77 38.46 23.54
C LEU C 311 11.30 39.81 23.04
N ARG C 312 12.08 39.81 21.96
CA ARG C 312 12.60 41.06 21.44
C ARG C 312 11.49 42.00 21.01
N GLU C 313 10.53 41.47 20.24
CA GLU C 313 9.43 42.33 19.79
C GLU C 313 8.55 42.77 20.94
N THR C 314 8.34 41.89 21.94
CA THR C 314 7.60 42.31 23.13
C THR C 314 8.30 43.47 23.82
N TRP C 315 9.64 43.46 23.85
CA TRP C 315 10.35 44.58 24.46
C TRP C 315 10.24 45.84 23.62
N LEU C 316 10.46 45.73 22.31
CA LEU C 316 10.48 46.94 21.48
C LEU C 316 9.11 47.60 21.37
N ILE C 317 8.03 46.82 21.41
CA ILE C 317 6.70 47.42 21.41
C ILE C 317 6.54 48.32 22.63
N TYR C 318 6.92 47.84 23.80
CA TYR C 318 6.86 48.66 25.00
C TYR C 318 7.81 49.84 24.92
N LYS C 319 9.02 49.62 24.41
CA LYS C 319 9.99 50.70 24.35
C LYS C 319 9.57 51.82 23.44
N ASN C 320 8.85 51.50 22.37
CA ASN C 320 8.38 52.54 21.45
C ASN C 320 6.99 53.06 21.79
N THR C 321 6.25 52.35 22.66
CA THR C 321 4.99 52.89 23.16
C THR C 321 5.24 53.86 24.30
N LYS C 322 5.85 53.38 25.38
CA LYS C 322 6.27 54.25 26.47
C LYS C 322 7.72 54.66 26.21
N LEU C 323 8.37 55.25 27.21
CA LEU C 323 9.81 55.50 27.19
C LEU C 323 10.24 56.42 26.06
N VAL C 324 9.29 56.95 25.29
CA VAL C 324 9.58 57.89 24.22
C VAL C 324 8.61 59.06 24.34
N LYS C 325 9.13 60.28 24.26
CA LYS C 325 8.28 61.46 24.40
C LYS C 325 7.29 61.56 23.24
N LYS C 326 7.74 61.31 22.01
CA LYS C 326 6.89 61.38 20.83
C LYS C 326 6.73 59.98 20.27
N ILE C 327 5.52 59.44 20.38
CA ILE C 327 5.25 58.07 19.98
C ILE C 327 5.03 58.00 18.48
N ASP C 328 5.89 57.24 17.79
CA ASP C 328 5.77 57.02 16.36
C ASP C 328 4.91 55.79 16.13
N HIS C 329 3.68 56.00 15.67
CA HIS C 329 2.73 54.90 15.56
C HIS C 329 3.11 53.92 14.46
N ALA C 330 3.76 54.40 13.39
CA ALA C 330 4.14 53.50 12.30
C ALA C 330 5.10 52.43 12.77
N LYS C 331 6.13 52.83 13.53
CA LYS C 331 7.11 51.87 14.01
C LYS C 331 6.49 50.91 15.03
N VAL C 332 5.60 51.43 15.89
CA VAL C 332 4.93 50.57 16.85
C VAL C 332 4.07 49.53 16.15
N ARG C 333 3.35 49.94 15.09
CA ARG C 333 2.57 49.00 14.32
C ARG C 333 3.46 47.96 13.65
N LYS C 334 4.60 48.39 13.11
CA LYS C 334 5.52 47.45 12.48
C LYS C 334 5.99 46.41 13.49
N HIS C 335 6.32 46.86 14.70
CA HIS C 335 6.80 45.92 15.70
C HIS C 335 5.68 45.02 16.23
N GLN C 336 4.44 45.50 16.24
CA GLN C 336 3.33 44.65 16.62
C GLN C 336 3.07 43.58 15.57
N ARG C 337 3.18 43.94 14.30
CA ARG C 337 3.08 42.93 13.24
C ARG C 337 4.20 41.90 13.36
N LYS C 338 5.42 42.36 13.63
CA LYS C 338 6.52 41.43 13.80
C LYS C 338 6.33 40.55 15.03
N PHE C 339 5.72 41.08 16.09
CA PHE C 339 5.43 40.29 17.27
C PHE C 339 4.43 39.18 16.94
N LEU C 340 3.39 39.50 16.17
CA LEU C 340 2.44 38.47 15.76
C LEU C 340 3.10 37.42 14.88
N GLN C 341 3.97 37.84 13.96
CA GLN C 341 4.70 36.88 13.13
C GLN C 341 5.56 35.96 13.99
N ALA C 342 6.24 36.53 14.99
CA ALA C 342 7.08 35.72 15.86
C ALA C 342 6.26 34.72 16.65
N ILE C 343 5.07 35.13 17.10
CA ILE C 343 4.19 34.20 17.81
C ILE C 343 3.79 33.05 16.89
N HIS C 344 3.44 33.36 15.64
CA HIS C 344 3.05 32.30 14.71
C HIS C 344 4.22 31.36 14.43
N GLN C 345 5.43 31.90 14.26
CA GLN C 345 6.59 31.05 14.03
C GLN C 345 6.84 30.13 15.21
N LEU C 346 6.72 30.66 16.43
CA LEU C 346 6.93 29.84 17.60
C LEU C 346 5.90 28.70 17.66
N ARG C 347 4.64 29.02 17.38
CA ARG C 347 3.61 27.98 17.38
C ARG C 347 3.90 26.90 16.35
N SER C 348 4.25 27.31 15.13
CA SER C 348 4.47 26.33 14.07
C SER C 348 5.70 25.47 14.35
N VAL C 349 6.79 26.06 14.84
CA VAL C 349 7.97 25.26 15.11
C VAL C 349 7.71 24.31 16.28
N LYS C 350 6.92 24.74 17.27
CA LYS C 350 6.62 23.83 18.37
C LYS C 350 5.75 22.66 17.91
N MET C 351 4.81 22.92 16.99
CA MET C 351 4.00 21.80 16.50
C MET C 351 4.83 20.86 15.62
N GLU C 352 5.80 21.39 14.87
CA GLU C 352 6.72 20.52 14.15
C GLU C 352 7.52 19.66 15.10
N GLN C 353 8.01 20.25 16.19
CA GLN C 353 8.73 19.48 17.21
C GLN C 353 7.85 18.40 17.80
N ARG C 354 6.58 18.72 18.06
CA ARG C 354 5.65 17.73 18.58
C ARG C 354 5.43 16.58 17.61
N LYS C 355 5.26 16.90 16.32
CA LYS C 355 5.12 15.85 15.32
C LYS C 355 6.34 14.96 15.27
N LEU C 356 7.53 15.57 15.30
CA LEU C 356 8.76 14.78 15.25
C LEU C 356 8.88 13.89 16.47
N ASN C 357 8.53 14.39 17.66
CA ASN C 357 8.55 13.54 18.83
C ASN C 357 7.53 12.42 18.74
N ASP C 358 6.44 12.63 18.01
CA ASP C 358 5.48 11.56 17.79
C ASP C 358 6.05 10.47 16.87
N GLN C 359 6.65 10.87 15.75
CA GLN C 359 7.24 9.85 14.87
C GLN C 359 8.55 9.29 15.42
N ALA C 360 9.13 9.89 16.45
CA ALA C 360 10.38 9.39 16.99
C ALA C 360 10.22 8.08 17.76
N ASN C 361 8.99 7.69 18.09
CA ASN C 361 8.75 6.43 18.77
C ASN C 361 7.56 5.70 18.15
N ILE D 1 46.67 18.48 15.00
CA ILE D 1 45.28 18.26 14.65
C ILE D 1 44.71 19.48 13.94
N GLY D 2 45.14 20.66 14.37
CA GLY D 2 44.67 21.89 13.74
C GLY D 2 45.02 21.96 12.27
N TYR D 3 46.25 21.55 11.92
CA TYR D 3 46.64 21.54 10.52
C TYR D 3 45.96 20.38 9.77
N LYS D 4 45.81 19.24 10.44
CA LYS D 4 45.26 18.06 9.77
C LYS D 4 43.83 18.29 9.32
N LEU D 5 43.02 18.94 10.15
CA LEU D 5 41.64 19.24 9.77
C LEU D 5 41.58 20.40 8.79
N GLY D 6 42.45 21.38 8.95
CA GLY D 6 42.46 22.52 8.04
C GLY D 6 42.82 22.11 6.62
N HIS D 7 43.74 21.17 6.48
CA HIS D 7 44.10 20.70 5.14
C HIS D 7 42.92 20.04 4.45
N ARG D 8 42.20 19.18 5.18
CA ARG D 8 41.02 18.53 4.60
C ARG D 8 39.96 19.55 4.26
N ARG D 9 39.76 20.56 5.12
CA ARG D 9 38.75 21.56 4.82
C ARG D 9 39.12 22.38 3.59
N ALA D 10 40.40 22.72 3.45
CA ALA D 10 40.83 23.44 2.26
C ALA D 10 40.65 22.60 1.00
N LEU D 11 40.98 21.31 1.09
CA LEU D 11 40.77 20.42 -0.05
C LEU D 11 39.28 20.33 -0.40
N PHE D 12 38.43 20.25 0.62
CA PHE D 12 36.99 20.24 0.37
C PHE D 12 36.56 21.51 -0.34
N GLU D 13 37.05 22.67 0.10
CA GLU D 13 36.66 23.92 -0.53
C GLU D 13 37.11 23.99 -1.98
N LYS D 14 38.34 23.56 -2.26
CA LYS D 14 38.83 23.56 -3.64
C LYS D 14 38.00 22.62 -4.51
N ARG D 15 37.69 21.44 -4.00
CA ARG D 15 36.91 20.47 -4.76
C ARG D 15 35.50 20.99 -5.02
N LYS D 16 34.90 21.65 -4.03
CA LYS D 16 33.58 22.25 -4.20
C LYS D 16 33.59 23.35 -5.24
N ARG D 17 34.61 24.20 -5.22
CA ARG D 17 34.72 25.25 -6.22
C ARG D 17 34.87 24.67 -7.62
N LEU D 18 35.67 23.62 -7.75
CA LEU D 18 35.82 22.99 -9.06
C LEU D 18 34.51 22.40 -9.56
N SER D 19 33.73 21.80 -8.65
CA SER D 19 32.41 21.31 -9.05
C SER D 19 31.51 22.45 -9.52
N ASP D 20 31.54 23.58 -8.81
CA ASP D 20 30.72 24.71 -9.20
C ASP D 20 31.10 25.21 -10.59
N TYR D 21 32.39 25.34 -10.86
CA TYR D 21 32.83 25.81 -12.17
C TYR D 21 32.47 24.82 -13.27
N ALA D 22 32.61 23.52 -12.99
CA ALA D 22 32.24 22.52 -13.99
C ALA D 22 30.76 22.59 -14.31
N LEU D 23 29.91 22.75 -13.29
CA LEU D 23 28.48 22.88 -13.54
C LEU D 23 28.18 24.14 -14.35
N ILE D 24 28.85 25.24 -14.03
CA ILE D 24 28.60 26.49 -14.76
C ILE D 24 28.94 26.32 -16.23
N PHE D 25 30.09 25.70 -16.53
CA PHE D 25 30.50 25.57 -17.92
C PHE D 25 29.67 24.54 -18.67
N GLY D 26 29.28 23.45 -18.01
CA GLY D 26 28.39 22.49 -18.65
C GLY D 26 27.03 23.10 -18.98
N MET D 27 26.45 23.85 -18.04
CA MET D 27 25.17 24.48 -18.29
C MET D 27 25.29 25.55 -19.37
N PHE D 28 26.41 26.26 -19.40
CA PHE D 28 26.63 27.24 -20.47
C PHE D 28 26.66 26.56 -21.83
N GLY D 29 27.33 25.41 -21.92
CA GLY D 29 27.35 24.66 -23.17
C GLY D 29 25.98 24.18 -23.58
N ILE D 30 25.20 23.66 -22.64
CA ILE D 30 23.85 23.20 -22.96
C ILE D 30 22.98 24.36 -23.43
N VAL D 31 23.08 25.51 -22.78
CA VAL D 31 22.25 26.65 -23.14
C VAL D 31 22.61 27.16 -24.52
N VAL D 32 23.91 27.26 -24.83
CA VAL D 32 24.29 27.72 -26.17
C VAL D 32 23.90 26.68 -27.22
N MET D 33 23.94 25.39 -26.88
CA MET D 33 23.45 24.39 -27.82
C MET D 33 21.97 24.57 -28.11
N VAL D 34 21.17 24.82 -27.07
CA VAL D 34 19.74 25.02 -27.29
C VAL D 34 19.48 26.25 -28.15
N ILE D 35 20.20 27.32 -27.89
CA ILE D 35 20.03 28.54 -28.67
C ILE D 35 20.41 28.30 -30.13
N GLU D 36 21.54 27.63 -30.37
CA GLU D 36 21.99 27.40 -31.74
C GLU D 36 21.06 26.44 -32.48
N THR D 37 20.55 25.42 -31.79
CA THR D 37 19.59 24.52 -32.40
C THR D 37 18.32 25.25 -32.80
N GLU D 38 17.83 26.13 -31.93
CA GLU D 38 16.62 26.89 -32.26
C GLU D 38 16.87 27.87 -33.41
N LEU D 39 18.02 28.52 -33.43
CA LEU D 39 18.25 29.60 -34.39
C LEU D 39 18.69 29.09 -35.75
N SER D 40 19.36 27.94 -35.84
CA SER D 40 19.80 27.47 -37.14
C SER D 40 18.66 26.89 -37.96
N TRP D 41 17.56 26.48 -37.33
CA TRP D 41 16.38 26.09 -38.10
C TRP D 41 15.74 27.29 -38.79
N GLY D 42 15.85 28.46 -38.18
CA GLY D 42 15.22 29.66 -38.67
C GLY D 42 16.22 30.69 -39.16
N ALA D 43 16.56 31.62 -38.26
CA ALA D 43 17.32 32.82 -38.58
C ALA D 43 18.49 32.59 -39.54
N TYR D 44 19.45 31.76 -39.17
CA TYR D 44 20.63 31.57 -40.00
C TYR D 44 20.80 30.12 -40.40
N ASP D 45 21.50 29.92 -41.51
CA ASP D 45 21.78 28.59 -42.02
C ASP D 45 22.94 27.96 -41.26
N LYS D 46 23.23 26.70 -41.56
CA LYS D 46 24.36 26.04 -40.93
C LYS D 46 25.70 26.49 -41.50
N ALA D 47 25.71 27.16 -42.64
CA ALA D 47 26.92 27.69 -43.22
C ALA D 47 27.20 29.13 -42.82
N SER D 48 26.34 29.72 -41.99
CA SER D 48 26.54 31.09 -41.56
C SER D 48 27.71 31.17 -40.59
N LEU D 49 28.19 32.39 -40.38
CA LEU D 49 29.22 32.62 -39.39
C LEU D 49 28.68 32.69 -37.97
N TYR D 50 27.37 32.94 -37.81
CA TYR D 50 26.78 32.85 -36.48
C TYR D 50 26.82 31.42 -35.97
N SER D 51 26.53 30.46 -36.85
CA SER D 51 26.61 29.05 -36.47
C SER D 51 28.03 28.69 -36.07
N LEU D 52 29.01 29.11 -36.86
CA LEU D 52 30.40 28.85 -36.53
C LEU D 52 30.80 29.48 -35.21
N ALA D 53 30.39 30.72 -34.98
CA ALA D 53 30.74 31.40 -33.73
C ALA D 53 30.17 30.67 -32.54
N LEU D 54 28.89 30.31 -32.59
CA LEU D 54 28.26 29.65 -31.46
C LEU D 54 28.83 28.26 -31.23
N LYS D 55 29.14 27.52 -32.30
CA LYS D 55 29.72 26.19 -32.11
C LYS D 55 31.17 26.24 -31.63
N CYS D 56 31.95 27.23 -32.08
CA CYS D 56 33.29 27.41 -31.52
C CYS D 56 33.23 27.77 -30.04
N LEU D 57 32.25 28.60 -29.67
CA LEU D 57 32.05 28.92 -28.26
C LEU D 57 31.68 27.66 -27.47
N ILE D 58 30.84 26.79 -28.04
CA ILE D 58 30.52 25.53 -27.41
C ILE D 58 31.77 24.68 -27.21
N SER D 59 32.62 24.60 -28.24
CA SER D 59 33.82 23.77 -28.14
C SER D 59 34.79 24.30 -27.09
N LEU D 60 34.95 25.63 -27.01
CA LEU D 60 35.79 26.20 -25.96
C LEU D 60 35.24 25.90 -24.58
N SER D 61 33.93 26.03 -24.40
CA SER D 61 33.33 25.67 -23.12
C SER D 61 33.59 24.21 -22.80
N THR D 62 33.53 23.34 -23.80
CA THR D 62 33.77 21.91 -23.58
C THR D 62 35.20 21.64 -23.17
N ILE D 63 36.16 22.34 -23.79
CA ILE D 63 37.56 22.16 -23.40
C ILE D 63 37.78 22.59 -21.96
N ILE D 64 37.23 23.75 -21.59
CA ILE D 64 37.38 24.21 -20.21
C ILE D 64 36.70 23.24 -19.24
N LEU D 65 35.54 22.69 -19.64
CA LEU D 65 34.85 21.73 -18.80
C LEU D 65 35.66 20.46 -18.59
N LEU D 66 36.29 19.96 -19.65
CA LEU D 66 37.12 18.76 -19.51
C LEU D 66 38.30 19.03 -18.61
N GLY D 67 38.94 20.20 -18.76
CA GLY D 67 40.02 20.55 -17.87
C GLY D 67 39.57 20.62 -16.42
N LEU D 68 38.39 21.21 -16.18
CA LEU D 68 37.87 21.32 -14.83
C LEU D 68 37.58 19.96 -14.23
N ILE D 69 37.05 19.02 -15.03
CA ILE D 69 36.79 17.68 -14.53
C ILE D 69 38.09 16.96 -14.20
N ILE D 70 39.11 17.10 -15.05
CA ILE D 70 40.38 16.45 -14.76
C ILE D 70 41.00 16.99 -13.49
N VAL D 71 40.96 18.31 -13.30
CA VAL D 71 41.50 18.89 -12.07
C VAL D 71 40.67 18.47 -10.86
N TYR D 72 39.36 18.35 -11.02
CA TYR D 72 38.52 17.88 -9.93
C TYR D 72 38.93 16.48 -9.51
N HIS D 73 39.18 15.60 -10.48
CA HIS D 73 39.56 14.23 -10.13
C HIS D 73 40.97 14.17 -9.55
N ALA D 74 41.85 15.09 -9.96
CA ALA D 74 43.14 15.20 -9.31
C ALA D 74 42.98 15.58 -7.84
N ARG D 75 42.09 16.52 -7.55
CA ARG D 75 41.83 16.89 -6.16
C ARG D 75 41.18 15.74 -5.38
N GLU D 76 40.32 14.97 -6.04
CA GLU D 76 39.74 13.78 -5.41
C GLU D 76 40.84 12.79 -5.02
N ILE D 77 41.77 12.52 -5.93
CA ILE D 77 42.84 11.57 -5.64
C ILE D 77 43.74 12.10 -4.54
N GLN D 78 44.01 13.41 -4.54
CA GLN D 78 44.82 14.00 -3.49
C GLN D 78 44.14 13.87 -2.13
N LEU D 79 42.83 14.13 -2.07
CA LEU D 79 42.09 13.95 -0.84
C LEU D 79 42.06 12.49 -0.41
N PHE D 80 41.98 11.57 -1.37
CA PHE D 80 42.06 10.15 -1.06
C PHE D 80 43.40 9.80 -0.42
N MET D 81 44.49 10.33 -0.97
CA MET D 81 45.80 10.10 -0.38
C MET D 81 45.86 10.65 1.03
N VAL D 82 45.29 11.84 1.24
CA VAL D 82 45.29 12.42 2.59
C VAL D 82 44.52 11.55 3.56
N ASP D 83 43.34 11.05 3.14
CA ASP D 83 42.50 10.28 4.05
C ASP D 83 43.07 8.91 4.33
N ASN D 84 43.24 8.09 3.30
CA ASN D 84 43.67 6.71 3.52
C ASN D 84 45.18 6.61 3.62
N GLY D 85 45.80 7.54 4.36
CA GLY D 85 47.20 7.49 4.72
C GLY D 85 48.15 6.98 3.66
N ALA D 86 47.95 7.40 2.42
CA ALA D 86 48.73 6.90 1.29
C ALA D 86 49.71 7.98 0.83
N ASP D 87 50.86 7.54 0.32
CA ASP D 87 51.86 8.45 -0.22
C ASP D 87 52.00 8.33 -1.73
N ASP D 88 51.45 7.29 -2.34
CA ASP D 88 51.51 7.09 -3.77
C ASP D 88 50.11 7.25 -4.36
N TRP D 89 49.99 8.12 -5.36
CA TRP D 89 48.68 8.30 -5.99
C TRP D 89 48.23 7.08 -6.76
N ARG D 90 49.17 6.22 -7.16
CA ARG D 90 48.81 5.05 -7.95
C ARG D 90 48.00 4.02 -7.16
N ILE D 91 47.93 4.17 -5.83
CA ILE D 91 47.05 3.32 -5.04
C ILE D 91 45.59 3.63 -5.34
N ALA D 92 45.28 4.89 -5.60
CA ALA D 92 43.90 5.30 -5.85
C ALA D 92 43.38 4.78 -7.18
N MET D 93 44.26 4.43 -8.11
CA MET D 93 43.87 4.14 -9.49
C MET D 93 43.40 2.70 -9.62
N THR D 94 42.19 2.45 -9.11
CA THR D 94 41.55 1.17 -9.35
C THR D 94 40.88 1.17 -10.72
N TYR D 95 40.43 -0.01 -11.14
CA TYR D 95 39.76 -0.11 -12.44
C TYR D 95 38.43 0.62 -12.43
N GLU D 96 37.70 0.56 -11.32
CA GLU D 96 36.42 1.25 -11.22
C GLU D 96 36.60 2.77 -11.35
N ARG D 97 37.59 3.31 -10.63
CA ARG D 97 37.82 4.75 -10.68
C ARG D 97 38.24 5.20 -12.06
N ILE D 98 39.13 4.44 -12.71
CA ILE D 98 39.56 4.79 -14.06
C ILE D 98 38.38 4.74 -15.02
N PHE D 99 37.55 3.70 -14.91
CA PHE D 99 36.41 3.58 -15.79
C PHE D 99 35.44 4.73 -15.60
N PHE D 100 35.20 5.14 -14.36
CA PHE D 100 34.24 6.21 -14.12
C PHE D 100 34.79 7.56 -14.58
N ILE D 101 36.09 7.79 -14.41
CA ILE D 101 36.70 9.00 -14.94
C ILE D 101 36.58 9.04 -16.46
N CYS D 102 36.86 7.90 -17.11
CA CYS D 102 36.76 7.84 -18.56
C CYS D 102 35.33 8.05 -19.03
N LEU D 103 34.36 7.45 -18.33
CA LEU D 103 32.96 7.65 -18.68
C LEU D 103 32.56 9.10 -18.54
N GLU D 104 33.03 9.76 -17.47
CA GLU D 104 32.70 11.16 -17.26
C GLU D 104 33.29 12.04 -18.36
N ILE D 105 34.53 11.76 -18.75
CA ILE D 105 35.14 12.53 -19.83
C ILE D 105 34.44 12.27 -21.16
N LEU D 106 34.06 11.03 -21.43
CA LEU D 106 33.33 10.71 -22.65
C LEU D 106 31.98 11.42 -22.69
N VAL D 107 31.25 11.41 -21.58
CA VAL D 107 29.95 12.07 -21.52
C VAL D 107 30.11 13.57 -21.72
N CYS D 108 31.10 14.17 -21.08
CA CYS D 108 31.26 15.61 -21.16
C CYS D 108 32.03 16.06 -22.40
N ALA D 109 32.50 15.14 -23.23
CA ALA D 109 33.23 15.51 -24.43
C ALA D 109 32.33 15.59 -25.66
N ILE D 110 31.13 15.04 -25.61
CA ILE D 110 30.23 15.06 -26.76
C ILE D 110 29.63 16.44 -26.90
N HIS D 111 29.76 17.02 -28.09
CA HIS D 111 29.22 18.33 -28.40
C HIS D 111 29.23 18.49 -29.91
N PRO D 112 28.40 19.39 -30.46
CA PRO D 112 28.44 19.61 -31.91
C PRO D 112 29.70 20.35 -32.36
N ILE D 113 30.61 19.62 -32.98
CA ILE D 113 31.90 20.18 -33.42
C ILE D 113 31.66 21.16 -34.55
N PRO D 114 32.48 22.21 -34.68
CA PRO D 114 32.31 23.15 -35.79
C PRO D 114 32.47 22.46 -37.14
N GLY D 115 31.67 22.90 -38.11
CA GLY D 115 31.67 22.29 -39.42
C GLY D 115 30.28 22.21 -40.01
N ASN D 116 30.15 21.67 -41.21
CA ASN D 116 28.87 21.52 -41.90
C ASN D 116 28.81 20.10 -42.43
N TYR D 117 28.33 19.18 -41.59
CA TYR D 117 28.23 17.77 -41.93
C TYR D 117 26.76 17.36 -41.92
N THR D 118 26.34 16.68 -42.97
CA THR D 118 24.95 16.27 -43.12
C THR D 118 24.88 14.77 -43.40
N PHE D 119 23.74 14.18 -43.06
CA PHE D 119 23.50 12.77 -43.32
C PHE D 119 22.06 12.59 -43.76
N THR D 120 21.77 11.42 -44.33
CA THR D 120 20.45 11.11 -44.85
C THR D 120 19.64 10.41 -43.78
N TRP D 121 18.43 10.92 -43.55
CA TRP D 121 17.55 10.42 -42.49
C TRP D 121 16.24 9.97 -43.12
N THR D 122 15.88 8.71 -42.92
CA THR D 122 14.64 8.16 -43.44
C THR D 122 13.78 7.65 -42.30
N ALA D 123 12.53 8.10 -42.27
CA ALA D 123 11.59 7.69 -41.23
C ALA D 123 10.23 7.42 -41.85
N ARG D 124 9.46 6.57 -41.19
CA ARG D 124 8.12 6.22 -41.63
C ARG D 124 7.12 7.04 -40.82
N LEU D 125 6.25 7.77 -41.52
CA LEU D 125 5.31 8.66 -40.86
C LEU D 125 4.28 7.86 -40.07
N ALA D 126 3.79 8.48 -39.01
CA ALA D 126 2.81 7.83 -38.15
C ALA D 126 1.42 7.92 -38.77
N PHE D 127 0.65 6.85 -38.61
CA PHE D 127 -0.76 6.77 -38.97
C PHE D 127 -0.97 6.73 -40.47
N SER D 128 0.07 7.04 -41.25
CA SER D 128 -0.02 6.97 -42.70
C SER D 128 1.01 6.04 -43.30
N TYR D 129 2.05 5.68 -42.55
CA TYR D 129 3.03 4.68 -42.96
C TYR D 129 3.70 5.08 -44.27
N ALA D 130 3.86 6.36 -44.49
CA ALA D 130 4.53 6.88 -45.66
C ALA D 130 5.98 7.20 -45.34
N PRO D 131 6.91 6.95 -46.24
CA PRO D 131 8.31 7.28 -45.98
C PRO D 131 8.55 8.78 -46.03
N SER D 132 9.64 9.20 -45.38
CA SER D 132 10.10 10.58 -45.39
C SER D 132 11.61 10.60 -45.39
N THR D 133 12.21 11.18 -46.42
CA THR D 133 13.65 11.29 -46.52
C THR D 133 14.05 12.76 -46.42
N THR D 134 14.95 13.06 -45.50
CA THR D 134 15.51 14.40 -45.36
C THR D 134 17.01 14.30 -45.23
N THR D 135 17.71 15.37 -45.59
CA THR D 135 19.14 15.48 -45.36
C THR D 135 19.33 16.30 -44.09
N ALA D 136 19.63 15.61 -42.99
CA ALA D 136 19.74 16.22 -41.67
C ALA D 136 21.20 16.50 -41.36
N ASP D 137 21.43 17.56 -40.58
CA ASP D 137 22.77 17.85 -40.12
C ASP D 137 23.16 16.89 -39.01
N VAL D 138 24.46 16.56 -38.96
CA VAL D 138 24.95 15.64 -37.95
C VAL D 138 24.86 16.24 -36.55
N ASP D 139 24.77 17.56 -36.46
CA ASP D 139 24.84 18.22 -35.16
C ASP D 139 23.73 17.83 -34.21
N ILE D 140 22.62 17.28 -34.71
CA ILE D 140 21.55 16.89 -33.80
C ILE D 140 21.95 15.66 -32.97
N ILE D 141 22.64 14.71 -33.61
CA ILE D 141 23.11 13.51 -32.93
C ILE D 141 24.13 13.87 -31.86
N LEU D 142 24.83 14.97 -32.03
CA LEU D 142 25.82 15.41 -31.06
C LEU D 142 25.25 16.39 -30.05
N SER D 143 24.14 17.03 -30.36
CA SER D 143 23.50 17.95 -29.43
C SER D 143 22.65 17.22 -28.40
N ILE D 144 21.86 16.24 -28.81
CA ILE D 144 20.91 15.62 -27.88
C ILE D 144 21.61 14.97 -26.69
N PRO D 145 22.68 14.19 -26.85
CA PRO D 145 23.35 13.61 -25.68
C PRO D 145 24.09 14.61 -24.81
N MET D 146 24.03 15.92 -25.11
CA MET D 146 24.62 16.91 -24.22
C MET D 146 23.82 17.06 -22.94
N PHE D 147 22.55 16.64 -22.93
CA PHE D 147 21.76 16.67 -21.72
C PHE D 147 22.24 15.69 -20.67
N LEU D 148 23.14 14.78 -21.03
CA LEU D 148 23.70 13.86 -20.06
C LEU D 148 24.61 14.55 -19.05
N ARG D 149 24.98 15.80 -19.29
CA ARG D 149 25.81 16.60 -18.41
C ARG D 149 25.11 17.01 -17.17
N LEU D 150 23.89 16.56 -16.90
CA LEU D 150 23.15 17.03 -15.73
C LEU D 150 23.49 16.25 -14.47
N TYR D 151 24.35 15.24 -14.53
CA TYR D 151 24.86 14.60 -13.32
C TYR D 151 25.70 15.57 -12.49
N LEU D 152 26.24 16.61 -13.12
CA LEU D 152 26.99 17.60 -12.38
C LEU D 152 26.10 18.31 -11.37
N ILE D 153 24.80 18.38 -11.65
CA ILE D 153 23.85 18.92 -10.68
C ILE D 153 23.83 18.05 -9.43
N ALA D 154 23.82 16.73 -9.61
CA ALA D 154 23.85 15.83 -8.46
C ALA D 154 25.15 15.97 -7.70
N ARG D 155 26.26 16.12 -8.42
CA ARG D 155 27.54 16.31 -7.74
C ARG D 155 27.55 17.58 -6.89
N VAL D 156 27.05 18.68 -7.45
CA VAL D 156 26.98 19.93 -6.70
C VAL D 156 26.03 19.80 -5.52
N MET D 157 24.92 19.09 -5.72
CA MET D 157 23.96 18.90 -4.64
C MET D 157 24.58 18.13 -3.47
N LEU D 158 25.35 17.10 -3.77
CA LEU D 158 26.05 16.38 -2.70
C LEU D 158 27.06 17.27 -2.01
N LEU D 159 27.84 18.02 -2.79
CA LEU D 159 28.94 18.78 -2.19
C LEU D 159 28.46 20.01 -1.42
N HIS D 160 27.28 20.53 -1.73
CA HIS D 160 26.73 21.65 -1.00
C HIS D 160 25.83 21.22 0.15
N SER D 161 25.63 19.92 0.33
CA SER D 161 24.76 19.43 1.39
C SER D 161 25.36 19.71 2.76
N LYS D 162 24.49 20.02 3.72
CA LYS D 162 24.95 20.22 5.09
C LYS D 162 25.28 18.89 5.76
N LEU D 163 24.53 17.83 5.44
CA LEU D 163 24.79 16.52 6.04
C LEU D 163 26.18 16.04 5.71
N PHE D 164 26.62 16.23 4.47
CA PHE D 164 27.90 15.71 4.02
C PHE D 164 29.07 16.47 4.63
N THR D 165 28.87 17.73 5.00
CA THR D 165 29.98 18.58 5.43
C THR D 165 29.96 18.92 6.92
N ASP D 166 28.81 18.84 7.58
CA ASP D 166 28.71 19.24 8.98
C ASP D 166 29.51 18.31 9.86
N ALA D 167 30.14 18.88 10.89
CA ALA D 167 30.87 18.07 11.86
C ALA D 167 29.93 17.34 12.82
N SER D 168 28.84 17.99 13.21
CA SER D 168 27.89 17.37 14.11
C SER D 168 27.25 16.14 13.46
N SER D 169 26.85 16.27 12.19
CA SER D 169 26.25 15.16 11.49
C SER D 169 27.23 14.00 11.33
N ARG D 170 28.48 14.29 11.00
CA ARG D 170 29.48 13.24 10.86
C ARG D 170 29.72 12.54 12.20
N SER D 171 29.82 13.31 13.28
CA SER D 171 30.04 12.71 14.59
C SER D 171 28.87 11.82 14.99
N ILE D 172 27.65 12.25 14.72
CA ILE D 172 26.48 11.43 15.09
C ILE D 172 26.39 10.20 14.20
N GLY D 173 26.63 10.35 12.90
CA GLY D 173 26.54 9.23 11.98
C GLY D 173 27.65 8.22 12.12
N ALA D 174 28.78 8.62 12.69
CA ALA D 174 29.83 7.64 12.99
C ALA D 174 29.37 6.64 14.05
N LEU D 175 28.46 7.04 14.94
CA LEU D 175 27.98 6.11 15.95
C LEU D 175 27.10 5.02 15.35
N ASN D 176 26.29 5.36 14.35
CA ASN D 176 25.46 4.39 13.65
C ASN D 176 26.12 3.85 12.40
N LYS D 177 27.34 4.29 12.09
CA LYS D 177 28.08 3.82 10.93
C LYS D 177 27.30 4.06 9.64
N ILE D 178 26.74 5.26 9.55
CA ILE D 178 26.02 5.69 8.35
C ILE D 178 27.01 6.00 7.25
N ASN D 179 26.68 5.60 6.02
CA ASN D 179 27.51 5.88 4.85
C ASN D 179 26.99 7.16 4.20
N PHE D 180 27.76 8.24 4.31
CA PHE D 180 27.36 9.54 3.80
C PHE D 180 27.74 9.64 2.33
N ASN D 181 26.82 9.24 1.46
CA ASN D 181 27.05 9.31 0.02
C ASN D 181 25.89 9.99 -0.68
N THR D 182 25.89 9.98 -2.00
CA THR D 182 24.81 10.64 -2.74
C THR D 182 23.48 9.96 -2.51
N ARG D 183 23.48 8.64 -2.37
CA ARG D 183 22.24 7.91 -2.12
C ARG D 183 21.59 8.34 -0.81
N PHE D 184 22.40 8.51 0.23
CA PHE D 184 21.84 8.92 1.53
C PHE D 184 21.21 10.30 1.45
N VAL D 185 21.87 11.25 0.78
CA VAL D 185 21.32 12.58 0.66
C VAL D 185 20.04 12.58 -0.17
N MET D 186 20.02 11.79 -1.24
CA MET D 186 18.82 11.69 -2.07
C MET D 186 17.66 11.10 -1.28
N LYS D 187 17.91 10.05 -0.49
CA LYS D 187 16.85 9.46 0.29
C LYS D 187 16.38 10.39 1.39
N THR D 188 17.29 11.16 1.98
CA THR D 188 16.89 12.15 2.97
C THR D 188 15.98 13.21 2.36
N LEU D 189 16.32 13.70 1.17
CA LEU D 189 15.46 14.66 0.49
C LEU D 189 14.11 14.06 0.15
N MET D 190 14.09 12.81 -0.33
CA MET D 190 12.82 12.15 -0.61
C MET D 190 12.03 11.89 0.66
N THR D 191 12.67 11.94 1.83
CA THR D 191 11.94 11.79 3.08
C THR D 191 11.37 13.12 3.58
N ILE D 192 12.15 14.19 3.57
CA ILE D 192 11.66 15.44 4.14
C ILE D 192 10.75 16.18 3.17
N CYS D 193 11.16 16.28 1.90
CA CYS D 193 10.45 17.07 0.90
C CYS D 193 10.19 16.22 -0.32
N PRO D 194 9.29 15.23 -0.23
CA PRO D 194 9.06 14.36 -1.39
C PRO D 194 8.29 15.05 -2.50
N GLY D 195 7.26 15.82 -2.16
CA GLY D 195 6.49 16.50 -3.17
C GLY D 195 7.29 17.52 -3.95
N THR D 196 8.13 18.29 -3.26
CA THR D 196 8.96 19.27 -3.94
C THR D 196 9.97 18.61 -4.86
N VAL D 197 10.60 17.53 -4.40
CA VAL D 197 11.58 16.82 -5.23
C VAL D 197 10.91 16.27 -6.47
N LEU D 198 9.76 15.62 -6.30
CA LEU D 198 9.05 15.05 -7.44
C LEU D 198 8.55 16.14 -8.38
N LEU D 199 8.11 17.27 -7.84
CA LEU D 199 7.64 18.37 -8.68
C LEU D 199 8.78 18.94 -9.52
N VAL D 200 9.92 19.22 -8.90
CA VAL D 200 11.05 19.77 -9.64
C VAL D 200 11.52 18.78 -10.70
N PHE D 201 11.65 17.51 -10.33
CA PHE D 201 12.08 16.50 -11.28
C PHE D 201 11.11 16.39 -12.45
N SER D 202 9.81 16.41 -12.17
CA SER D 202 8.81 16.25 -13.22
C SER D 202 8.78 17.45 -14.15
N ILE D 203 8.87 18.67 -13.61
CA ILE D 203 8.82 19.85 -14.48
C ILE D 203 10.06 19.93 -15.36
N SER D 204 11.24 19.66 -14.77
CA SER D 204 12.46 19.68 -15.58
C SER D 204 12.45 18.58 -16.65
N LEU D 205 12.02 17.37 -16.29
CA LEU D 205 11.89 16.30 -17.28
C LEU D 205 10.89 16.69 -18.36
N TRP D 206 9.79 17.31 -17.97
CA TRP D 206 8.77 17.71 -18.95
C TRP D 206 9.36 18.65 -19.99
N ILE D 207 10.01 19.72 -19.54
CA ILE D 207 10.53 20.69 -20.49
C ILE D 207 11.66 20.10 -21.33
N ILE D 208 12.58 19.36 -20.70
CA ILE D 208 13.70 18.79 -21.44
C ILE D 208 13.21 17.80 -22.48
N ALA D 209 12.28 16.92 -22.07
CA ALA D 209 11.79 15.88 -22.97
C ALA D 209 10.97 16.46 -24.10
N ALA D 210 10.13 17.47 -23.82
CA ALA D 210 9.38 18.12 -24.88
C ALA D 210 10.30 18.81 -25.88
N TRP D 211 11.34 19.49 -25.38
CA TRP D 211 12.26 20.15 -26.30
C TRP D 211 13.00 19.14 -27.16
N THR D 212 13.49 18.05 -26.57
CA THR D 212 14.21 17.07 -27.37
C THR D 212 13.29 16.33 -28.32
N VAL D 213 12.03 16.13 -27.95
CA VAL D 213 11.07 15.55 -28.88
C VAL D 213 10.90 16.45 -30.09
N ARG D 214 10.72 17.75 -29.87
CA ARG D 214 10.52 18.63 -31.03
C ARG D 214 11.79 18.78 -31.84
N ALA D 215 12.95 18.76 -31.19
CA ALA D 215 14.21 18.84 -31.92
C ALA D 215 14.42 17.63 -32.82
N CYS D 216 14.01 16.45 -32.36
CA CYS D 216 14.09 15.27 -33.21
C CYS D 216 12.98 15.26 -34.26
N GLU D 217 11.78 15.71 -33.91
CA GLU D 217 10.63 15.57 -34.79
C GLU D 217 10.56 16.64 -35.87
N ARG D 218 11.27 17.76 -35.71
CA ARG D 218 11.12 18.85 -36.66
C ARG D 218 11.64 18.49 -38.04
N TYR D 219 12.42 17.42 -38.17
CA TYR D 219 12.99 17.06 -39.46
C TYR D 219 11.97 16.39 -40.37
N HIS D 220 11.09 15.58 -39.82
CA HIS D 220 10.12 14.83 -40.60
C HIS D 220 8.69 15.33 -40.41
N ASP D 221 8.53 16.47 -39.76
CA ASP D 221 7.22 17.06 -39.47
C ASP D 221 7.07 18.32 -40.28
N GLN D 222 6.20 18.30 -41.28
CA GLN D 222 5.86 19.49 -42.05
C GLN D 222 4.39 19.86 -41.87
N GLN D 223 3.81 19.46 -40.75
CA GLN D 223 2.41 19.71 -40.47
C GLN D 223 2.20 20.33 -39.09
N ASP D 224 3.26 20.64 -38.37
CA ASP D 224 3.20 21.35 -37.10
C ASP D 224 2.37 20.57 -36.08
N VAL D 225 2.84 19.35 -35.78
CA VAL D 225 2.12 18.46 -34.88
C VAL D 225 3.02 18.12 -33.69
N THR D 226 4.11 17.42 -33.95
CA THR D 226 5.06 17.03 -32.91
C THR D 226 6.27 17.95 -32.87
N SER D 227 6.52 18.73 -33.91
CA SER D 227 7.52 19.78 -33.89
C SER D 227 7.02 21.04 -33.21
N ASN D 228 5.73 21.12 -32.87
CA ASN D 228 5.20 22.22 -32.09
C ASN D 228 5.61 22.03 -30.64
N PHE D 229 6.16 23.07 -30.02
CA PHE D 229 6.63 22.93 -28.64
C PHE D 229 5.49 22.64 -27.68
N LEU D 230 4.36 23.33 -27.86
CA LEU D 230 3.22 23.13 -26.97
C LEU D 230 2.59 21.76 -27.20
N GLY D 231 2.54 21.31 -28.44
CA GLY D 231 2.10 19.96 -28.73
C GLY D 231 3.02 18.91 -28.16
N ALA D 232 4.32 19.16 -28.21
CA ALA D 232 5.27 18.23 -27.58
C ALA D 232 5.10 18.21 -26.07
N MET D 233 4.82 19.36 -25.47
CA MET D 233 4.54 19.39 -24.03
C MET D 233 3.32 18.54 -23.70
N TRP D 234 2.25 18.68 -24.50
CA TRP D 234 1.07 17.86 -24.27
C TRP D 234 1.35 16.37 -24.46
N LEU D 235 2.13 16.03 -25.49
CA LEU D 235 2.47 14.63 -25.74
C LEU D 235 3.23 14.04 -24.56
N ILE D 236 4.21 14.78 -24.05
CA ILE D 236 4.99 14.29 -22.92
C ILE D 236 4.09 14.13 -21.69
N SER D 237 3.16 15.06 -21.49
CA SER D 237 2.29 14.98 -20.33
C SER D 237 1.36 13.77 -20.41
N ILE D 238 0.85 13.45 -21.60
CA ILE D 238 -0.10 12.34 -21.70
C ILE D 238 0.58 10.99 -21.82
N THR D 239 1.86 10.92 -22.20
CA THR D 239 2.58 9.66 -22.06
C THR D 239 3.10 9.45 -20.66
N PHE D 240 3.43 10.54 -19.96
CA PHE D 240 3.80 10.45 -18.55
C PHE D 240 2.65 9.87 -17.73
N LEU D 241 1.43 10.32 -18.03
CA LEU D 241 0.25 9.92 -17.27
C LEU D 241 -0.36 8.61 -17.76
N SER D 242 0.18 8.05 -18.84
CA SER D 242 -0.25 6.81 -19.48
C SER D 242 -1.66 6.89 -20.03
N ILE D 243 -2.17 8.09 -20.30
CA ILE D 243 -3.40 8.19 -21.08
C ILE D 243 -3.16 7.71 -22.50
N GLY D 244 -2.06 8.13 -23.09
CA GLY D 244 -1.63 7.63 -24.38
C GLY D 244 -1.52 8.73 -25.41
N TYR D 245 -0.87 8.39 -26.50
CA TYR D 245 -0.76 9.28 -27.64
C TYR D 245 -2.15 9.59 -28.16
N GLY D 246 -2.35 10.80 -28.62
CA GLY D 246 -3.61 11.09 -29.27
C GLY D 246 -3.43 10.78 -30.74
N ASP D 247 -3.40 11.83 -31.55
CA ASP D 247 -2.83 11.77 -32.89
C ASP D 247 -1.38 12.22 -32.91
N MET D 248 -0.70 12.09 -31.77
CA MET D 248 0.61 12.67 -31.54
C MET D 248 1.71 11.61 -31.54
N VAL D 249 1.58 10.59 -32.36
CA VAL D 249 2.63 9.57 -32.38
C VAL D 249 3.88 10.14 -33.03
N PRO D 250 5.06 9.95 -32.46
CA PRO D 250 6.29 10.44 -33.10
C PRO D 250 6.56 9.73 -34.42
N ASN D 251 7.11 10.48 -35.37
CA ASN D 251 7.52 9.92 -36.65
C ASN D 251 8.91 9.31 -36.60
N THR D 252 9.68 9.56 -35.55
CA THR D 252 11.07 9.15 -35.47
C THR D 252 11.27 8.24 -34.27
N TYR D 253 12.29 7.39 -34.36
CA TYR D 253 12.64 6.52 -33.23
C TYR D 253 13.24 7.30 -32.07
N CYS D 254 13.81 8.47 -32.34
CA CYS D 254 14.24 9.34 -31.25
C CYS D 254 13.05 9.81 -30.43
N GLY D 255 11.98 10.25 -31.09
CA GLY D 255 10.78 10.64 -30.37
C GLY D 255 10.14 9.49 -29.64
N LYS D 256 10.11 8.31 -30.28
CA LYS D 256 9.55 7.13 -29.62
C LYS D 256 10.37 6.74 -28.39
N GLY D 257 11.69 6.83 -28.49
CA GLY D 257 12.52 6.53 -27.33
C GLY D 257 12.31 7.52 -26.20
N VAL D 258 12.17 8.81 -26.53
CA VAL D 258 11.91 9.81 -25.50
C VAL D 258 10.56 9.56 -24.85
N CYS D 259 9.55 9.21 -25.66
CA CYS D 259 8.23 8.93 -25.11
C CYS D 259 8.23 7.68 -24.24
N LEU D 260 8.98 6.65 -24.63
CA LEU D 260 9.11 5.46 -23.80
C LEU D 260 9.80 5.77 -22.48
N LEU D 261 10.86 6.56 -22.52
CA LEU D 261 11.54 6.95 -21.29
C LEU D 261 10.62 7.77 -20.39
N THR D 262 9.83 8.66 -20.99
CA THR D 262 8.83 9.42 -20.23
C THR D 262 7.79 8.51 -19.60
N GLY D 263 7.31 7.51 -20.34
CA GLY D 263 6.35 6.58 -19.79
C GLY D 263 6.90 5.74 -18.66
N ILE D 264 8.14 5.26 -18.79
CA ILE D 264 8.77 4.53 -17.71
C ILE D 264 8.92 5.41 -16.48
N MET D 265 9.38 6.65 -16.66
CA MET D 265 9.53 7.55 -15.53
C MET D 265 8.18 7.86 -14.89
N GLY D 266 7.15 8.05 -15.71
CA GLY D 266 5.83 8.37 -15.18
C GLY D 266 5.22 7.23 -14.39
N ALA D 267 5.42 6.00 -14.86
CA ALA D 267 4.85 4.85 -14.18
C ALA D 267 5.26 4.78 -12.71
N GLY D 268 6.46 5.28 -12.39
CA GLY D 268 6.92 5.26 -11.02
C GLY D 268 6.68 6.58 -10.29
N CYS D 269 6.88 7.69 -11.00
CA CYS D 269 6.70 8.99 -10.38
C CYS D 269 5.25 9.22 -9.99
N THR D 270 4.31 8.76 -10.81
CA THR D 270 2.89 8.92 -10.48
C THR D 270 2.54 8.18 -9.20
N ALA D 271 3.01 6.95 -9.06
CA ALA D 271 2.72 6.17 -7.87
C ALA D 271 3.36 6.79 -6.63
N LEU D 272 4.59 7.29 -6.77
CA LEU D 272 5.23 7.96 -5.65
C LEU D 272 4.47 9.21 -5.23
N VAL D 273 4.03 10.00 -6.21
CA VAL D 273 3.25 11.22 -5.92
C VAL D 273 1.95 10.87 -5.23
N VAL D 274 1.30 9.80 -5.69
CA VAL D 274 0.03 9.40 -5.09
C VAL D 274 0.24 8.96 -3.65
N ALA D 275 1.33 8.24 -3.37
CA ALA D 275 1.63 7.87 -1.99
C ALA D 275 1.86 9.11 -1.14
N VAL D 276 2.56 10.12 -1.69
CA VAL D 276 2.79 11.36 -0.95
C VAL D 276 1.45 12.04 -0.61
N VAL D 277 0.56 12.13 -1.59
CA VAL D 277 -0.73 12.78 -1.37
C VAL D 277 -1.55 12.02 -0.35
N ALA D 278 -1.57 10.69 -0.45
CA ALA D 278 -2.29 9.88 0.52
C ALA D 278 -1.77 10.09 1.93
N ARG D 279 -0.45 10.17 2.08
CA ARG D 279 0.12 10.45 3.40
C ARG D 279 -0.26 11.84 3.89
N LYS D 280 -0.28 12.83 2.98
CA LYS D 280 -0.58 14.19 3.39
C LYS D 280 -2.05 14.43 3.67
N LEU D 281 -2.93 13.53 3.24
CA LEU D 281 -4.34 13.62 3.58
C LEU D 281 -4.69 12.92 4.89
N GLU D 282 -3.71 12.37 5.58
CA GLU D 282 -3.93 11.61 6.80
C GLU D 282 -3.84 12.52 8.01
N LEU D 283 -4.69 12.25 9.00
CA LEU D 283 -4.71 13.05 10.22
C LEU D 283 -3.47 12.78 11.07
N THR D 284 -3.01 13.82 11.74
CA THR D 284 -1.93 13.68 12.71
C THR D 284 -2.43 12.90 13.92
N LYS D 285 -1.49 12.37 14.71
CA LYS D 285 -1.87 11.57 15.87
C LYS D 285 -2.71 12.39 16.85
N ALA D 286 -2.31 13.63 17.12
CA ALA D 286 -3.11 14.49 17.99
C ALA D 286 -4.47 14.78 17.39
N GLU D 287 -4.52 15.05 16.09
CA GLU D 287 -5.79 15.27 15.41
C GLU D 287 -6.64 14.00 15.44
N LYS D 288 -6.00 12.84 15.34
CA LYS D 288 -6.74 11.59 15.47
C LYS D 288 -7.36 11.47 16.85
N HIS D 289 -6.61 11.79 17.91
CA HIS D 289 -7.15 11.71 19.26
C HIS D 289 -8.34 12.64 19.43
N VAL D 290 -8.22 13.88 18.96
CA VAL D 290 -9.31 14.84 19.09
C VAL D 290 -10.53 14.35 18.33
N HIS D 291 -10.34 13.87 17.11
CA HIS D 291 -11.46 13.41 16.30
C HIS D 291 -12.15 12.22 16.94
N ASN D 292 -11.39 11.27 17.47
CA ASN D 292 -12.00 10.12 18.14
C ASN D 292 -12.78 10.56 19.36
N PHE D 293 -12.26 11.51 20.12
CA PHE D 293 -12.98 12.04 21.27
C PHE D 293 -14.31 12.63 20.87
N MET D 294 -14.31 13.52 19.87
CA MET D 294 -15.55 14.16 19.48
C MET D 294 -16.54 13.17 18.89
N MET D 295 -16.06 12.21 18.10
CA MET D 295 -16.95 11.19 17.54
C MET D 295 -17.56 10.33 18.64
N ASP D 296 -16.77 9.97 19.65
CA ASP D 296 -17.31 9.19 20.76
C ASP D 296 -18.38 9.96 21.51
N THR D 297 -18.19 11.28 21.67
CA THR D 297 -19.23 12.09 22.28
C THR D 297 -20.52 12.04 21.47
N GLN D 298 -20.43 12.21 20.15
CA GLN D 298 -21.63 12.17 19.33
C GLN D 298 -22.29 10.80 19.37
N LEU D 299 -21.49 9.73 19.35
CA LEU D 299 -22.05 8.39 19.45
C LEU D 299 -22.77 8.16 20.77
N THR D 300 -22.22 8.66 21.87
CA THR D 300 -22.93 8.54 23.14
C THR D 300 -24.27 9.26 23.10
N LYS D 301 -24.29 10.46 22.53
CA LYS D 301 -25.55 11.20 22.42
C LYS D 301 -26.57 10.43 21.59
N ARG D 302 -26.13 9.86 20.47
CA ARG D 302 -27.05 9.13 19.60
C ARG D 302 -27.54 7.85 20.26
N VAL D 303 -26.69 7.18 21.03
CA VAL D 303 -27.11 5.99 21.77
C VAL D 303 -28.22 6.36 22.74
N LYS D 304 -28.03 7.47 23.47
CA LYS D 304 -29.07 7.90 24.41
C LYS D 304 -30.38 8.20 23.69
N ASN D 305 -30.31 8.89 22.55
CA ASN D 305 -31.52 9.18 21.80
C ASN D 305 -32.23 7.91 21.35
N ALA D 306 -31.47 6.95 20.83
CA ALA D 306 -32.07 5.71 20.34
C ALA D 306 -32.74 4.93 21.46
N ALA D 307 -32.08 4.84 22.62
CA ALA D 307 -32.68 4.13 23.74
C ALA D 307 -33.95 4.83 24.22
N ALA D 308 -33.94 6.17 24.23
CA ALA D 308 -35.15 6.89 24.60
C ALA D 308 -36.29 6.59 23.64
N ASN D 309 -36.00 6.55 22.34
CA ASN D 309 -37.05 6.21 21.38
C ASN D 309 -37.56 4.80 21.58
N VAL D 310 -36.67 3.86 21.89
CA VAL D 310 -37.11 2.49 22.15
C VAL D 310 -38.11 2.46 23.30
N LEU D 311 -37.75 3.10 24.42
CA LEU D 311 -38.64 3.10 25.58
C LEU D 311 -39.95 3.81 25.27
N ARG D 312 -39.89 4.94 24.56
CA ARG D 312 -41.10 5.67 24.23
C ARG D 312 -42.05 4.83 23.39
N GLU D 313 -41.52 4.14 22.38
CA GLU D 313 -42.39 3.35 21.52
C GLU D 313 -42.93 2.14 22.25
N THR D 314 -42.15 1.53 23.14
CA THR D 314 -42.68 0.45 23.95
C THR D 314 -43.86 0.94 24.79
N TRP D 315 -43.70 2.10 25.43
CA TRP D 315 -44.79 2.62 26.24
C TRP D 315 -46.01 2.92 25.40
N LEU D 316 -45.82 3.54 24.23
CA LEU D 316 -46.96 3.88 23.38
C LEU D 316 -47.69 2.65 22.89
N ILE D 317 -46.95 1.60 22.53
CA ILE D 317 -47.59 0.36 22.11
C ILE D 317 -48.42 -0.21 23.26
N TYR D 318 -47.84 -0.26 24.46
CA TYR D 318 -48.58 -0.80 25.59
C TYR D 318 -49.83 0.02 25.86
N LYS D 319 -49.72 1.35 25.81
CA LYS D 319 -50.87 2.20 26.09
C LYS D 319 -51.97 1.97 25.07
N ASN D 320 -51.65 2.08 23.79
CA ASN D 320 -52.69 1.93 22.77
C ASN D 320 -53.16 0.49 22.63
N THR D 321 -52.49 -0.48 23.25
CA THR D 321 -52.96 -1.85 23.22
C THR D 321 -53.88 -2.17 24.40
N LYS D 322 -53.44 -1.89 25.62
CA LYS D 322 -54.17 -2.31 26.81
C LYS D 322 -54.53 -1.14 27.72
N LEU D 323 -54.79 0.04 27.14
CA LEU D 323 -55.22 1.17 27.94
C LEU D 323 -56.33 2.00 27.33
N VAL D 324 -56.63 1.85 26.04
CA VAL D 324 -57.69 2.59 25.38
C VAL D 324 -58.84 1.65 25.10
N LYS D 325 -60.07 2.10 25.41
CA LYS D 325 -61.24 1.26 25.20
C LYS D 325 -61.42 0.90 23.73
N LYS D 326 -61.25 1.88 22.84
CA LYS D 326 -61.33 1.65 21.40
C LYS D 326 -59.92 1.45 20.87
N ILE D 327 -59.58 0.20 20.58
CA ILE D 327 -58.23 -0.18 20.16
C ILE D 327 -58.09 0.16 18.68
N ASP D 328 -57.37 1.22 18.36
CA ASP D 328 -57.11 1.60 16.98
C ASP D 328 -55.91 0.82 16.48
N HIS D 329 -56.15 -0.12 15.56
CA HIS D 329 -55.09 -1.02 15.12
C HIS D 329 -54.05 -0.30 14.26
N ALA D 330 -54.47 0.72 13.50
CA ALA D 330 -53.51 1.45 12.67
C ALA D 330 -52.46 2.15 13.53
N LYS D 331 -52.89 2.77 14.63
CA LYS D 331 -51.95 3.44 15.53
C LYS D 331 -50.99 2.43 16.15
N VAL D 332 -51.51 1.29 16.59
CA VAL D 332 -50.66 0.28 17.22
C VAL D 332 -49.65 -0.26 16.22
N ARG D 333 -50.08 -0.49 14.98
CA ARG D 333 -49.16 -0.96 13.96
C ARG D 333 -48.09 0.07 13.66
N LYS D 334 -48.47 1.35 13.59
CA LYS D 334 -47.47 2.39 13.35
C LYS D 334 -46.44 2.43 14.47
N HIS D 335 -46.91 2.31 15.71
CA HIS D 335 -45.97 2.37 16.83
C HIS D 335 -45.11 1.11 16.90
N GLN D 336 -45.62 -0.04 16.47
CA GLN D 336 -44.80 -1.24 16.42
C GLN D 336 -43.73 -1.14 15.35
N ARG D 337 -44.07 -0.56 14.19
CA ARG D 337 -43.06 -0.30 13.17
C ARG D 337 -42.00 0.66 13.70
N LYS D 338 -42.40 1.72 14.39
CA LYS D 338 -41.44 2.65 14.95
C LYS D 338 -40.60 2.00 16.04
N PHE D 339 -41.18 1.09 16.81
CA PHE D 339 -40.42 0.35 17.81
C PHE D 339 -39.33 -0.49 17.16
N LEU D 340 -39.66 -1.17 16.07
CA LEU D 340 -38.65 -1.96 15.36
C LEU D 340 -37.57 -1.07 14.77
N GLN D 341 -37.95 0.09 14.22
CA GLN D 341 -36.95 1.02 13.70
C GLN D 341 -36.03 1.50 14.82
N ALA D 342 -36.60 1.79 15.99
CA ALA D 342 -35.78 2.25 17.11
C ALA D 342 -34.81 1.17 17.57
N ILE D 343 -35.27 -0.08 17.59
CA ILE D 343 -34.37 -1.19 17.92
C ILE D 343 -33.22 -1.29 16.93
N HIS D 344 -33.52 -1.15 15.64
CA HIS D 344 -32.47 -1.22 14.64
C HIS D 344 -31.48 -0.07 14.79
N GLN D 345 -31.98 1.14 15.06
CA GLN D 345 -31.08 2.28 15.26
C GLN D 345 -30.18 2.05 16.46
N LEU D 346 -30.73 1.53 17.56
CA LEU D 346 -29.91 1.27 18.72
C LEU D 346 -28.82 0.24 18.42
N ARG D 347 -29.17 -0.83 17.70
CA ARG D 347 -28.17 -1.84 17.35
C ARG D 347 -27.07 -1.23 16.48
N SER D 348 -27.45 -0.45 15.47
CA SER D 348 -26.45 0.10 14.56
C SER D 348 -25.54 1.10 15.27
N VAL D 349 -26.12 1.96 16.13
CA VAL D 349 -25.28 2.94 16.81
C VAL D 349 -24.35 2.26 17.80
N LYS D 350 -24.80 1.18 18.45
CA LYS D 350 -23.89 0.46 19.32
C LYS D 350 -22.79 -0.23 18.54
N MET D 351 -23.09 -0.72 17.34
CA MET D 351 -22.04 -1.29 16.49
C MET D 351 -21.00 -0.24 16.12
N GLU D 352 -21.47 0.97 15.77
CA GLU D 352 -20.53 2.05 15.46
C GLU D 352 -19.67 2.40 16.66
N GLN D 353 -20.28 2.46 17.85
CA GLN D 353 -19.53 2.74 19.06
C GLN D 353 -18.47 1.66 19.32
N ARG D 354 -18.83 0.40 19.09
CA ARG D 354 -17.88 -0.69 19.26
C ARG D 354 -16.72 -0.58 18.28
N LYS D 355 -17.02 -0.27 17.02
CA LYS D 355 -15.95 -0.09 16.03
C LYS D 355 -15.03 1.05 16.43
N LEU D 356 -15.60 2.16 16.89
CA LEU D 356 -14.77 3.30 17.28
C LEU D 356 -13.90 2.95 18.47
N ASN D 357 -14.44 2.23 19.44
CA ASN D 357 -13.61 1.79 20.56
C ASN D 357 -12.52 0.83 20.11
N ASP D 358 -12.77 0.09 19.03
CA ASP D 358 -11.71 -0.77 18.49
C ASP D 358 -10.58 0.06 17.86
N GLN D 359 -10.94 1.03 17.00
CA GLN D 359 -9.89 1.86 16.40
C GLN D 359 -9.26 2.83 17.39
N ALA D 360 -9.88 3.05 18.55
CA ALA D 360 -9.32 3.97 19.52
C ALA D 360 -8.12 3.38 20.25
N ASN D 361 -7.86 2.09 20.10
CA ASN D 361 -6.70 1.46 20.72
C ASN D 361 -5.46 1.62 19.84
N GLN E 1 28.78 -44.64 -1.33
CA GLN E 1 29.40 -44.21 -0.08
C GLN E 1 29.67 -42.70 -0.11
N LEU E 2 29.61 -42.07 1.06
CA LEU E 2 29.80 -40.63 1.15
C LEU E 2 31.25 -40.26 0.85
N THR E 3 31.43 -39.11 0.18
CA THR E 3 32.75 -38.59 -0.10
C THR E 3 33.17 -37.64 1.02
N GLU E 4 34.37 -37.06 0.86
CA GLU E 4 34.85 -36.10 1.85
C GLU E 4 34.01 -34.83 1.84
N GLU E 5 33.62 -34.37 0.66
CA GLU E 5 32.82 -33.14 0.56
C GLU E 5 31.46 -33.31 1.23
N GLN E 6 30.82 -34.46 1.02
CA GLN E 6 29.52 -34.70 1.64
C GLN E 6 29.64 -34.78 3.16
N ILE E 7 30.67 -35.46 3.66
CA ILE E 7 30.88 -35.51 5.10
C ILE E 7 31.12 -34.12 5.64
N ALA E 8 31.86 -33.29 4.91
CA ALA E 8 32.09 -31.92 5.34
C ALA E 8 30.79 -31.13 5.41
N GLU E 9 29.93 -31.29 4.40
CA GLU E 9 28.65 -30.57 4.40
C GLU E 9 27.79 -31.00 5.58
N PHE E 10 27.73 -32.29 5.86
CA PHE E 10 26.93 -32.76 6.99
C PHE E 10 27.53 -32.33 8.32
N LYS E 11 28.86 -32.27 8.41
CA LYS E 11 29.50 -31.78 9.63
C LYS E 11 29.20 -30.30 9.84
N GLU E 12 29.14 -29.52 8.76
CA GLU E 12 28.76 -28.12 8.87
C GLU E 12 27.32 -27.98 9.35
N ALA E 13 26.42 -28.79 8.80
CA ALA E 13 25.04 -28.79 9.28
C ALA E 13 24.96 -29.16 10.75
N PHE E 14 25.79 -30.11 11.17
CA PHE E 14 25.88 -30.46 12.59
C PHE E 14 26.38 -29.28 13.42
N SER E 15 27.37 -28.56 12.90
CA SER E 15 27.91 -27.41 13.61
C SER E 15 26.87 -26.30 13.76
N LEU E 16 25.90 -26.23 12.84
CA LEU E 16 24.80 -25.29 13.04
C LEU E 16 24.07 -25.53 14.35
N PHE E 17 24.12 -26.75 14.88
CA PHE E 17 23.53 -27.07 16.17
C PHE E 17 24.56 -27.25 17.27
N ASP E 18 25.76 -27.74 16.94
CA ASP E 18 26.81 -27.96 17.93
C ASP E 18 27.72 -26.73 18.02
N LYS E 19 27.19 -25.70 18.69
CA LYS E 19 27.92 -24.45 18.78
C LYS E 19 29.14 -24.56 19.68
N ASP E 20 29.01 -25.26 20.82
CA ASP E 20 30.11 -25.32 21.77
C ASP E 20 31.31 -26.05 21.18
N GLY E 21 31.06 -27.09 20.39
CA GLY E 21 32.12 -27.91 19.84
C GLY E 21 32.38 -29.19 20.58
N ASP E 22 31.50 -29.59 21.50
CA ASP E 22 31.68 -30.79 22.29
C ASP E 22 31.60 -32.07 21.46
N GLY E 23 31.16 -31.97 20.21
CA GLY E 23 30.90 -33.17 19.44
C GLY E 23 29.56 -33.80 19.69
N THR E 24 28.69 -33.13 20.45
CA THR E 24 27.36 -33.65 20.73
C THR E 24 26.39 -32.49 20.86
N ILE E 25 25.12 -32.74 20.56
CA ILE E 25 24.07 -31.75 20.68
C ILE E 25 23.32 -31.99 21.97
N THR E 26 23.28 -30.99 22.83
CA THR E 26 22.55 -31.06 24.09
C THR E 26 21.13 -30.54 23.88
N THR E 27 20.36 -30.46 24.96
CA THR E 27 19.02 -29.90 24.87
C THR E 27 19.02 -28.39 24.74
N LYS E 28 19.95 -27.71 25.42
CA LYS E 28 19.98 -26.25 25.39
C LYS E 28 20.29 -25.73 23.99
N GLU E 29 21.20 -26.40 23.28
CA GLU E 29 21.55 -25.96 21.93
C GLU E 29 20.36 -26.10 20.98
N LEU E 30 19.65 -27.22 21.06
CA LEU E 30 18.46 -27.39 20.25
C LEU E 30 17.40 -26.36 20.60
N GLY E 31 17.23 -26.08 21.89
CA GLY E 31 16.29 -25.05 22.29
C GLY E 31 16.64 -23.69 21.73
N THR E 32 17.93 -23.32 21.78
CA THR E 32 18.34 -22.03 21.25
C THR E 32 18.10 -21.95 19.75
N VAL E 33 18.41 -23.02 19.01
CA VAL E 33 18.16 -22.99 17.57
C VAL E 33 16.68 -22.85 17.29
N MET E 34 15.85 -23.62 17.99
CA MET E 34 14.41 -23.59 17.73
C MET E 34 13.82 -22.24 18.08
N ARG E 35 14.27 -21.62 19.18
CA ARG E 35 13.78 -20.30 19.53
C ARG E 35 14.28 -19.25 18.56
N SER E 36 15.47 -19.44 17.98
CA SER E 36 15.89 -18.58 16.88
C SER E 36 14.98 -18.74 15.66
N LEU E 37 14.40 -19.93 15.50
CA LEU E 37 13.46 -20.18 14.42
C LEU E 37 12.03 -19.81 14.79
N GLY E 38 11.83 -19.17 15.94
CA GLY E 38 10.49 -18.75 16.34
C GLY E 38 9.53 -19.88 16.62
N GLN E 39 9.99 -20.92 17.31
CA GLN E 39 9.19 -22.09 17.65
C GLN E 39 9.38 -22.44 19.11
N ASN E 40 9.25 -21.46 20.00
CA ASN E 40 9.56 -21.61 21.42
C ASN E 40 8.97 -22.88 22.01
N PRO E 41 9.79 -23.89 22.29
CA PRO E 41 9.27 -25.16 22.81
C PRO E 41 9.37 -25.24 24.32
N THR E 42 8.82 -26.31 24.89
CA THR E 42 8.92 -26.58 26.31
C THR E 42 10.07 -27.55 26.57
N GLU E 43 10.39 -27.76 27.84
CA GLU E 43 11.41 -28.74 28.19
C GLU E 43 10.98 -30.15 27.81
N ALA E 44 9.70 -30.46 27.98
CA ALA E 44 9.20 -31.78 27.62
C ALA E 44 9.35 -32.02 26.12
N GLU E 45 8.97 -31.05 25.30
CA GLU E 45 9.06 -31.21 23.86
C GLU E 45 10.51 -31.33 23.41
N LEU E 46 11.40 -30.51 23.98
CA LEU E 46 12.81 -30.60 23.62
C LEU E 46 13.39 -31.95 24.01
N GLN E 47 13.03 -32.46 25.19
CA GLN E 47 13.50 -33.78 25.59
C GLN E 47 12.96 -34.86 24.67
N ASP E 48 11.70 -34.74 24.25
CA ASP E 48 11.12 -35.72 23.35
C ASP E 48 11.83 -35.72 22.00
N MET E 49 12.16 -34.54 21.49
CA MET E 49 12.89 -34.46 20.22
C MET E 49 14.31 -35.00 20.36
N ILE E 50 14.98 -34.72 21.48
CA ILE E 50 16.32 -35.26 21.70
C ILE E 50 16.27 -36.79 21.77
N ASN E 51 15.27 -37.33 22.47
CA ASN E 51 15.02 -38.75 22.42
C ASN E 51 14.43 -39.12 21.06
N GLU E 52 14.09 -40.39 20.90
CA GLU E 52 13.46 -40.90 19.69
C GLU E 52 14.48 -40.92 18.54
N VAL E 53 15.65 -40.35 18.78
CA VAL E 53 16.73 -40.38 17.80
C VAL E 53 18.09 -40.74 18.40
N ASP E 54 18.30 -40.62 19.71
CA ASP E 54 19.61 -40.93 20.29
C ASP E 54 19.64 -42.41 20.63
N ALA E 55 20.26 -43.21 19.76
CA ALA E 55 20.29 -44.65 19.96
C ALA E 55 21.22 -45.09 21.07
N ASP E 56 22.34 -44.39 21.27
CA ASP E 56 23.29 -44.77 22.30
C ASP E 56 22.77 -44.55 23.72
N GLY E 57 21.68 -43.82 23.88
CA GLY E 57 21.10 -43.61 25.19
C GLY E 57 21.82 -42.59 26.04
N ASN E 58 22.81 -41.89 25.50
CA ASN E 58 23.57 -40.91 26.28
C ASN E 58 22.73 -39.71 26.69
N GLY E 59 21.55 -39.54 26.10
CA GLY E 59 20.72 -38.39 26.36
C GLY E 59 21.06 -37.16 25.54
N THR E 60 22.07 -37.24 24.67
CA THR E 60 22.45 -36.15 23.79
C THR E 60 22.72 -36.70 22.41
N ILE E 61 22.52 -35.87 21.38
CA ILE E 61 22.67 -36.34 20.02
C ILE E 61 24.14 -36.34 19.63
N ASP E 62 24.58 -37.44 19.02
CA ASP E 62 25.95 -37.64 18.58
C ASP E 62 26.05 -37.15 17.14
N PHE E 63 27.16 -37.45 16.48
CA PHE E 63 27.20 -37.21 15.04
C PHE E 63 26.56 -38.35 14.25
N PRO E 64 26.87 -39.63 14.54
CA PRO E 64 26.19 -40.70 13.79
C PRO E 64 24.68 -40.69 13.95
N GLU E 65 24.18 -40.32 15.14
CA GLU E 65 22.75 -40.18 15.31
C GLU E 65 22.21 -39.06 14.44
N PHE E 66 22.97 -37.96 14.31
CA PHE E 66 22.57 -36.88 13.42
C PHE E 66 22.52 -37.34 11.98
N LEU E 67 23.50 -38.13 11.55
CA LEU E 67 23.46 -38.65 10.19
C LEU E 67 22.27 -39.56 9.98
N THR E 68 21.96 -40.39 10.98
CA THR E 68 20.83 -41.30 10.88
C THR E 68 19.51 -40.53 10.74
N MET E 69 19.34 -39.46 11.52
CA MET E 69 18.10 -38.71 11.40
C MET E 69 18.07 -37.83 10.15
N MET E 70 19.22 -37.36 9.68
CA MET E 70 19.25 -36.63 8.42
C MET E 70 18.91 -37.54 7.25
N ALA E 71 19.22 -38.83 7.37
CA ALA E 71 18.80 -39.78 6.34
C ALA E 71 17.29 -39.73 6.12
N ARG E 72 16.53 -39.42 7.15
CA ARG E 72 15.08 -39.26 7.03
C ARG E 72 14.67 -37.83 6.72
N LYS E 73 15.37 -36.86 7.30
CA LYS E 73 14.98 -35.46 7.12
C LYS E 73 15.28 -34.93 5.72
N MET E 74 16.26 -35.51 5.03
CA MET E 74 16.58 -35.05 3.67
C MET E 74 15.48 -35.41 2.68
N LYS E 75 14.62 -36.35 3.01
CA LYS E 75 13.51 -36.72 2.15
C LYS E 75 12.43 -35.63 2.16
N ASP E 76 11.60 -35.63 1.12
CA ASP E 76 10.49 -34.70 1.06
C ASP E 76 9.48 -34.98 2.16
N THR E 77 9.22 -36.25 2.46
CA THR E 77 8.33 -36.62 3.55
C THR E 77 8.75 -37.98 4.09
N ASP E 78 8.36 -38.24 5.34
CA ASP E 78 8.70 -39.47 6.04
C ASP E 78 7.42 -40.14 6.52
N SER E 79 7.40 -41.47 6.45
CA SER E 79 6.19 -42.21 6.84
C SER E 79 6.08 -42.34 8.34
N GLU E 80 7.18 -42.72 9.01
CA GLU E 80 7.12 -42.98 10.44
C GLU E 80 6.75 -41.74 11.24
N GLU E 81 7.35 -40.60 10.88
CA GLU E 81 7.05 -39.36 11.59
C GLU E 81 5.59 -38.98 11.42
N GLU E 82 5.06 -39.16 10.21
CA GLU E 82 3.66 -38.80 9.97
C GLU E 82 2.70 -39.77 10.64
N ILE E 83 3.05 -41.05 10.72
CA ILE E 83 2.21 -41.98 11.47
C ILE E 83 2.22 -41.63 12.95
N ARG E 84 3.38 -41.22 13.47
CA ARG E 84 3.44 -40.75 14.86
C ARG E 84 2.58 -39.52 15.05
N GLU E 85 2.59 -38.61 14.08
CA GLU E 85 1.76 -37.41 14.17
C GLU E 85 0.27 -37.76 14.15
N ALA E 86 -0.13 -38.67 13.27
CA ALA E 86 -1.53 -39.10 13.22
C ALA E 86 -1.93 -39.78 14.53
N PHE E 87 -1.01 -40.56 15.12
CA PHE E 87 -1.27 -41.16 16.41
C PHE E 87 -1.45 -40.10 17.49
N ARG E 88 -0.57 -39.10 17.51
CA ARG E 88 -0.65 -38.04 18.51
C ARG E 88 -1.87 -37.16 18.32
N VAL E 89 -2.46 -37.15 17.12
CA VAL E 89 -3.70 -36.40 16.92
C VAL E 89 -4.78 -36.93 17.85
N PHE E 90 -4.91 -38.25 17.95
CA PHE E 90 -5.93 -38.86 18.80
C PHE E 90 -5.43 -39.18 20.20
N ASP E 91 -4.14 -39.01 20.48
CA ASP E 91 -3.61 -39.15 21.82
C ASP E 91 -3.55 -37.78 22.50
N LYS E 92 -4.74 -37.18 22.64
CA LYS E 92 -4.83 -35.85 23.23
C LYS E 92 -4.44 -35.87 24.71
N ASP E 93 -4.76 -36.95 25.42
CA ASP E 93 -4.41 -37.02 26.84
C ASP E 93 -2.91 -36.98 27.04
N GLY E 94 -2.15 -37.63 26.16
CA GLY E 94 -0.72 -37.70 26.29
C GLY E 94 -0.20 -38.96 26.94
N ASN E 95 -1.08 -39.89 27.31
CA ASN E 95 -0.65 -41.11 27.97
C ASN E 95 0.16 -42.01 27.06
N GLY E 96 0.14 -41.77 25.74
CA GLY E 96 0.82 -42.62 24.80
C GLY E 96 0.06 -43.86 24.39
N TYR E 97 -1.15 -44.06 24.92
CA TYR E 97 -1.98 -45.20 24.57
C TYR E 97 -3.34 -44.71 24.11
N ILE E 98 -3.95 -45.48 23.21
CA ILE E 98 -5.27 -45.17 22.69
C ILE E 98 -6.22 -46.26 23.17
N SER E 99 -7.28 -45.85 23.86
CA SER E 99 -8.27 -46.81 24.34
C SER E 99 -9.00 -47.44 23.17
N ALA E 100 -9.45 -48.68 23.37
CA ALA E 100 -10.14 -49.41 22.31
C ALA E 100 -11.43 -48.70 21.91
N ALA E 101 -12.16 -48.16 22.88
CA ALA E 101 -13.40 -47.46 22.58
C ALA E 101 -13.13 -46.22 21.74
N GLU E 102 -12.13 -45.43 22.11
CA GLU E 102 -11.81 -44.22 21.35
C GLU E 102 -11.33 -44.58 19.94
N LEU E 103 -10.49 -45.61 19.83
CA LEU E 103 -10.02 -46.03 18.51
C LEU E 103 -11.17 -46.50 17.63
N ARG E 104 -12.08 -47.29 18.20
CA ARG E 104 -13.24 -47.73 17.43
C ARG E 104 -14.10 -46.56 17.01
N HIS E 105 -14.31 -45.60 17.90
CA HIS E 105 -15.08 -44.41 17.56
C HIS E 105 -14.42 -43.65 16.40
N VAL E 106 -13.10 -43.46 16.49
CA VAL E 106 -12.39 -42.73 15.46
C VAL E 106 -12.49 -43.44 14.12
N MET E 107 -12.27 -44.75 14.12
CA MET E 107 -12.26 -45.49 12.86
C MET E 107 -13.65 -45.60 12.25
N THR E 108 -14.70 -45.64 13.08
CA THR E 108 -16.05 -45.80 12.57
C THR E 108 -16.73 -44.48 12.25
N ASN E 109 -16.24 -43.36 12.76
CA ASN E 109 -16.93 -42.10 12.59
C ASN E 109 -16.15 -41.06 11.81
N LEU E 110 -14.84 -40.93 12.05
CA LEU E 110 -14.09 -39.81 11.50
C LEU E 110 -13.70 -40.04 10.04
N GLY E 111 -13.01 -41.14 9.77
CA GLY E 111 -12.45 -41.35 8.45
C GLY E 111 -13.45 -41.88 7.45
N GLU E 112 -13.09 -42.96 6.75
CA GLU E 112 -13.95 -43.57 5.74
C GLU E 112 -14.93 -44.57 6.35
N LYS E 113 -15.10 -44.57 7.66
CA LYS E 113 -16.15 -45.34 8.34
C LYS E 113 -16.02 -46.83 8.06
N LEU E 114 -14.94 -47.40 8.58
CA LEU E 114 -14.72 -48.84 8.48
C LEU E 114 -15.89 -49.61 9.10
N THR E 115 -16.15 -50.79 8.55
CA THR E 115 -17.19 -51.65 9.10
C THR E 115 -16.78 -52.15 10.48
N ASP E 116 -17.80 -52.49 11.28
CA ASP E 116 -17.56 -52.90 12.67
C ASP E 116 -16.70 -54.16 12.73
N GLU E 117 -16.89 -55.08 11.79
CA GLU E 117 -16.05 -56.28 11.74
C GLU E 117 -14.60 -55.91 11.45
N GLU E 118 -14.38 -54.97 10.54
CA GLU E 118 -13.02 -54.53 10.24
C GLU E 118 -12.36 -53.90 11.46
N VAL E 119 -13.11 -53.07 12.20
CA VAL E 119 -12.56 -52.44 13.39
C VAL E 119 -12.26 -53.47 14.46
N ASP E 120 -13.13 -54.47 14.60
CA ASP E 120 -12.88 -55.54 15.57
C ASP E 120 -11.61 -56.31 15.20
N GLU E 121 -11.44 -56.63 13.91
CA GLU E 121 -10.23 -57.32 13.48
C GLU E 121 -9.00 -56.47 13.73
N MET E 122 -9.09 -55.16 13.46
CA MET E 122 -7.96 -54.27 13.69
C MET E 122 -7.59 -54.21 15.16
N ILE E 123 -8.58 -54.04 16.03
CA ILE E 123 -8.29 -53.91 17.46
C ILE E 123 -7.79 -55.24 18.02
N ARG E 124 -8.23 -56.37 17.46
CA ARG E 124 -7.67 -57.65 17.89
C ARG E 124 -6.24 -57.82 17.41
N GLU E 125 -5.95 -57.42 16.17
CA GLU E 125 -4.61 -57.52 15.62
C GLU E 125 -3.63 -56.54 16.23
N ALA E 126 -4.12 -55.51 16.92
CA ALA E 126 -3.24 -54.62 17.66
C ALA E 126 -2.62 -55.38 18.82
N ASP E 127 -1.34 -55.74 18.69
CA ASP E 127 -0.67 -56.55 19.69
C ASP E 127 -0.28 -55.74 20.93
N ILE E 128 -0.03 -54.44 20.76
CA ILE E 128 0.38 -53.58 21.87
C ILE E 128 -0.85 -53.05 22.58
N ASP E 129 -2.02 -53.62 22.27
CA ASP E 129 -3.26 -53.17 22.89
C ASP E 129 -3.24 -53.31 24.40
N GLY E 130 -2.51 -54.30 24.91
CA GLY E 130 -2.42 -54.49 26.35
C GLY E 130 -3.77 -54.62 27.01
N ASP E 131 -4.69 -55.36 26.38
CA ASP E 131 -6.08 -55.47 26.82
C ASP E 131 -6.76 -54.09 26.87
N GLY E 132 -6.56 -53.31 25.80
CA GLY E 132 -7.31 -52.08 25.64
C GLY E 132 -6.54 -50.83 25.30
N GLN E 133 -5.34 -50.66 25.87
CA GLN E 133 -4.55 -49.45 25.69
C GLN E 133 -3.56 -49.67 24.54
N VAL E 134 -3.99 -49.33 23.33
CA VAL E 134 -3.15 -49.51 22.15
C VAL E 134 -2.03 -48.47 22.17
N ASN E 135 -0.80 -48.94 22.13
CA ASN E 135 0.36 -48.06 22.22
C ASN E 135 0.82 -47.63 20.84
N TYR E 136 1.82 -46.73 20.80
CA TYR E 136 2.39 -46.29 19.54
C TYR E 136 3.27 -47.36 18.92
N GLU E 137 3.69 -48.37 19.69
CA GLU E 137 4.49 -49.44 19.13
C GLU E 137 3.73 -50.24 18.09
N GLU E 138 2.46 -50.52 18.36
CA GLU E 138 1.65 -51.28 17.41
C GLU E 138 1.49 -50.52 16.09
N PHE E 139 1.24 -49.21 16.17
CA PHE E 139 1.06 -48.42 14.96
C PHE E 139 2.33 -48.41 14.12
N VAL E 140 3.50 -48.29 14.76
CA VAL E 140 4.75 -48.30 14.01
C VAL E 140 5.00 -49.67 13.41
N GLN E 141 4.79 -50.73 14.21
CA GLN E 141 5.06 -52.09 13.72
C GLN E 141 4.09 -52.51 12.63
N MET E 142 2.89 -51.91 12.58
CA MET E 142 1.94 -52.26 11.53
C MET E 142 2.49 -51.91 10.15
N MET E 143 3.11 -50.75 10.02
CA MET E 143 3.60 -50.26 8.74
C MET E 143 5.08 -50.57 8.51
N THR E 144 5.92 -50.36 9.52
CA THR E 144 7.35 -50.61 9.36
C THR E 144 7.62 -52.08 9.09
N ALA E 145 6.94 -52.96 9.82
CA ALA E 145 7.11 -54.40 9.62
C ALA E 145 5.81 -55.02 9.12
N GLN F 1 45.36 25.81 9.04
CA GLN F 1 45.01 25.94 10.45
C GLN F 1 43.52 26.22 10.62
N LEU F 2 42.96 25.81 11.75
CA LEU F 2 41.55 26.00 12.01
C LEU F 2 41.21 27.47 12.17
N THR F 3 40.03 27.85 11.68
CA THR F 3 39.54 29.21 11.83
C THR F 3 38.54 29.28 12.98
N GLU F 4 38.00 30.47 13.22
CA GLU F 4 37.02 30.63 14.28
C GLU F 4 35.72 29.90 13.96
N GLU F 5 35.28 29.95 12.71
CA GLU F 5 34.03 29.27 12.32
C GLU F 5 34.17 27.76 12.47
N GLN F 6 35.30 27.20 12.06
CA GLN F 6 35.51 25.76 12.20
C GLN F 6 35.57 25.36 13.67
N ILE F 7 36.24 26.17 14.49
CA ILE F 7 36.28 25.90 15.92
C ILE F 7 34.88 25.91 16.50
N ALA F 8 34.05 26.86 16.06
CA ALA F 8 32.67 26.92 16.55
C ALA F 8 31.88 25.70 16.13
N GLU F 9 32.05 25.25 14.88
CA GLU F 9 31.34 24.06 14.41
C GLU F 9 31.71 22.84 15.23
N PHE F 10 33.02 22.65 15.47
CA PHE F 10 33.43 21.52 16.27
C PHE F 10 32.97 21.65 17.71
N LYS F 11 32.91 22.88 18.23
CA LYS F 11 32.43 23.10 19.59
C LYS F 11 30.96 22.73 19.72
N GLU F 12 30.13 23.08 18.73
CA GLU F 12 28.73 22.70 18.81
C GLU F 12 28.55 21.20 18.63
N ALA F 13 29.38 20.57 17.79
CA ALA F 13 29.35 19.11 17.71
C ALA F 13 29.70 18.49 19.06
N PHE F 14 30.66 19.07 19.76
CA PHE F 14 31.00 18.62 21.12
C PHE F 14 29.82 18.83 22.06
N SER F 15 29.12 19.96 21.92
CA SER F 15 27.97 20.24 22.77
C SER F 15 26.84 19.26 22.54
N LEU F 16 26.73 18.68 21.35
CA LEU F 16 25.75 17.62 21.13
C LEU F 16 25.93 16.47 22.11
N PHE F 17 27.16 16.23 22.55
CA PHE F 17 27.43 15.21 23.57
C PHE F 17 27.61 15.79 24.96
N ASP F 18 28.04 17.05 25.06
CA ASP F 18 28.27 17.71 26.34
C ASP F 18 27.01 18.47 26.74
N LYS F 19 26.08 17.75 27.37
CA LYS F 19 24.85 18.37 27.85
C LYS F 19 25.15 19.46 28.88
N ASP F 20 25.70 19.07 30.02
CA ASP F 20 26.13 20.05 31.01
C ASP F 20 27.40 20.74 30.53
N GLY F 21 27.65 21.93 31.07
CA GLY F 21 28.81 22.70 30.65
C GLY F 21 30.09 22.30 31.35
N ASP F 22 30.19 21.03 31.73
CA ASP F 22 31.37 20.56 32.47
C ASP F 22 32.64 20.58 31.62
N GLY F 23 32.52 20.78 30.32
CA GLY F 23 33.68 20.79 29.46
C GLY F 23 34.26 19.43 29.16
N THR F 24 33.55 18.36 29.51
CA THR F 24 34.04 17.01 29.25
C THR F 24 32.85 16.09 29.05
N ILE F 25 33.07 15.02 28.29
CA ILE F 25 32.04 14.02 28.02
C ILE F 25 32.24 12.84 28.96
N THR F 26 31.24 12.55 29.77
CA THR F 26 31.27 11.44 30.69
C THR F 26 30.72 10.20 30.00
N THR F 27 30.60 9.10 30.73
CA THR F 27 30.03 7.88 30.19
C THR F 27 28.51 7.96 30.06
N LYS F 28 27.84 8.59 31.04
CA LYS F 28 26.39 8.66 31.02
C LYS F 28 25.88 9.47 29.83
N GLU F 29 26.57 10.57 29.51
CA GLU F 29 26.15 11.40 28.39
C GLU F 29 26.28 10.66 27.07
N LEU F 30 27.39 9.95 26.88
CA LEU F 30 27.54 9.13 25.68
C LEU F 30 26.48 8.03 25.62
N GLY F 31 26.17 7.43 26.76
CA GLY F 31 25.11 6.44 26.79
C GLY F 31 23.77 7.01 26.39
N THR F 32 23.44 8.21 26.90
CA THR F 32 22.16 8.83 26.53
C THR F 32 22.10 9.14 25.05
N VAL F 33 23.21 9.67 24.49
CA VAL F 33 23.20 9.97 23.06
C VAL F 33 23.03 8.70 22.25
N MET F 34 23.76 7.64 22.61
CA MET F 34 23.67 6.39 21.85
C MET F 34 22.30 5.76 21.97
N ARG F 35 21.67 5.83 23.15
CA ARG F 35 20.31 5.31 23.28
C ARG F 35 19.31 6.15 22.51
N SER F 36 19.53 7.46 22.41
CA SER F 36 18.72 8.28 21.51
C SER F 36 18.92 7.86 20.06
N LEU F 37 20.11 7.35 19.74
CA LEU F 37 20.40 6.87 18.39
C LEU F 37 19.98 5.42 18.19
N GLY F 38 19.02 4.93 18.98
CA GLY F 38 18.50 3.59 18.78
C GLY F 38 19.48 2.46 19.02
N GLN F 39 20.25 2.55 20.10
CA GLN F 39 21.16 1.50 20.51
C GLN F 39 21.01 1.26 22.00
N ASN F 40 21.52 0.13 22.46
CA ASN F 40 21.53 -0.21 23.89
C ASN F 40 22.92 -0.69 24.28
N PRO F 41 23.89 0.21 24.32
CA PRO F 41 25.25 -0.20 24.70
C PRO F 41 25.32 -0.56 26.17
N THR F 42 26.26 -1.44 26.49
CA THR F 42 26.50 -1.84 27.87
C THR F 42 27.47 -0.88 28.54
N GLU F 43 27.61 -1.04 29.86
CA GLU F 43 28.59 -0.23 30.59
C GLU F 43 30.00 -0.56 30.13
N ALA F 44 30.28 -1.83 29.89
CA ALA F 44 31.60 -2.22 29.38
C ALA F 44 31.87 -1.61 28.01
N GLU F 45 30.89 -1.67 27.11
CA GLU F 45 31.07 -1.11 25.77
C GLU F 45 31.24 0.40 25.83
N LEU F 46 30.45 1.08 26.67
CA LEU F 46 30.59 2.52 26.80
C LEU F 46 31.96 2.89 27.37
N GLN F 47 32.43 2.13 28.35
CA GLN F 47 33.76 2.39 28.89
C GLN F 47 34.83 2.16 27.84
N ASP F 48 34.67 1.12 27.01
CA ASP F 48 35.64 0.86 25.95
C ASP F 48 35.66 2.01 24.94
N MET F 49 34.48 2.52 24.58
CA MET F 49 34.43 3.65 23.64
C MET F 49 35.02 4.91 24.26
N ILE F 50 34.80 5.13 25.56
CA ILE F 50 35.44 6.27 26.21
C ILE F 50 36.95 6.12 26.19
N ASN F 51 37.44 4.92 26.44
CA ASN F 51 38.85 4.63 26.20
C ASN F 51 39.13 4.70 24.71
N GLU F 52 40.41 4.56 24.36
CA GLU F 52 40.91 4.66 22.98
C GLU F 52 40.82 6.08 22.45
N VAL F 53 40.24 7.01 23.19
CA VAL F 53 40.11 8.40 22.73
C VAL F 53 40.70 9.31 23.80
N ASP F 54 40.71 8.83 25.05
CA ASP F 54 41.10 9.64 26.20
C ASP F 54 42.63 9.75 26.23
N ALA F 55 43.15 10.86 25.70
CA ALA F 55 44.60 11.06 25.69
C ALA F 55 45.15 11.17 27.10
N ASP F 56 44.58 12.06 27.91
CA ASP F 56 44.90 12.14 29.33
C ASP F 56 43.84 11.38 30.11
N GLY F 57 44.28 10.39 30.88
CA GLY F 57 43.39 9.42 31.48
C GLY F 57 42.55 9.98 32.62
N ASN F 58 41.86 11.08 32.36
CA ASN F 58 40.91 11.64 33.31
C ASN F 58 39.71 10.73 33.52
N GLY F 59 39.55 9.70 32.69
CA GLY F 59 38.37 8.87 32.72
C GLY F 59 37.22 9.40 31.86
N THR F 60 37.37 10.59 31.30
CA THR F 60 36.34 11.22 30.48
C THR F 60 36.99 11.88 29.28
N ILE F 61 36.22 12.01 28.20
CA ILE F 61 36.72 12.61 26.98
C ILE F 61 36.76 14.13 27.14
N ASP F 62 37.89 14.73 26.79
CA ASP F 62 38.09 16.16 26.92
C ASP F 62 37.63 16.84 25.64
N PHE F 63 37.95 18.12 25.45
CA PHE F 63 37.68 18.69 24.13
C PHE F 63 38.79 18.37 23.14
N PRO F 64 40.07 18.54 23.48
CA PRO F 64 41.13 18.16 22.52
C PRO F 64 41.10 16.70 22.14
N GLU F 65 40.74 15.81 23.08
CA GLU F 65 40.59 14.40 22.73
C GLU F 65 39.45 14.21 21.73
N PHE F 66 38.36 14.94 21.91
CA PHE F 66 37.26 14.89 20.95
C PHE F 66 37.71 15.39 19.58
N LEU F 67 38.50 16.46 19.55
CA LEU F 67 38.99 16.96 18.27
C LEU F 67 39.90 15.95 17.61
N THR F 68 40.75 15.28 18.39
CA THR F 68 41.63 14.26 17.85
C THR F 68 40.85 13.10 17.25
N MET F 69 39.80 12.65 17.93
CA MET F 69 39.01 11.56 17.36
C MET F 69 38.18 12.03 16.17
N MET F 70 37.74 13.28 16.17
CA MET F 70 37.02 13.81 15.02
C MET F 70 37.92 13.87 13.80
N ALA F 71 39.22 14.08 14.01
CA ALA F 71 40.16 14.02 12.89
C ALA F 71 40.04 12.71 12.14
N ARG F 72 39.89 11.59 12.87
CA ARG F 72 39.70 10.30 12.23
C ARG F 72 38.28 10.11 11.73
N LYS F 73 37.29 10.58 12.48
CA LYS F 73 35.90 10.29 12.16
C LYS F 73 35.35 11.11 11.00
N MET F 74 35.99 12.23 10.65
CA MET F 74 35.51 13.03 9.52
C MET F 74 35.83 12.37 8.19
N LYS F 75 36.66 11.33 8.17
CA LYS F 75 37.01 10.63 6.96
C LYS F 75 35.91 9.66 6.54
N ASP F 76 35.99 9.19 5.30
CA ASP F 76 35.03 8.18 4.84
C ASP F 76 35.20 6.88 5.60
N THR F 77 36.45 6.49 5.88
CA THR F 77 36.73 5.27 6.62
C THR F 77 38.11 5.41 7.26
N ASP F 78 38.31 4.66 8.34
CA ASP F 78 39.56 4.68 9.09
C ASP F 78 40.17 3.28 9.11
N SER F 79 41.48 3.21 8.88
CA SER F 79 42.14 1.91 8.81
C SER F 79 42.27 1.27 10.18
N GLU F 80 42.66 2.04 11.19
CA GLU F 80 42.92 1.47 12.50
C GLU F 80 41.66 0.89 13.12
N GLU F 81 40.53 1.60 13.02
CA GLU F 81 39.28 1.09 13.57
C GLU F 81 38.87 -0.21 12.89
N GLU F 82 39.06 -0.29 11.58
CA GLU F 82 38.67 -1.49 10.85
C GLU F 82 39.63 -2.65 11.14
N ILE F 83 40.90 -2.37 11.35
CA ILE F 83 41.83 -3.43 11.76
C ILE F 83 41.44 -3.95 13.14
N ARG F 84 41.05 -3.04 14.04
CA ARG F 84 40.56 -3.48 15.35
C ARG F 84 39.29 -4.32 15.21
N GLU F 85 38.40 -3.94 14.30
CA GLU F 85 37.19 -4.72 14.09
C GLU F 85 37.51 -6.12 13.55
N ALA F 86 38.43 -6.21 12.58
CA ALA F 86 38.82 -7.51 12.05
C ALA F 86 39.49 -8.35 13.13
N PHE F 87 40.26 -7.70 14.00
CA PHE F 87 40.84 -8.38 15.15
C PHE F 87 39.76 -8.94 16.07
N ARG F 88 38.73 -8.14 16.35
CA ARG F 88 37.66 -8.57 17.24
C ARG F 88 36.77 -9.63 16.62
N VAL F 89 36.74 -9.73 15.29
CA VAL F 89 35.96 -10.80 14.64
C VAL F 89 36.46 -12.16 15.10
N PHE F 90 37.77 -12.35 15.10
CA PHE F 90 38.37 -13.63 15.47
C PHE F 90 38.68 -13.74 16.96
N ASP F 91 38.45 -12.68 17.72
CA ASP F 91 38.59 -12.71 19.17
C ASP F 91 37.21 -12.99 19.75
N LYS F 92 36.84 -14.27 19.81
CA LYS F 92 35.48 -14.64 20.21
C LYS F 92 35.20 -14.21 21.65
N ASP F 93 36.13 -14.46 22.56
CA ASP F 93 35.94 -14.12 23.96
C ASP F 93 36.46 -12.70 24.21
N GLY F 94 36.47 -12.28 25.47
CA GLY F 94 36.92 -10.95 25.81
C GLY F 94 38.40 -10.76 25.95
N ASN F 95 39.18 -11.84 25.82
CA ASN F 95 40.63 -11.72 25.95
C ASN F 95 41.20 -10.89 24.81
N GLY F 96 42.25 -10.14 25.11
CA GLY F 96 42.84 -9.32 24.09
C GLY F 96 43.80 -10.04 23.16
N TYR F 97 43.83 -11.37 23.21
CA TYR F 97 44.82 -12.15 22.49
C TYR F 97 44.13 -13.24 21.69
N ILE F 98 44.83 -13.70 20.66
CA ILE F 98 44.42 -14.87 19.88
C ILE F 98 45.57 -15.88 19.89
N SER F 99 45.25 -17.13 20.16
CA SER F 99 46.27 -18.17 20.18
C SER F 99 46.86 -18.37 18.78
N ALA F 100 48.12 -18.80 18.75
CA ALA F 100 48.80 -19.01 17.47
C ALA F 100 48.09 -20.07 16.65
N ALA F 101 47.59 -21.12 17.30
CA ALA F 101 46.85 -22.14 16.59
C ALA F 101 45.58 -21.57 15.96
N GLU F 102 44.87 -20.70 16.69
CA GLU F 102 43.67 -20.08 16.15
C GLU F 102 44.00 -19.21 14.94
N LEU F 103 45.07 -18.42 15.03
CA LEU F 103 45.46 -17.59 13.89
C LEU F 103 45.85 -18.44 12.69
N ARG F 104 46.59 -19.53 12.92
CA ARG F 104 46.94 -20.41 11.81
C ARG F 104 45.70 -21.01 11.18
N HIS F 105 44.75 -21.45 12.00
CA HIS F 105 43.49 -21.98 11.48
C HIS F 105 42.77 -20.93 10.64
N VAL F 106 42.68 -19.71 11.15
CA VAL F 106 41.97 -18.65 10.45
C VAL F 106 42.63 -18.36 9.12
N MET F 107 43.95 -18.19 9.13
CA MET F 107 44.65 -17.75 7.93
C MET F 107 44.87 -18.86 6.92
N THR F 108 44.70 -20.13 7.31
CA THR F 108 44.85 -21.22 6.37
C THR F 108 43.53 -21.78 5.87
N ASN F 109 42.46 -21.67 6.66
CA ASN F 109 41.20 -22.31 6.33
C ASN F 109 40.19 -21.34 5.70
N LEU F 110 39.85 -20.27 6.42
CA LEU F 110 38.84 -19.33 5.96
C LEU F 110 39.50 -18.09 5.37
N GLY F 111 38.87 -17.52 4.35
CA GLY F 111 39.46 -16.42 3.62
C GLY F 111 40.43 -16.90 2.56
N GLU F 112 41.23 -15.96 2.08
CA GLU F 112 42.25 -16.29 1.09
C GLU F 112 43.31 -17.16 1.73
N LYS F 113 43.47 -18.39 1.23
CA LYS F 113 44.31 -19.39 1.85
C LYS F 113 45.77 -18.93 1.80
N LEU F 114 46.33 -18.59 2.97
CA LEU F 114 47.71 -18.19 3.05
C LEU F 114 48.62 -19.41 3.13
N THR F 115 49.81 -19.29 2.57
CA THR F 115 50.76 -20.40 2.55
C THR F 115 51.21 -20.74 3.96
N ASP F 116 51.43 -22.04 4.21
CA ASP F 116 51.79 -22.48 5.55
C ASP F 116 53.12 -21.88 6.00
N GLU F 117 54.09 -21.81 5.10
CA GLU F 117 55.34 -21.12 5.43
C GLU F 117 55.10 -19.64 5.70
N GLU F 118 54.23 -19.02 4.90
CA GLU F 118 53.87 -17.63 5.15
C GLU F 118 53.18 -17.46 6.50
N VAL F 119 52.31 -18.41 6.86
CA VAL F 119 51.64 -18.34 8.15
C VAL F 119 52.64 -18.48 9.29
N ASP F 120 53.61 -19.38 9.13
CA ASP F 120 54.65 -19.53 10.15
C ASP F 120 55.47 -18.26 10.30
N GLU F 121 55.86 -17.65 9.17
CA GLU F 121 56.62 -16.40 9.23
C GLU F 121 55.80 -15.30 9.89
N MET F 122 54.51 -15.22 9.56
CA MET F 122 53.65 -14.19 10.14
C MET F 122 53.48 -14.40 11.64
N ILE F 123 53.27 -15.64 12.07
CA ILE F 123 53.09 -15.89 13.51
C ILE F 123 54.39 -15.65 14.26
N ARG F 124 55.54 -15.88 13.61
CA ARG F 124 56.81 -15.59 14.28
C ARG F 124 57.05 -14.10 14.38
N GLU F 125 56.79 -13.35 13.31
CA GLU F 125 57.11 -11.92 13.29
C GLU F 125 56.11 -11.13 14.13
N ALA F 126 54.83 -11.49 14.08
CA ALA F 126 53.82 -10.77 14.85
C ALA F 126 54.05 -10.92 16.35
N ASP F 127 54.42 -12.12 16.80
CA ASP F 127 54.66 -12.37 18.21
C ASP F 127 56.02 -11.77 18.58
N ILE F 128 56.02 -10.44 18.75
CA ILE F 128 57.23 -9.75 19.16
C ILE F 128 57.66 -10.22 20.54
N ASP F 129 56.71 -10.33 21.46
CA ASP F 129 56.99 -10.90 22.76
C ASP F 129 57.11 -12.42 22.65
N GLY F 130 57.68 -13.04 23.69
CA GLY F 130 57.82 -14.48 23.68
C GLY F 130 56.51 -15.23 23.76
N ASP F 131 55.45 -14.57 24.25
CA ASP F 131 54.15 -15.22 24.35
C ASP F 131 53.60 -15.53 22.97
N GLY F 132 53.03 -16.74 22.84
CA GLY F 132 52.46 -17.17 21.57
C GLY F 132 51.09 -16.63 21.26
N GLN F 133 50.52 -15.84 22.17
CA GLN F 133 49.22 -15.21 21.95
C GLN F 133 49.43 -13.80 21.41
N VAL F 134 48.85 -13.53 20.25
CA VAL F 134 49.03 -12.25 19.57
C VAL F 134 48.03 -11.24 20.11
N ASN F 135 48.53 -10.09 20.55
CA ASN F 135 47.69 -9.05 21.11
C ASN F 135 47.21 -8.09 20.02
N TYR F 136 46.35 -7.16 20.40
CA TYR F 136 45.89 -6.13 19.45
C TYR F 136 46.97 -5.10 19.17
N GLU F 137 47.89 -4.91 20.12
CA GLU F 137 48.98 -3.95 19.89
C GLU F 137 49.87 -4.39 18.75
N GLU F 138 50.17 -5.69 18.66
CA GLU F 138 51.01 -6.18 17.57
C GLU F 138 50.34 -5.99 16.22
N PHE F 139 49.04 -6.26 16.13
CA PHE F 139 48.33 -6.09 14.87
C PHE F 139 48.33 -4.62 14.44
N VAL F 140 48.11 -3.71 15.38
CA VAL F 140 48.13 -2.29 15.05
C VAL F 140 49.53 -1.86 14.61
N GLN F 141 50.56 -2.29 15.34
CA GLN F 141 51.92 -1.92 15.01
C GLN F 141 52.39 -2.53 13.70
N MET F 142 51.75 -3.61 13.25
CA MET F 142 52.11 -4.20 11.97
C MET F 142 51.83 -3.23 10.83
N MET F 143 50.69 -2.55 10.88
CA MET F 143 50.26 -1.65 9.80
C MET F 143 50.58 -0.19 10.09
N THR F 144 50.32 0.27 11.32
CA THR F 144 50.56 1.68 11.65
C THR F 144 52.04 2.01 11.55
N ALA F 145 52.90 1.13 12.05
CA ALA F 145 54.34 1.33 11.97
C ALA F 145 54.98 0.30 11.06
N GLN G 1 -24.73 40.32 25.12
CA GLN G 1 -24.91 39.26 26.10
C GLN G 1 -24.94 37.89 25.42
N LEU G 2 -25.14 36.83 26.20
CA LEU G 2 -25.16 35.47 25.69
C LEU G 2 -26.58 34.93 25.71
N THR G 3 -26.98 34.33 24.60
CA THR G 3 -28.28 33.66 24.53
C THR G 3 -28.26 32.40 25.39
N GLU G 4 -29.46 31.92 25.74
CA GLU G 4 -29.56 30.69 26.51
C GLU G 4 -28.99 29.51 25.74
N GLU G 5 -29.11 29.52 24.41
CA GLU G 5 -28.51 28.45 23.61
C GLU G 5 -27.00 28.44 23.73
N GLN G 6 -26.37 29.63 23.71
CA GLN G 6 -24.93 29.71 23.88
C GLN G 6 -24.52 29.24 25.26
N ILE G 7 -25.28 29.61 26.28
CA ILE G 7 -24.99 29.14 27.64
C ILE G 7 -25.09 27.63 27.69
N ALA G 8 -26.07 27.05 27.01
CA ALA G 8 -26.20 25.59 26.98
C ALA G 8 -25.01 24.95 26.28
N GLU G 9 -24.54 25.54 25.18
CA GLU G 9 -23.37 24.99 24.48
C GLU G 9 -22.15 25.01 25.38
N PHE G 10 -21.91 26.12 26.05
CA PHE G 10 -20.77 26.20 26.96
C PHE G 10 -20.95 25.26 28.14
N LYS G 11 -22.19 25.04 28.60
CA LYS G 11 -22.43 24.12 29.70
C LYS G 11 -22.11 22.69 29.31
N GLU G 12 -22.48 22.29 28.09
CA GLU G 12 -22.14 20.93 27.67
C GLU G 12 -20.65 20.78 27.44
N ALA G 13 -19.98 21.83 26.95
CA ALA G 13 -18.52 21.79 26.86
C ALA G 13 -17.91 21.63 28.25
N PHE G 14 -18.47 22.31 29.25
CA PHE G 14 -18.03 22.14 30.63
C PHE G 14 -18.28 20.72 31.12
N SER G 15 -19.42 20.14 30.76
CA SER G 15 -19.75 18.77 31.12
C SER G 15 -18.81 17.76 30.50
N LEU G 16 -18.20 18.06 29.35
CA LEU G 16 -17.17 17.17 28.81
C LEU G 16 -16.00 16.97 29.76
N PHE G 17 -15.78 17.88 30.70
CA PHE G 17 -14.71 17.72 31.69
C PHE G 17 -15.30 17.37 33.05
N ASP G 18 -16.49 17.89 33.35
CA ASP G 18 -17.14 17.66 34.63
C ASP G 18 -18.10 16.47 34.54
N LYS G 19 -17.50 15.28 34.56
CA LYS G 19 -18.28 14.05 34.46
C LYS G 19 -19.20 13.87 35.66
N ASP G 20 -18.67 14.13 36.86
CA ASP G 20 -19.49 14.04 38.06
C ASP G 20 -20.55 15.14 38.07
N GLY G 21 -21.48 15.03 39.01
CA GLY G 21 -22.60 15.94 39.03
C GLY G 21 -22.34 17.27 39.71
N ASP G 22 -21.09 17.49 40.16
CA ASP G 22 -20.79 18.72 40.88
C ASP G 22 -20.67 19.88 39.90
N GLY G 23 -20.13 21.01 40.35
CA GLY G 23 -19.98 22.16 39.49
C GLY G 23 -18.55 22.65 39.40
N THR G 24 -17.60 21.75 39.67
CA THR G 24 -16.18 22.09 39.63
C THR G 24 -15.44 21.02 38.86
N ILE G 25 -14.41 21.45 38.12
CA ILE G 25 -13.49 20.52 37.48
C ILE G 25 -12.31 20.31 38.42
N THR G 26 -12.11 19.06 38.83
CA THR G 26 -11.04 18.74 39.77
C THR G 26 -9.74 18.52 39.00
N THR G 27 -8.70 18.08 39.68
CA THR G 27 -7.41 17.79 39.06
C THR G 27 -7.41 16.43 38.35
N LYS G 28 -8.33 15.54 38.72
CA LYS G 28 -8.41 14.22 38.10
C LYS G 28 -9.38 14.15 36.93
N GLU G 29 -10.48 14.91 36.96
CA GLU G 29 -11.37 14.99 35.81
C GLU G 29 -10.73 15.67 34.62
N LEU G 30 -9.64 16.43 34.84
CA LEU G 30 -8.84 16.94 33.75
C LEU G 30 -7.80 15.94 33.30
N GLY G 31 -7.21 15.20 34.23
CA GLY G 31 -6.24 14.18 33.86
C GLY G 31 -6.86 13.09 33.01
N THR G 32 -8.09 12.68 33.35
CA THR G 32 -8.76 11.64 32.57
C THR G 32 -8.97 12.10 31.13
N VAL G 33 -9.43 13.33 30.95
CA VAL G 33 -9.64 13.85 29.60
C VAL G 33 -8.32 13.95 28.84
N MET G 34 -7.28 14.46 29.49
CA MET G 34 -6.00 14.62 28.79
C MET G 34 -5.37 13.28 28.47
N ARG G 35 -5.61 12.25 29.28
CA ARG G 35 -5.10 10.93 28.95
C ARG G 35 -5.93 10.27 27.85
N SER G 36 -7.23 10.57 27.80
CA SER G 36 -8.03 10.14 26.66
C SER G 36 -7.56 10.81 25.38
N LEU G 37 -7.02 12.02 25.48
CA LEU G 37 -6.52 12.76 24.33
C LEU G 37 -5.10 12.39 23.96
N GLY G 38 -4.59 11.26 24.45
CA GLY G 38 -3.28 10.80 24.04
C GLY G 38 -2.11 11.49 24.69
N GLN G 39 -2.30 12.07 25.86
CA GLN G 39 -1.23 12.70 26.61
C GLN G 39 -1.06 11.99 27.94
N ASN G 40 0.10 12.20 28.57
CA ASN G 40 0.41 11.60 29.86
C ASN G 40 0.95 12.68 30.79
N PRO G 41 0.11 13.61 31.21
CA PRO G 41 0.59 14.71 32.07
C PRO G 41 0.85 14.22 33.49
N THR G 42 1.67 14.97 34.20
CA THR G 42 2.01 14.69 35.58
C THR G 42 1.10 15.48 36.51
N GLU G 43 1.22 15.19 37.81
CA GLU G 43 0.44 15.93 38.80
C GLU G 43 0.86 17.40 38.84
N ALA G 44 2.15 17.67 38.68
CA ALA G 44 2.62 19.05 38.66
C ALA G 44 2.03 19.83 37.49
N GLU G 45 2.03 19.21 36.30
CA GLU G 45 1.48 19.89 35.13
C GLU G 45 -0.01 20.13 35.27
N LEU G 46 -0.75 19.14 35.77
CA LEU G 46 -2.18 19.32 35.99
C LEU G 46 -2.44 20.43 37.00
N GLN G 47 -1.67 20.46 38.08
CA GLN G 47 -1.86 21.50 39.08
C GLN G 47 -1.56 22.87 38.50
N ASP G 48 -0.51 22.98 37.69
CA ASP G 48 -0.19 24.26 37.05
C ASP G 48 -1.31 24.69 36.12
N MET G 49 -1.85 23.76 35.33
CA MET G 49 -2.93 24.10 34.41
C MET G 49 -4.16 24.57 35.16
N ILE G 50 -4.50 23.91 36.27
CA ILE G 50 -5.62 24.35 37.08
C ILE G 50 -5.35 25.74 37.66
N ASN G 51 -4.13 25.95 38.17
CA ASN G 51 -3.79 27.21 38.83
C ASN G 51 -3.77 28.37 37.85
N GLU G 52 -3.48 28.13 36.58
CA GLU G 52 -3.49 29.21 35.60
C GLU G 52 -4.88 29.75 35.31
N VAL G 53 -5.93 29.07 35.77
CA VAL G 53 -7.29 29.47 35.45
C VAL G 53 -8.09 29.67 36.74
N ASP G 54 -7.66 29.03 37.82
CA ASP G 54 -8.43 28.96 39.06
C ASP G 54 -8.43 30.31 39.75
N ALA G 55 -9.49 31.09 39.52
CA ALA G 55 -9.76 32.24 40.34
C ALA G 55 -10.48 31.81 41.61
N ASP G 56 -10.44 32.67 42.63
CA ASP G 56 -10.98 32.44 43.97
C ASP G 56 -10.40 31.20 44.64
N GLY G 57 -9.24 30.72 44.20
CA GLY G 57 -8.66 29.52 44.77
C GLY G 57 -9.56 28.32 44.66
N ASN G 58 -9.78 27.65 45.79
CA ASN G 58 -10.61 26.46 45.93
C ASN G 58 -9.94 25.24 45.32
N GLY G 59 -8.81 25.43 44.64
CA GLY G 59 -8.11 24.34 44.00
C GLY G 59 -8.84 23.68 42.86
N THR G 60 -9.95 24.26 42.39
CA THR G 60 -10.74 23.67 41.33
C THR G 60 -11.29 24.77 40.43
N ILE G 61 -11.52 24.41 39.17
CA ILE G 61 -12.07 25.33 38.19
C ILE G 61 -13.59 25.35 38.32
N ASP G 62 -14.16 26.55 38.40
CA ASP G 62 -15.60 26.70 38.54
C ASP G 62 -16.22 26.74 37.16
N PHE G 63 -17.48 27.13 37.05
CA PHE G 63 -18.03 27.38 35.71
C PHE G 63 -17.64 28.77 35.20
N PRO G 64 -17.77 29.85 35.99
CA PRO G 64 -17.32 31.15 35.49
C PRO G 64 -15.84 31.19 35.13
N GLU G 65 -15.00 30.47 35.86
CA GLU G 65 -13.60 30.36 35.46
C GLU G 65 -13.46 29.66 34.11
N PHE G 66 -14.28 28.64 33.87
CA PHE G 66 -14.29 28.00 32.56
C PHE G 66 -14.70 28.97 31.47
N LEU G 67 -15.73 29.78 31.72
CA LEU G 67 -16.13 30.77 30.73
C LEU G 67 -15.01 31.77 30.47
N THR G 68 -14.32 32.19 31.53
CA THR G 68 -13.23 33.15 31.37
C THR G 68 -12.10 32.57 30.53
N MET G 69 -11.75 31.30 30.75
CA MET G 69 -10.67 30.73 29.95
C MET G 69 -11.13 30.40 28.54
N MET G 70 -12.41 30.09 28.36
CA MET G 70 -12.92 29.86 27.01
C MET G 70 -12.93 31.14 26.21
N ALA G 71 -13.08 32.28 26.89
CA ALA G 71 -12.95 33.56 26.20
C ALA G 71 -11.59 33.69 25.52
N ARG G 72 -10.57 33.02 26.07
CA ARG G 72 -9.24 33.00 25.46
C ARG G 72 -9.03 31.83 24.52
N LYS G 73 -9.64 30.69 24.80
CA LYS G 73 -9.41 29.50 23.98
C LYS G 73 -10.24 29.49 22.70
N MET G 74 -11.32 30.27 22.63
CA MET G 74 -12.15 30.24 21.43
C MET G 74 -11.47 30.93 20.25
N LYS G 75 -10.63 31.92 20.52
CA LYS G 75 -9.95 32.62 19.45
C LYS G 75 -8.87 31.74 18.82
N ASP G 76 -8.43 32.14 17.63
CA ASP G 76 -7.47 31.31 16.88
C ASP G 76 -6.15 31.16 17.62
N THR G 77 -5.65 32.24 18.21
CA THR G 77 -4.42 32.17 18.98
C THR G 77 -4.42 33.29 20.02
N ASP G 78 -3.79 33.02 21.15
CA ASP G 78 -3.69 33.97 22.24
C ASP G 78 -2.32 34.62 22.25
N SER G 79 -2.12 35.54 23.18
CA SER G 79 -0.85 36.25 23.31
C SER G 79 -0.17 35.99 24.65
N GLU G 80 -0.92 36.06 25.75
CA GLU G 80 -0.32 35.81 27.06
C GLU G 80 0.19 34.38 27.17
N GLU G 81 -0.58 33.42 26.66
CA GLU G 81 -0.16 32.03 26.70
C GLU G 81 1.14 31.81 25.92
N GLU G 82 1.24 32.43 24.74
CA GLU G 82 2.45 32.26 23.94
C GLU G 82 3.64 33.01 24.53
N ILE G 83 3.41 34.15 25.18
CA ILE G 83 4.51 34.81 25.88
C ILE G 83 4.99 33.95 27.04
N ARG G 84 4.06 33.30 27.75
CA ARG G 84 4.46 32.38 28.81
C ARG G 84 5.23 31.20 28.23
N GLU G 85 4.83 30.70 27.07
CA GLU G 85 5.55 29.60 26.44
C GLU G 85 6.96 30.01 26.04
N ALA G 86 7.10 31.21 25.46
CA ALA G 86 8.43 31.70 25.09
C ALA G 86 9.29 31.89 26.33
N PHE G 87 8.69 32.36 27.42
CA PHE G 87 9.42 32.48 28.68
C PHE G 87 9.87 31.11 29.18
N ARG G 88 8.99 30.11 29.13
CA ARG G 88 9.32 28.77 29.58
C ARG G 88 10.34 28.09 28.69
N VAL G 89 10.48 28.53 27.44
CA VAL G 89 11.54 27.99 26.59
C VAL G 89 12.90 28.25 27.22
N PHE G 90 13.12 29.46 27.72
CA PHE G 90 14.39 29.84 28.31
C PHE G 90 14.46 29.60 29.81
N ASP G 91 13.36 29.24 30.44
CA ASP G 91 13.34 28.87 31.85
C ASP G 91 13.42 27.35 31.98
N LYS G 92 14.55 26.80 31.54
CA LYS G 92 14.73 25.35 31.59
C LYS G 92 14.85 24.84 33.02
N ASP G 93 15.39 25.66 33.92
CA ASP G 93 15.54 25.24 35.31
C ASP G 93 14.18 24.99 35.95
N GLY G 94 13.19 25.81 35.63
CA GLY G 94 11.87 25.70 36.21
C GLY G 94 11.64 26.57 37.43
N ASN G 95 12.65 27.33 37.86
CA ASN G 95 12.50 28.18 39.03
C ASN G 95 11.52 29.33 38.79
N GLY G 96 11.18 29.63 37.54
CA GLY G 96 10.30 30.72 37.23
C GLY G 96 10.99 32.06 37.06
N TYR G 97 12.29 32.14 37.29
CA TYR G 97 13.06 33.36 37.13
C TYR G 97 14.20 33.11 36.15
N ILE G 98 14.49 34.10 35.33
CA ILE G 98 15.59 34.05 34.39
C ILE G 98 16.65 35.04 34.82
N SER G 99 17.89 34.57 34.94
CA SER G 99 18.98 35.44 35.36
C SER G 99 19.27 36.48 34.30
N ALA G 100 19.79 37.63 34.73
CA ALA G 100 20.10 38.71 33.81
C ALA G 100 21.13 38.27 32.79
N ALA G 101 22.12 37.49 33.21
CA ALA G 101 23.11 36.97 32.26
C ALA G 101 22.45 36.06 31.23
N GLU G 102 21.52 35.22 31.67
CA GLU G 102 20.83 34.33 30.73
C GLU G 102 20.01 35.14 29.72
N LEU G 103 19.30 36.16 30.18
CA LEU G 103 18.54 37.00 29.25
C LEU G 103 19.46 37.72 28.27
N ARG G 104 20.57 38.26 28.77
CA ARG G 104 21.51 38.92 27.87
C ARG G 104 22.04 37.95 26.82
N HIS G 105 22.37 36.73 27.24
CA HIS G 105 22.86 35.73 26.31
C HIS G 105 21.81 35.39 25.26
N VAL G 106 20.58 35.11 25.70
CA VAL G 106 19.55 34.66 24.76
C VAL G 106 19.05 35.81 23.89
N MET G 107 19.30 37.06 24.28
CA MET G 107 18.88 38.18 23.45
C MET G 107 19.98 38.71 22.55
N THR G 108 21.24 38.42 22.86
CA THR G 108 22.35 38.85 22.01
C THR G 108 22.84 37.77 21.06
N ASN G 109 22.93 36.52 21.52
CA ASN G 109 23.50 35.46 20.71
C ASN G 109 22.49 34.92 19.70
N LEU G 110 21.40 34.35 20.20
CA LEU G 110 20.38 33.75 19.35
C LEU G 110 19.18 34.67 19.23
N GLY G 111 18.61 34.72 18.03
CA GLY G 111 17.49 35.60 17.79
C GLY G 111 17.81 36.66 16.74
N GLU G 112 17.59 37.93 17.09
CA GLU G 112 17.86 39.03 16.18
C GLU G 112 19.00 39.93 16.65
N LYS G 113 19.77 39.49 17.65
CA LYS G 113 21.02 40.14 18.06
C LYS G 113 20.80 41.59 18.46
N LEU G 114 20.08 41.76 19.58
CA LEU G 114 19.88 43.09 20.14
C LEU G 114 21.21 43.78 20.39
N THR G 115 21.17 45.11 20.36
CA THR G 115 22.34 45.89 20.73
C THR G 115 22.59 45.81 22.23
N ASP G 116 23.86 46.00 22.63
CA ASP G 116 24.22 45.88 24.03
C ASP G 116 23.50 46.94 24.87
N GLU G 117 23.41 48.17 24.37
CA GLU G 117 22.68 49.21 25.08
C GLU G 117 21.20 48.86 25.19
N GLU G 118 20.63 48.31 24.12
CA GLU G 118 19.24 47.89 24.17
C GLU G 118 19.02 46.79 25.19
N VAL G 119 19.95 45.83 25.27
CA VAL G 119 19.82 44.76 26.25
C VAL G 119 19.94 45.32 27.66
N ASP G 120 20.86 46.28 27.87
CA ASP G 120 20.99 46.89 29.18
C ASP G 120 19.72 47.62 29.58
N GLU G 121 19.14 48.39 28.66
CA GLU G 121 17.89 49.09 28.96
C GLU G 121 16.77 48.11 29.27
N MET G 122 16.67 47.03 28.48
CA MET G 122 15.62 46.04 28.70
C MET G 122 15.78 45.34 30.04
N ILE G 123 17.00 44.96 30.39
CA ILE G 123 17.21 44.26 31.66
C ILE G 123 16.99 45.21 32.83
N ARG G 124 17.29 46.50 32.67
CA ARG G 124 17.02 47.46 33.74
C ARG G 124 15.52 47.67 33.91
N GLU G 125 14.78 47.81 32.79
CA GLU G 125 13.36 48.07 32.86
C GLU G 125 12.60 46.84 33.36
N ALA G 126 13.04 45.65 32.98
CA ALA G 126 12.37 44.43 33.42
C ALA G 126 12.54 44.22 34.92
N ASP G 127 13.72 44.49 35.45
CA ASP G 127 14.00 44.29 36.88
C ASP G 127 13.38 45.43 37.68
N ILE G 128 12.04 45.40 37.74
CA ILE G 128 11.32 46.40 38.52
C ILE G 128 11.64 46.26 40.00
N ASP G 129 11.67 45.02 40.50
CA ASP G 129 11.95 44.80 41.92
C ASP G 129 13.42 44.98 42.25
N GLY G 130 14.29 45.01 41.25
CA GLY G 130 15.71 45.14 41.48
C GLY G 130 16.42 43.86 41.88
N ASP G 131 15.70 42.74 41.97
CA ASP G 131 16.33 41.49 42.37
C ASP G 131 17.33 41.00 41.33
N GLY G 132 17.05 41.22 40.05
CA GLY G 132 17.92 40.77 38.98
C GLY G 132 17.51 39.47 38.33
N GLN G 133 16.59 38.73 38.95
CA GLN G 133 16.04 37.51 38.38
C GLN G 133 14.65 37.84 37.83
N VAL G 134 14.55 37.96 36.51
CA VAL G 134 13.30 38.37 35.88
C VAL G 134 12.29 37.22 35.96
N ASN G 135 11.10 37.52 36.44
CA ASN G 135 10.06 36.53 36.61
C ASN G 135 9.07 36.58 35.44
N TYR G 136 8.11 35.65 35.44
CA TYR G 136 7.10 35.65 34.39
C TYR G 136 6.13 36.81 34.54
N GLU G 137 5.97 37.33 35.76
CA GLU G 137 5.08 38.47 35.96
C GLU G 137 5.58 39.71 35.23
N GLU G 138 6.90 39.94 35.27
CA GLU G 138 7.46 41.10 34.58
C GLU G 138 7.25 41.02 33.08
N PHE G 139 7.43 39.83 32.50
CA PHE G 139 7.24 39.67 31.06
C PHE G 139 5.79 39.95 30.67
N VAL G 140 4.84 39.44 31.45
CA VAL G 140 3.43 39.68 31.17
C VAL G 140 3.10 41.16 31.32
N GLN G 141 3.62 41.81 32.37
CA GLN G 141 3.34 43.22 32.59
C GLN G 141 4.00 44.10 31.55
N MET G 142 5.07 43.64 30.91
CA MET G 142 5.70 44.43 29.85
C MET G 142 4.75 44.64 28.68
N MET G 143 4.01 43.59 28.31
CA MET G 143 3.05 43.68 27.22
C MET G 143 1.73 44.29 27.66
N THR G 144 1.59 44.63 28.94
CA THR G 144 0.37 45.21 29.51
C THR G 144 -0.76 44.19 29.32
N ALA G 145 -1.95 44.62 28.92
CA ALA G 145 -3.08 43.71 28.74
C ALA G 145 -3.98 44.17 27.59
N GLN H 1 -41.28 -30.32 14.03
CA GLN H 1 -40.41 -30.97 15.01
C GLN H 1 -39.01 -31.17 14.44
N LEU H 2 -38.00 -31.09 15.30
CA LEU H 2 -36.62 -31.23 14.85
C LEU H 2 -36.33 -32.67 14.44
N THR H 3 -35.54 -32.83 13.39
CA THR H 3 -35.09 -34.13 12.95
C THR H 3 -33.78 -34.49 13.63
N GLU H 4 -33.22 -35.64 13.28
CA GLU H 4 -31.95 -36.06 13.85
C GLU H 4 -30.81 -35.16 13.39
N GLU H 5 -30.84 -34.72 12.14
CA GLU H 5 -29.79 -33.84 11.63
C GLU H 5 -29.77 -32.50 12.37
N GLN H 6 -30.96 -31.94 12.62
CA GLN H 6 -31.03 -30.68 13.37
C GLN H 6 -30.50 -30.84 14.78
N ILE H 7 -30.87 -31.93 15.44
CA ILE H 7 -30.38 -32.17 16.80
C ILE H 7 -28.87 -32.33 16.78
N ALA H 8 -28.33 -32.99 15.75
CA ALA H 8 -26.88 -33.15 15.66
C ALA H 8 -26.19 -31.81 15.46
N GLU H 9 -26.75 -30.94 14.61
CA GLU H 9 -26.16 -29.62 14.39
C GLU H 9 -26.15 -28.81 15.67
N PHE H 10 -27.28 -28.81 16.39
CA PHE H 10 -27.32 -28.06 17.64
C PHE H 10 -26.41 -28.68 18.69
N LYS H 11 -26.23 -30.00 18.66
CA LYS H 11 -25.34 -30.65 19.61
C LYS H 11 -23.90 -30.29 19.35
N GLU H 12 -23.50 -30.19 18.08
CA GLU H 12 -22.12 -29.78 17.80
C GLU H 12 -21.91 -28.31 18.12
N ALA H 13 -22.93 -27.47 17.92
CA ALA H 13 -22.85 -26.09 18.36
C ALA H 13 -22.68 -26.01 19.88
N PHE H 14 -23.39 -26.86 20.61
CA PHE H 14 -23.24 -26.93 22.06
C PHE H 14 -21.84 -27.40 22.44
N SER H 15 -21.32 -28.38 21.71
CA SER H 15 -19.97 -28.88 21.98
C SER H 15 -18.92 -27.83 21.72
N LEU H 16 -19.18 -26.89 20.81
CA LEU H 16 -18.23 -25.79 20.60
C LEU H 16 -17.99 -24.99 21.87
N PHE H 17 -18.94 -25.01 22.81
CA PHE H 17 -18.78 -24.38 24.11
C PHE H 17 -18.42 -25.37 25.20
N ASP H 18 -18.99 -26.57 25.17
CA ASP H 18 -18.73 -27.59 26.20
C ASP H 18 -17.46 -28.36 25.87
N LYS H 19 -16.33 -27.77 26.21
CA LYS H 19 -15.05 -28.47 26.07
C LYS H 19 -15.01 -29.69 26.96
N ASP H 20 -15.30 -29.52 28.26
CA ASP H 20 -15.39 -30.67 29.13
C ASP H 20 -16.71 -31.39 28.89
N GLY H 21 -16.67 -32.72 29.02
CA GLY H 21 -17.88 -33.48 28.77
C GLY H 21 -18.81 -33.48 29.98
N ASP H 22 -18.92 -32.34 30.67
CA ASP H 22 -19.74 -32.32 31.87
C ASP H 22 -21.23 -32.40 31.57
N GLY H 23 -21.62 -32.48 30.30
CA GLY H 23 -23.02 -32.45 29.94
C GLY H 23 -23.66 -31.10 30.08
N THR H 24 -22.92 -30.11 30.56
CA THR H 24 -23.42 -28.76 30.75
C THR H 24 -22.26 -27.81 30.55
N ILE H 25 -22.54 -26.63 30.02
CA ILE H 25 -21.52 -25.61 29.83
C ILE H 25 -21.18 -25.03 31.21
N THR H 26 -19.95 -25.26 31.67
CA THR H 26 -19.54 -24.62 32.92
C THR H 26 -19.44 -23.11 32.70
N THR H 27 -19.12 -22.37 33.76
CA THR H 27 -19.00 -20.92 33.68
C THR H 27 -17.61 -20.46 33.27
N LYS H 28 -16.67 -21.39 33.05
CA LYS H 28 -15.34 -21.04 32.56
C LYS H 28 -15.16 -21.34 31.08
N GLU H 29 -15.90 -22.32 30.54
CA GLU H 29 -15.87 -22.56 29.10
C GLU H 29 -16.39 -21.35 28.33
N LEU H 30 -17.43 -20.69 28.85
CA LEU H 30 -17.92 -19.48 28.22
C LEU H 30 -16.84 -18.40 28.22
N GLY H 31 -16.12 -18.28 29.32
CA GLY H 31 -15.03 -17.31 29.38
C GLY H 31 -13.93 -17.62 28.38
N THR H 32 -13.55 -18.90 28.27
CA THR H 32 -12.51 -19.27 27.32
C THR H 32 -12.94 -18.99 25.89
N VAL H 33 -14.19 -19.30 25.54
CA VAL H 33 -14.68 -19.02 24.20
C VAL H 33 -14.68 -17.53 23.94
N MET H 34 -15.17 -16.74 24.90
CA MET H 34 -15.25 -15.30 24.70
C MET H 34 -13.87 -14.69 24.57
N ARG H 35 -12.90 -15.16 25.35
CA ARG H 35 -11.54 -14.65 25.21
C ARG H 35 -10.93 -15.07 23.88
N SER H 36 -11.26 -16.26 23.39
CA SER H 36 -10.85 -16.64 22.04
C SER H 36 -11.47 -15.72 21.00
N LEU H 37 -12.65 -15.17 21.30
CA LEU H 37 -13.33 -14.25 20.39
C LEU H 37 -12.88 -12.81 20.59
N GLY H 38 -11.70 -12.58 21.15
CA GLY H 38 -11.19 -11.23 21.30
C GLY H 38 -11.97 -10.37 22.27
N GLN H 39 -12.32 -10.91 23.42
CA GLN H 39 -13.01 -10.16 24.47
C GLN H 39 -12.36 -10.48 25.80
N ASN H 40 -12.62 -9.61 26.78
CA ASN H 40 -12.13 -9.81 28.14
C ASN H 40 -13.29 -9.60 29.12
N PRO H 41 -14.25 -10.52 29.14
CA PRO H 41 -15.37 -10.37 30.06
C PRO H 41 -14.93 -10.55 31.50
N THR H 42 -15.65 -9.89 32.40
CA THR H 42 -15.37 -9.98 33.82
C THR H 42 -16.14 -11.15 34.43
N GLU H 43 -15.80 -11.47 35.68
CA GLU H 43 -16.52 -12.53 36.39
C GLU H 43 -17.99 -12.14 36.59
N ALA H 44 -18.25 -10.86 36.89
CA ALA H 44 -19.63 -10.41 37.03
C ALA H 44 -20.38 -10.54 35.71
N GLU H 45 -19.76 -10.11 34.61
CA GLU H 45 -20.41 -10.22 33.31
C GLU H 45 -20.62 -11.67 32.90
N LEU H 46 -19.62 -12.52 33.17
CA LEU H 46 -19.77 -13.94 32.86
C LEU H 46 -20.90 -14.56 33.65
N GLN H 47 -21.01 -14.22 34.94
CA GLN H 47 -22.12 -14.73 35.74
C GLN H 47 -23.45 -14.22 35.23
N ASP H 48 -23.52 -12.94 34.85
CA ASP H 48 -24.77 -12.39 34.33
C ASP H 48 -25.19 -13.11 33.05
N MET H 49 -24.23 -13.40 32.17
CA MET H 49 -24.56 -14.09 30.93
C MET H 49 -24.93 -15.55 31.18
N ILE H 50 -24.23 -16.21 32.10
CA ILE H 50 -24.53 -17.62 32.37
C ILE H 50 -25.87 -17.74 33.10
N ASN H 51 -26.29 -16.69 33.78
CA ASN H 51 -27.65 -16.62 34.31
C ASN H 51 -28.57 -16.20 33.18
N GLU H 52 -29.85 -16.00 33.49
CA GLU H 52 -30.83 -15.49 32.53
C GLU H 52 -31.11 -16.54 31.45
N VAL H 53 -30.37 -17.66 31.47
CA VAL H 53 -30.55 -18.71 30.48
C VAL H 53 -30.83 -20.03 31.19
N ASP H 54 -30.35 -20.17 32.42
CA ASP H 54 -30.55 -21.41 33.17
C ASP H 54 -31.82 -21.29 34.01
N ALA H 55 -32.77 -22.19 33.76
CA ALA H 55 -34.02 -22.21 34.50
C ALA H 55 -33.96 -23.08 35.75
N ASP H 56 -33.00 -23.99 35.83
CA ASP H 56 -32.83 -24.85 37.00
C ASP H 56 -31.99 -24.21 38.09
N GLY H 57 -31.42 -23.03 37.84
CA GLY H 57 -30.69 -22.32 38.87
C GLY H 57 -29.39 -22.98 39.27
N ASN H 58 -28.96 -23.97 38.50
CA ASN H 58 -27.72 -24.67 38.81
C ASN H 58 -26.49 -23.81 38.58
N GLY H 59 -26.63 -22.68 37.88
CA GLY H 59 -25.50 -21.88 37.52
C GLY H 59 -24.77 -22.35 36.28
N THR H 60 -25.25 -23.40 35.63
CA THR H 60 -24.63 -23.93 34.41
C THR H 60 -25.71 -24.17 33.38
N ILE H 61 -25.40 -23.88 32.12
CA ILE H 61 -26.35 -24.05 31.03
C ILE H 61 -26.38 -25.50 30.59
N ASP H 62 -27.58 -26.07 30.49
CA ASP H 62 -27.74 -27.45 30.05
C ASP H 62 -27.84 -27.48 28.53
N PHE H 63 -28.25 -28.61 27.97
CA PHE H 63 -28.57 -28.62 26.55
C PHE H 63 -29.95 -28.04 26.27
N PRO H 64 -31.01 -28.41 27.01
CA PRO H 64 -32.30 -27.76 26.76
C PRO H 64 -32.28 -26.25 26.96
N GLU H 65 -31.55 -25.77 27.96
CA GLU H 65 -31.40 -24.33 28.14
C GLU H 65 -30.69 -23.71 26.94
N PHE H 66 -29.69 -24.41 26.39
CA PHE H 66 -29.02 -23.95 25.19
C PHE H 66 -29.98 -23.90 24.01
N LEU H 67 -30.85 -24.89 23.88
CA LEU H 67 -31.82 -24.88 22.80
C LEU H 67 -32.78 -23.70 22.94
N THR H 68 -33.24 -23.43 24.16
CA THR H 68 -34.12 -22.29 24.36
C THR H 68 -33.43 -20.98 24.03
N MET H 69 -32.15 -20.84 24.40
CA MET H 69 -31.41 -19.64 24.07
C MET H 69 -31.21 -19.52 22.56
N MET H 70 -30.89 -20.62 21.88
CA MET H 70 -30.70 -20.57 20.44
C MET H 70 -31.99 -20.25 19.72
N ALA H 71 -33.14 -20.60 20.30
CA ALA H 71 -34.41 -20.22 19.72
C ALA H 71 -34.50 -18.70 19.52
N ARG H 72 -33.85 -17.93 20.38
CA ARG H 72 -33.81 -16.48 20.23
C ARG H 72 -32.57 -16.01 19.47
N LYS H 73 -31.44 -16.71 19.62
CA LYS H 73 -30.20 -16.26 19.01
C LYS H 73 -30.16 -16.52 17.50
N MET H 74 -30.91 -17.51 17.01
CA MET H 74 -30.91 -17.79 15.58
C MET H 74 -31.64 -16.72 14.79
N LYS H 75 -32.41 -15.87 15.45
CA LYS H 75 -33.13 -14.80 14.77
C LYS H 75 -32.17 -13.68 14.38
N ASP H 76 -32.62 -12.85 13.44
CA ASP H 76 -31.83 -11.69 13.05
C ASP H 76 -31.67 -10.72 14.21
N THR H 77 -32.73 -10.50 14.98
CA THR H 77 -32.66 -9.65 16.16
C THR H 77 -33.70 -10.11 17.17
N ASP H 78 -33.46 -9.78 18.43
CA ASP H 78 -34.33 -10.16 19.53
C ASP H 78 -34.86 -8.91 20.23
N SER H 79 -36.17 -8.89 20.48
CA SER H 79 -36.78 -7.72 21.09
C SER H 79 -36.43 -7.61 22.57
N GLU H 80 -36.53 -8.72 23.31
CA GLU H 80 -36.32 -8.67 24.75
C GLU H 80 -34.89 -8.28 25.10
N GLU H 81 -33.91 -8.85 24.40
CA GLU H 81 -32.52 -8.52 24.67
C GLU H 81 -32.25 -7.05 24.39
N GLU H 82 -32.85 -6.51 23.34
CA GLU H 82 -32.63 -5.10 23.01
C GLU H 82 -33.34 -4.17 23.99
N ILE H 83 -34.51 -4.56 24.49
CA ILE H 83 -35.14 -3.77 25.54
C ILE H 83 -34.29 -3.78 26.79
N ARG H 84 -33.69 -4.92 27.11
CA ARG H 84 -32.78 -4.98 28.25
C ARG H 84 -31.57 -4.09 28.03
N GLU H 85 -31.05 -4.05 26.79
CA GLU H 85 -29.92 -3.19 26.49
C GLU H 85 -30.28 -1.72 26.63
N ALA H 86 -31.45 -1.33 26.12
CA ALA H 86 -31.90 0.06 26.27
C ALA H 86 -32.12 0.41 27.74
N PHE H 87 -32.57 -0.57 28.53
CA PHE H 87 -32.70 -0.36 29.97
C PHE H 87 -31.33 -0.14 30.61
N ARG H 88 -30.36 -0.98 30.27
CA ARG H 88 -29.02 -0.85 30.84
C ARG H 88 -28.31 0.41 30.37
N VAL H 89 -28.74 1.00 29.26
CA VAL H 89 -28.15 2.27 28.83
C VAL H 89 -28.36 3.34 29.90
N PHE H 90 -29.57 3.42 30.45
CA PHE H 90 -29.88 4.41 31.47
C PHE H 90 -29.71 3.92 32.89
N ASP H 91 -29.44 2.62 33.09
CA ASP H 91 -29.18 2.10 34.42
C ASP H 91 -27.68 2.19 34.70
N LYS H 92 -27.26 3.40 35.06
CA LYS H 92 -25.86 3.63 35.38
C LYS H 92 -25.48 2.92 36.67
N ASP H 93 -24.23 2.46 36.73
CA ASP H 93 -23.65 1.80 37.91
C ASP H 93 -24.36 0.50 38.26
N GLY H 94 -25.09 -0.09 37.32
CA GLY H 94 -25.73 -1.37 37.55
C GLY H 94 -26.72 -1.35 38.69
N ASN H 95 -27.47 -0.26 38.83
CA ASN H 95 -28.41 -0.13 39.93
C ASN H 95 -29.52 -1.18 39.84
N GLY H 96 -29.99 -1.46 38.63
CA GLY H 96 -31.13 -2.31 38.42
C GLY H 96 -32.46 -1.60 38.43
N TYR H 97 -32.49 -0.34 38.87
CA TYR H 97 -33.69 0.46 38.89
C TYR H 97 -33.36 1.87 38.42
N ILE H 98 -34.37 2.54 37.88
CA ILE H 98 -34.26 3.94 37.48
C ILE H 98 -35.26 4.75 38.28
N SER H 99 -34.79 5.82 38.90
CA SER H 99 -35.68 6.68 39.67
C SER H 99 -36.67 7.37 38.75
N ALA H 100 -37.83 7.70 39.33
CA ALA H 100 -38.87 8.35 38.54
C ALA H 100 -38.39 9.68 37.97
N ALA H 101 -37.62 10.45 38.76
CA ALA H 101 -37.09 11.70 38.27
C ALA H 101 -36.13 11.48 37.10
N GLU H 102 -35.23 10.49 37.22
CA GLU H 102 -34.29 10.22 36.14
C GLU H 102 -35.01 9.73 34.90
N LEU H 103 -36.00 8.85 35.06
CA LEU H 103 -36.75 8.35 33.91
C LEU H 103 -37.51 9.48 33.23
N ARG H 104 -38.12 10.37 34.01
CA ARG H 104 -38.82 11.52 33.42
C ARG H 104 -37.84 12.42 32.69
N HIS H 105 -36.66 12.64 33.27
CA HIS H 105 -35.64 13.43 32.60
C HIS H 105 -35.25 12.79 31.27
N VAL H 106 -35.06 11.48 31.26
CA VAL H 106 -34.66 10.79 30.03
C VAL H 106 -35.75 10.92 28.98
N MET H 107 -37.00 10.66 29.36
CA MET H 107 -38.08 10.65 28.39
C MET H 107 -38.51 12.05 27.96
N THR H 108 -38.13 13.09 28.69
CA THR H 108 -38.49 14.45 28.30
C THR H 108 -37.38 15.21 27.60
N ASN H 109 -36.13 14.93 27.91
CA ASN H 109 -35.01 15.72 27.40
C ASN H 109 -34.35 15.08 26.18
N LEU H 110 -33.84 13.86 26.32
CA LEU H 110 -33.11 13.19 25.27
C LEU H 110 -34.01 12.22 24.53
N GLY H 111 -33.81 12.12 23.22
CA GLY H 111 -34.68 11.33 22.37
C GLY H 111 -35.93 12.09 21.99
N GLU H 112 -36.82 11.38 21.30
CA GLU H 112 -38.11 11.96 20.92
C GLU H 112 -38.94 12.19 22.17
N LYS H 113 -39.06 13.45 22.58
CA LYS H 113 -39.62 13.78 23.87
C LYS H 113 -41.12 13.46 23.89
N LEU H 114 -41.57 12.88 25.00
CA LEU H 114 -43.00 12.66 25.21
C LEU H 114 -43.65 13.93 25.76
N THR H 115 -44.96 14.01 25.60
CA THR H 115 -45.72 15.07 26.24
C THR H 115 -45.77 14.84 27.74
N ASP H 116 -45.84 15.95 28.49
CA ASP H 116 -45.83 15.86 29.95
C ASP H 116 -46.99 15.06 30.50
N GLU H 117 -48.07 14.90 29.72
CA GLU H 117 -49.19 14.07 30.17
C GLU H 117 -48.78 12.61 30.24
N GLU H 118 -48.15 12.08 29.18
CA GLU H 118 -47.70 10.70 29.20
C GLU H 118 -46.51 10.49 30.12
N VAL H 119 -45.77 11.55 30.42
CA VAL H 119 -44.66 11.46 31.36
C VAL H 119 -45.23 11.41 32.78
N ASP H 120 -44.71 10.48 33.58
CA ASP H 120 -45.16 10.13 34.93
C ASP H 120 -46.48 9.38 34.89
N GLU H 121 -47.16 9.43 33.75
CA GLU H 121 -48.23 8.45 33.50
C GLU H 121 -47.62 7.11 33.15
N MET H 122 -46.50 7.13 32.44
CA MET H 122 -45.72 5.91 32.23
C MET H 122 -45.27 5.31 33.55
N ILE H 123 -44.80 6.15 34.48
CA ILE H 123 -44.36 5.64 35.77
C ILE H 123 -45.53 5.13 36.59
N ARG H 124 -46.67 5.84 36.56
CA ARG H 124 -47.85 5.37 37.27
C ARG H 124 -48.31 4.02 36.73
N GLU H 125 -48.30 3.85 35.41
CA GLU H 125 -48.65 2.56 34.83
C GLU H 125 -47.64 1.49 35.20
N ALA H 126 -46.35 1.86 35.24
CA ALA H 126 -45.30 0.95 35.66
C ALA H 126 -45.23 0.91 37.18
N ASP H 127 -44.21 0.25 37.72
CA ASP H 127 -44.00 0.11 39.16
C ASP H 127 -45.24 -0.48 39.83
N ILE H 128 -45.55 -1.71 39.44
CA ILE H 128 -46.71 -2.41 40.02
C ILE H 128 -46.52 -2.59 41.52
N ASP H 129 -45.29 -2.85 41.96
CA ASP H 129 -45.01 -2.99 43.38
C ASP H 129 -45.20 -1.69 44.14
N GLY H 130 -45.21 -0.55 43.46
CA GLY H 130 -45.37 0.73 44.11
C GLY H 130 -44.13 1.28 44.76
N ASP H 131 -42.96 0.66 44.54
CA ASP H 131 -41.73 1.13 45.16
C ASP H 131 -41.36 2.52 44.67
N GLY H 132 -41.66 2.82 43.40
CA GLY H 132 -41.34 4.09 42.81
C GLY H 132 -40.13 4.09 41.91
N GLN H 133 -39.30 3.05 41.99
CA GLN H 133 -38.15 2.89 41.11
C GLN H 133 -38.47 1.80 40.10
N VAL H 134 -38.39 2.14 38.83
CA VAL H 134 -38.75 1.21 37.76
C VAL H 134 -37.65 0.17 37.60
N ASN H 135 -38.02 -1.10 37.64
CA ASN H 135 -37.08 -2.20 37.50
C ASN H 135 -37.11 -2.75 36.08
N TYR H 136 -36.20 -3.70 35.82
CA TYR H 136 -36.18 -4.36 34.51
C TYR H 136 -37.39 -5.26 34.29
N GLU H 137 -38.04 -5.71 35.37
CA GLU H 137 -39.22 -6.53 35.22
C GLU H 137 -40.36 -5.77 34.56
N GLU H 138 -40.57 -4.51 34.96
CA GLU H 138 -41.66 -3.72 34.38
C GLU H 138 -41.44 -3.47 32.89
N PHE H 139 -40.20 -3.17 32.49
CA PHE H 139 -39.93 -2.92 31.08
C PHE H 139 -40.21 -4.15 30.23
N VAL H 140 -39.82 -5.33 30.72
CA VAL H 140 -40.14 -6.56 30.00
C VAL H 140 -41.64 -6.81 29.99
N GLN H 141 -42.31 -6.56 31.11
CA GLN H 141 -43.75 -6.81 31.20
C GLN H 141 -44.56 -5.87 30.32
N MET H 142 -44.02 -4.70 29.99
CA MET H 142 -44.73 -3.81 29.08
C MET H 142 -44.91 -4.45 27.71
N MET H 143 -43.80 -4.74 27.02
CA MET H 143 -43.87 -5.31 25.68
C MET H 143 -44.52 -6.70 25.71
N THR H 144 -44.14 -7.52 26.68
CA THR H 144 -44.67 -8.87 26.80
C THR H 144 -46.03 -8.81 27.50
N ALA H 145 -46.56 -9.97 27.86
CA ALA H 145 -47.84 -10.05 28.56
C ALA H 145 -47.64 -10.49 30.01
#